data_9HBZ
#
_entry.id   9HBZ
#
_cell.length_a   1.00
_cell.length_b   1.00
_cell.length_c   1.00
_cell.angle_alpha   90.00
_cell.angle_beta   90.00
_cell.angle_gamma   90.00
#
_symmetry.space_group_name_H-M   'P 1'
#
loop_
_entity.id
_entity.type
_entity.pdbx_description
1 polymer 'Tilapia Lake Virus nucleoprotein (segment 4)'
2 polymer '40-mer vRNA loop'
3 polymer '40-mer vRNA loop'
4 polymer '40-mer vRNA loop'
#
loop_
_entity_poly.entity_id
_entity_poly.type
_entity_poly.pdbx_seq_one_letter_code
_entity_poly.pdbx_strand_id
1 'polypeptide(L)'
;MVRTTKTSMAAASTVAPEVAMDEGSPSTSQAQVELPRNLEVFNEACGHVFGSSFNREDNSVISDAAAFLFKMHTHSLDGQ
EAKVLRASEKKRERENAKKSRKAPEAGMRVGRSLILTSRWTEYCATCVPALGSKMKVIKASGDAAMIQMMKDHNSLLRVC
VRIEVWKARYVSLVALDERIQTLEDAQWFPYLSGDSYRACPGLVGGYFAKKAAAGERGKNYKKLNQTAIIPPPRFLIIGH
RLQIGDQVTLRELLASIAWGLCDGVLAECWSPSQGDGSIGVVVGLPLQATGSCFLVVASHGLSAIADSRIEGTGNTNLLE
ECIAIQKQDGVIKCKRSGKSLYHCLKETAGAVGR
;
A,C,D,B,E,G
2 'polyribonucleotide' (P5P)(Y5P)(P5P)(P5P)(P5P)(P5P)(P5P)(Y5P)(Y5P)(P5P)(P5P)(Y5P) O,F,I,J
3 'polyribonucleotide' (P5P)(P5P)(P5P)(P5P)(P5P)(Y5P)(Y5P)(Y5P)(P5P)(Y5P) H
4 'polyribonucleotide' (Y5P)(P5P)(P5P)(P5P)(P5P)(P5P)(Y5P)(Y5P)(Y5P)(P5P) K
#
# COMPACT_ATOMS: atom_id res chain seq x y z
N GLU A 34 -33.10 -3.92 50.84
CA GLU A 34 -32.31 -5.13 50.64
C GLU A 34 -31.52 -5.04 49.34
N LEU A 35 -30.94 -3.87 49.07
CA LEU A 35 -30.16 -3.67 47.87
C LEU A 35 -28.82 -4.41 47.98
N PRO A 36 -28.21 -4.77 46.85
CA PRO A 36 -26.88 -5.37 46.90
C PRO A 36 -25.86 -4.43 47.51
N ARG A 37 -24.80 -5.01 48.09
CA ARG A 37 -23.74 -4.20 48.67
C ARG A 37 -23.17 -3.23 47.66
N ASN A 38 -23.15 -3.61 46.37
CA ASN A 38 -22.59 -2.75 45.33
C ASN A 38 -23.27 -1.39 45.34
N LEU A 39 -24.60 -1.37 45.29
CA LEU A 39 -25.32 -0.11 45.28
C LEU A 39 -25.40 0.54 46.66
N GLU A 40 -25.41 -0.28 47.72
CA GLU A 40 -25.43 0.28 49.07
C GLU A 40 -24.18 1.12 49.33
N VAL A 41 -23.02 0.64 48.87
CA VAL A 41 -21.79 1.39 49.05
C VAL A 41 -21.88 2.74 48.34
N PHE A 42 -22.38 2.74 47.10
CA PHE A 42 -22.49 3.99 46.35
C PHE A 42 -23.46 4.95 47.03
N ASN A 43 -24.59 4.44 47.51
CA ASN A 43 -25.55 5.30 48.18
C ASN A 43 -24.96 5.91 49.44
N GLU A 44 -24.24 5.10 50.23
CA GLU A 44 -23.60 5.62 51.43
C GLU A 44 -22.57 6.67 51.08
N ALA A 45 -21.76 6.43 50.04
CA ALA A 45 -20.75 7.40 49.66
C ALA A 45 -21.39 8.71 49.21
N CYS A 46 -22.43 8.63 48.40
CA CYS A 46 -23.10 9.84 47.93
C CYS A 46 -23.69 10.62 49.10
N GLY A 47 -24.36 9.92 50.02
CA GLY A 47 -24.93 10.60 51.17
C GLY A 47 -23.86 11.26 52.03
N HIS A 48 -22.76 10.56 52.27
CA HIS A 48 -21.71 11.11 53.13
C HIS A 48 -21.01 12.29 52.48
N VAL A 49 -20.82 12.26 51.16
CA VAL A 49 -20.05 13.31 50.49
C VAL A 49 -20.89 14.52 50.11
N PHE A 50 -22.18 14.34 49.83
CA PHE A 50 -23.03 15.44 49.41
C PHE A 50 -24.16 15.75 50.38
N GLY A 51 -24.34 14.93 51.42
CA GLY A 51 -25.43 15.18 52.34
C GLY A 51 -26.77 15.10 51.64
N SER A 52 -27.64 16.07 51.90
CA SER A 52 -28.98 16.10 51.34
C SER A 52 -29.04 16.72 49.95
N SER A 53 -28.00 17.43 49.52
CA SER A 53 -28.02 18.05 48.20
C SER A 53 -28.01 17.02 47.09
N PHE A 54 -27.63 15.77 47.39
CA PHE A 54 -27.63 14.70 46.40
C PHE A 54 -29.06 14.21 46.21
N ASN A 55 -29.68 14.60 45.09
CA ASN A 55 -31.00 14.10 44.73
C ASN A 55 -30.82 12.76 44.04
N ARG A 56 -31.60 11.76 44.47
CA ARG A 56 -31.55 10.43 43.90
C ARG A 56 -32.56 10.22 42.79
N GLU A 57 -32.93 11.28 42.08
CA GLU A 57 -33.91 11.20 41.00
C GLU A 57 -33.46 11.83 39.69
N ASP A 58 -32.53 12.78 39.71
CA ASP A 58 -32.09 13.47 38.51
C ASP A 58 -30.84 12.80 37.95
N ASN A 59 -30.91 12.40 36.68
CA ASN A 59 -29.81 11.64 36.08
C ASN A 59 -28.55 12.48 36.01
N SER A 60 -28.68 13.77 35.69
CA SER A 60 -27.51 14.63 35.66
C SER A 60 -26.86 14.73 37.03
N VAL A 61 -27.67 14.88 38.08
CA VAL A 61 -27.14 14.98 39.43
C VAL A 61 -26.41 13.70 39.81
N ILE A 62 -27.03 12.54 39.54
CA ILE A 62 -26.41 11.28 39.89
C ILE A 62 -25.11 11.09 39.11
N SER A 63 -25.12 11.46 37.82
CA SER A 63 -23.92 11.30 37.01
C SER A 63 -22.80 12.19 37.52
N ASP A 64 -23.11 13.44 37.90
CA ASP A 64 -22.08 14.33 38.44
C ASP A 64 -21.54 13.81 39.76
N ALA A 65 -22.42 13.31 40.63
CA ALA A 65 -21.97 12.75 41.90
C ALA A 65 -21.06 11.55 41.66
N ALA A 66 -21.45 10.67 40.75
CA ALA A 66 -20.63 9.50 40.46
C ALA A 66 -19.29 9.90 39.87
N ALA A 67 -19.28 10.90 38.98
CA ALA A 67 -18.02 11.35 38.40
C ALA A 67 -17.10 11.93 39.47
N PHE A 68 -17.64 12.75 40.37
CA PHE A 68 -16.80 13.31 41.43
C PHE A 68 -16.27 12.22 42.34
N LEU A 69 -17.12 11.25 42.71
CA LEU A 69 -16.67 10.16 43.56
C LEU A 69 -15.59 9.34 42.86
N PHE A 70 -15.76 9.10 41.55
CA PHE A 70 -14.76 8.36 40.79
C PHE A 70 -13.43 9.10 40.76
N LYS A 71 -13.47 10.42 40.56
CA LYS A 71 -12.22 11.17 40.52
C LYS A 71 -11.60 11.31 41.91
N MET A 72 -12.42 11.21 42.96
CA MET A 72 -11.87 11.17 44.32
C MET A 72 -11.19 9.83 44.60
N HIS A 73 -11.84 8.73 44.24
CA HIS A 73 -11.28 7.40 44.49
C HIS A 73 -10.09 7.10 43.60
N THR A 74 -9.85 7.90 42.57
CA THR A 74 -8.70 7.73 41.68
C THR A 74 -7.56 8.66 42.03
N HIS A 75 -7.63 9.37 43.17
CA HIS A 75 -6.57 10.27 43.60
C HIS A 75 -6.30 11.34 42.55
N SER A 76 -7.39 11.95 42.05
CA SER A 76 -7.30 12.97 41.02
C SER A 76 -7.72 14.35 41.51
N LEU A 77 -8.26 14.48 42.71
CA LEU A 77 -8.70 15.76 43.22
C LEU A 77 -7.52 16.59 43.71
N ASP A 78 -7.75 17.90 43.83
CA ASP A 78 -6.73 18.78 44.34
C ASP A 78 -6.37 18.42 45.77
N GLY A 79 -5.07 18.41 46.06
CA GLY A 79 -4.58 18.07 47.38
C GLY A 79 -4.42 16.58 47.64
N GLN A 80 -4.81 15.73 46.70
CA GLN A 80 -4.68 14.29 46.86
C GLN A 80 -3.29 13.83 46.45
N GLU A 81 -3.02 12.54 46.69
CA GLU A 81 -1.70 11.98 46.42
C GLU A 81 -1.24 12.30 45.00
N ALA A 82 0.07 12.37 44.80
CA ALA A 82 0.64 12.69 43.50
C ALA A 82 1.03 11.42 42.77
N LYS A 83 0.76 11.38 41.47
CA LYS A 83 1.05 10.22 40.63
C LYS A 83 2.44 10.42 40.04
N VAL A 84 3.47 10.04 40.81
CA VAL A 84 4.84 10.31 40.43
C VAL A 84 5.67 9.02 40.45
N LEU A 85 5.01 7.87 40.27
CA LEU A 85 5.75 6.61 40.20
C LEU A 85 6.62 6.57 38.95
N ARG A 86 6.04 6.90 37.80
CA ARG A 86 6.77 6.90 36.53
C ARG A 86 6.37 8.11 35.68
N ALA A 87 5.99 9.21 36.33
CA ALA A 87 5.50 10.37 35.60
C ALA A 87 6.62 11.05 34.82
N SER A 88 6.27 11.53 33.62
CA SER A 88 7.21 12.32 32.82
C SER A 88 7.29 13.73 33.39
N GLU A 89 8.15 14.56 32.78
CA GLU A 89 8.35 15.91 33.28
C GLU A 89 7.03 16.68 33.33
N LYS A 90 6.30 16.71 32.21
CA LYS A 90 5.02 17.40 32.19
C LYS A 90 4.04 16.79 33.17
N LYS A 91 3.92 15.46 33.16
CA LYS A 91 3.00 14.80 34.08
C LYS A 91 3.44 14.98 35.53
N ARG A 92 4.74 14.92 35.79
CA ARG A 92 5.24 15.12 37.14
C ARG A 92 4.90 16.52 37.63
N GLU A 93 5.10 17.53 36.78
CA GLU A 93 4.79 18.91 37.17
C GLU A 93 3.29 19.07 37.39
N ARG A 94 2.47 18.47 36.53
CA ARG A 94 1.02 18.57 36.70
C ARG A 94 0.60 17.94 38.02
N GLU A 95 1.14 16.76 38.34
CA GLU A 95 0.79 16.10 39.60
C GLU A 95 1.25 16.92 40.80
N ASN A 96 2.45 17.51 40.72
CA ASN A 96 2.92 18.35 41.81
C ASN A 96 2.01 19.55 42.01
N ALA A 97 1.59 20.18 40.92
CA ALA A 97 0.68 21.31 41.03
C ALA A 97 -0.66 20.89 41.62
N LYS A 98 -1.18 19.74 41.18
CA LYS A 98 -2.45 19.25 41.72
C LYS A 98 -2.35 18.99 43.21
N LYS A 99 -1.27 18.34 43.66
CA LYS A 99 -1.10 18.09 45.08
C LYS A 99 -0.96 19.39 45.86
N SER A 100 -0.19 20.34 45.33
CA SER A 100 -0.03 21.62 46.01
C SER A 100 -1.31 22.45 45.96
N ARG A 101 -2.12 22.26 44.92
CA ARG A 101 -3.35 23.03 44.80
C ARG A 101 -4.27 22.76 45.97
N LYS A 102 -4.98 23.81 46.40
CA LYS A 102 -5.91 23.67 47.52
C LYS A 102 -6.98 22.62 47.19
N ALA A 103 -7.25 21.75 48.16
CA ALA A 103 -8.28 20.74 47.98
C ALA A 103 -9.66 21.37 48.09
N PRO A 104 -10.68 20.73 47.52
CA PRO A 104 -12.04 21.26 47.66
C PRO A 104 -12.45 21.35 49.12
N GLU A 105 -13.23 22.39 49.44
CA GLU A 105 -13.69 22.63 50.79
C GLU A 105 -15.21 22.51 50.86
N ALA A 106 -15.71 22.29 52.07
CA ALA A 106 -17.15 22.15 52.27
C ALA A 106 -17.87 23.39 51.75
N GLY A 107 -19.01 23.17 51.10
CA GLY A 107 -19.77 24.23 50.49
C GLY A 107 -19.44 24.49 49.04
N MET A 108 -18.40 23.86 48.51
CA MET A 108 -18.05 24.04 47.10
C MET A 108 -19.14 23.48 46.21
N ARG A 109 -19.36 24.10 45.07
CA ARG A 109 -20.37 23.67 44.11
C ARG A 109 -19.72 22.75 43.09
N VAL A 110 -20.12 21.47 43.12
CA VAL A 110 -19.64 20.49 42.15
C VAL A 110 -20.81 20.06 41.28
N GLY A 111 -20.98 20.72 40.14
CA GLY A 111 -22.10 20.46 39.28
C GLY A 111 -23.11 21.60 39.28
N ARG A 112 -24.39 21.29 39.44
CA ARG A 112 -25.43 22.31 39.38
C ARG A 112 -26.34 22.26 40.60
N SER A 113 -26.44 21.08 41.24
CA SER A 113 -27.26 20.95 42.44
C SER A 113 -26.59 20.10 43.51
N LEU A 114 -25.27 20.09 43.57
CA LEU A 114 -24.53 19.30 44.54
C LEU A 114 -23.58 20.21 45.30
N ILE A 115 -23.62 20.09 46.63
CA ILE A 115 -22.76 20.88 47.52
C ILE A 115 -22.06 19.92 48.48
N LEU A 116 -20.74 20.07 48.60
CA LEU A 116 -19.97 19.20 49.47
C LEU A 116 -20.30 19.47 50.94
N THR A 117 -20.06 18.45 51.76
CA THR A 117 -20.27 18.53 53.20
C THR A 117 -18.94 18.34 53.92
N SER A 118 -18.90 18.79 55.18
CA SER A 118 -17.68 18.67 55.97
C SER A 118 -17.23 17.23 56.12
N ARG A 119 -18.13 16.27 56.02
CA ARG A 119 -17.77 14.86 56.17
C ARG A 119 -17.03 14.31 54.96
N TRP A 120 -16.95 15.06 53.87
CA TRP A 120 -16.27 14.56 52.68
C TRP A 120 -14.80 14.27 52.96
N THR A 121 -14.15 15.13 53.76
CA THR A 121 -12.75 14.90 54.09
C THR A 121 -12.58 13.60 54.87
N GLU A 122 -13.43 13.37 55.86
CA GLU A 122 -13.34 12.15 56.65
C GLU A 122 -13.61 10.92 55.78
N TYR A 123 -14.60 11.01 54.89
CA TYR A 123 -14.89 9.89 54.00
C TYR A 123 -13.71 9.60 53.09
N CYS A 124 -13.08 10.64 52.55
CA CYS A 124 -11.91 10.44 51.71
C CYS A 124 -10.77 9.81 52.49
N ALA A 125 -10.55 10.26 53.73
CA ALA A 125 -9.44 9.73 54.52
C ALA A 125 -9.68 8.29 54.94
N THR A 126 -10.92 7.92 55.24
CA THR A 126 -11.23 6.61 55.80
C THR A 126 -11.63 5.57 54.77
N CYS A 127 -12.32 5.96 53.70
CA CYS A 127 -12.83 5.00 52.72
C CYS A 127 -11.91 4.82 51.52
N VAL A 128 -11.32 5.90 51.02
CA VAL A 128 -10.48 5.84 49.83
C VAL A 128 -9.17 5.13 50.19
N PRO A 129 -8.83 4.02 49.53
CA PRO A 129 -7.55 3.38 49.81
C PRO A 129 -6.38 4.27 49.42
N ALA A 130 -5.27 4.11 50.12
CA ALA A 130 -4.07 4.89 49.84
C ALA A 130 -3.58 4.61 48.43
N LEU A 131 -2.95 5.63 47.83
CA LEU A 131 -2.47 5.50 46.47
C LEU A 131 -1.51 4.33 46.34
N GLY A 132 -1.65 3.58 45.25
CA GLY A 132 -0.79 2.44 45.00
C GLY A 132 -1.20 1.18 45.72
N SER A 133 -2.25 1.21 46.54
CA SER A 133 -2.67 0.03 47.28
C SER A 133 -3.09 -1.07 46.31
N LYS A 134 -2.69 -2.30 46.62
CA LYS A 134 -3.00 -3.46 45.81
C LYS A 134 -3.78 -4.47 46.64
N MET A 135 -4.81 -5.06 46.04
CA MET A 135 -5.66 -5.98 46.77
C MET A 135 -4.87 -7.17 47.30
N LYS A 136 -3.81 -7.57 46.61
CA LYS A 136 -3.01 -8.71 47.07
C LYS A 136 -2.40 -8.44 48.44
N VAL A 137 -1.83 -7.24 48.62
CA VAL A 137 -1.21 -6.91 49.90
C VAL A 137 -2.26 -6.87 51.00
N ILE A 138 -3.42 -6.29 50.71
CA ILE A 138 -4.49 -6.22 51.71
C ILE A 138 -4.94 -7.62 52.11
N LYS A 139 -5.11 -8.50 51.13
CA LYS A 139 -5.54 -9.86 51.43
C LYS A 139 -4.48 -10.60 52.24
N ALA A 140 -3.20 -10.42 51.88
CA ALA A 140 -2.13 -11.07 52.63
C ALA A 140 -2.09 -10.58 54.08
N SER A 141 -2.29 -9.27 54.28
CA SER A 141 -2.34 -8.74 55.64
C SER A 141 -3.47 -9.37 56.44
N GLY A 142 -4.55 -9.75 55.77
CA GLY A 142 -5.65 -10.42 56.43
C GLY A 142 -6.59 -9.51 57.20
N ASP A 143 -6.43 -8.20 57.11
CA ASP A 143 -7.29 -7.28 57.83
C ASP A 143 -8.68 -7.26 57.20
N ALA A 144 -9.68 -7.68 57.97
CA ALA A 144 -11.03 -7.74 57.43
C ALA A 144 -11.55 -6.37 57.04
N ALA A 145 -11.29 -5.36 57.88
CA ALA A 145 -11.75 -4.00 57.57
C ALA A 145 -11.12 -3.49 56.28
N MET A 146 -9.81 -3.67 56.13
CA MET A 146 -9.12 -3.21 54.93
C MET A 146 -9.61 -3.95 53.70
N ILE A 147 -9.82 -5.27 53.81
CA ILE A 147 -10.32 -6.05 52.68
C ILE A 147 -11.71 -5.56 52.28
N GLN A 148 -12.57 -5.32 53.26
CA GLN A 148 -13.91 -4.81 52.97
C GLN A 148 -13.83 -3.44 52.30
N MET A 149 -12.95 -2.56 52.79
CA MET A 149 -12.79 -1.25 52.18
C MET A 149 -12.34 -1.37 50.73
N MET A 150 -11.38 -2.25 50.46
CA MET A 150 -10.91 -2.43 49.10
C MET A 150 -12.01 -2.96 48.19
N LYS A 151 -12.78 -3.94 48.68
CA LYS A 151 -13.88 -4.49 47.89
C LYS A 151 -14.91 -3.42 47.58
N ASP A 152 -15.28 -2.63 48.59
CA ASP A 152 -16.25 -1.55 48.38
C ASP A 152 -15.71 -0.51 47.41
N HIS A 153 -14.42 -0.20 47.50
CA HIS A 153 -13.82 0.75 46.57
C HIS A 153 -13.88 0.24 45.13
N ASN A 154 -13.57 -1.04 44.93
CA ASN A 154 -13.65 -1.61 43.59
C ASN A 154 -15.07 -1.60 43.06
N SER A 155 -16.04 -1.97 43.90
CA SER A 155 -17.43 -1.96 43.48
C SER A 155 -17.88 -0.55 43.13
N LEU A 156 -17.48 0.44 43.94
CA LEU A 156 -17.84 1.82 43.65
C LEU A 156 -17.22 2.28 42.34
N LEU A 157 -15.97 1.89 42.06
CA LEU A 157 -15.36 2.25 40.79
C LEU A 157 -16.15 1.65 39.64
N ARG A 158 -16.54 0.38 39.76
CA ARG A 158 -17.29 -0.25 38.67
C ARG A 158 -18.63 0.46 38.45
N VAL A 159 -19.34 0.77 39.53
CA VAL A 159 -20.64 1.44 39.37
C VAL A 159 -20.46 2.83 38.80
N CYS A 160 -19.46 3.57 39.28
CA CYS A 160 -19.22 4.91 38.78
C CYS A 160 -18.90 4.89 37.30
N VAL A 161 -18.11 3.90 36.86
CA VAL A 161 -17.76 3.87 35.44
C VAL A 161 -18.93 3.39 34.60
N ARG A 162 -19.80 2.55 35.14
CA ARG A 162 -21.04 2.22 34.43
C ARG A 162 -21.87 3.47 34.21
N ILE A 163 -22.05 4.26 35.27
CA ILE A 163 -22.83 5.50 35.16
C ILE A 163 -22.16 6.45 34.18
N GLU A 164 -20.84 6.55 34.25
CA GLU A 164 -20.11 7.49 33.39
C GLU A 164 -20.21 7.07 31.93
N VAL A 165 -20.19 5.77 31.65
CA VAL A 165 -20.40 5.32 30.28
C VAL A 165 -21.81 5.65 29.81
N TRP A 166 -22.80 5.45 30.68
CA TRP A 166 -24.16 5.83 30.32
C TRP A 166 -24.24 7.32 30.01
N LYS A 167 -23.58 8.14 30.83
CA LYS A 167 -23.61 9.59 30.63
C LYS A 167 -22.87 9.99 29.36
N ALA A 168 -21.79 9.27 29.01
CA ALA A 168 -21.12 9.52 27.75
C ALA A 168 -22.05 9.22 26.58
N ARG A 169 -22.80 8.12 26.66
CA ARG A 169 -23.78 7.83 25.62
C ARG A 169 -24.83 8.92 25.54
N TYR A 170 -25.32 9.36 26.70
CA TYR A 170 -26.35 10.40 26.73
C TYR A 170 -25.84 11.71 26.13
N VAL A 171 -24.60 12.09 26.46
CA VAL A 171 -24.01 13.30 25.89
C VAL A 171 -23.85 13.17 24.39
N SER A 172 -23.31 12.03 23.92
CA SER A 172 -23.04 11.88 22.50
C SER A 172 -24.32 11.83 21.67
N LEU A 173 -25.48 11.63 22.29
CA LEU A 173 -26.72 11.58 21.53
C LEU A 173 -27.02 12.90 20.82
N VAL A 174 -26.48 14.02 21.31
CA VAL A 174 -26.83 15.32 20.78
C VAL A 174 -25.60 16.16 20.47
N ALA A 175 -24.44 15.75 20.99
CA ALA A 175 -23.21 16.52 20.77
C ALA A 175 -22.04 15.53 20.72
N LEU A 176 -21.66 15.15 19.51
CA LEU A 176 -20.61 14.14 19.33
C LEU A 176 -19.26 14.67 19.78
N ASP A 177 -18.27 13.79 19.74
CA ASP A 177 -16.90 14.14 20.06
C ASP A 177 -16.22 14.74 18.84
N GLU A 178 -15.07 15.40 19.08
CA GLU A 178 -14.32 15.98 17.97
C GLU A 178 -13.43 14.93 17.30
N ARG A 179 -13.17 13.81 17.99
CA ARG A 179 -12.29 12.79 17.45
C ARG A 179 -13.00 11.85 16.48
N ILE A 180 -14.30 11.62 16.67
CA ILE A 180 -15.03 10.66 15.85
C ILE A 180 -15.19 11.25 14.45
N GLN A 181 -14.44 10.70 13.50
CA GLN A 181 -14.50 11.13 12.10
C GLN A 181 -14.88 10.02 11.14
N THR A 182 -14.50 8.78 11.41
CA THR A 182 -14.77 7.65 10.53
C THR A 182 -15.11 6.43 11.35
N LEU A 183 -15.61 5.39 10.67
CA LEU A 183 -15.99 4.17 11.37
C LEU A 183 -14.83 3.59 12.16
N GLU A 184 -13.60 3.74 11.66
CA GLU A 184 -12.44 3.34 12.44
C GLU A 184 -12.38 4.11 13.75
N ASP A 185 -12.75 5.39 13.72
CA ASP A 185 -12.82 6.18 14.94
C ASP A 185 -14.08 5.87 15.73
N ALA A 186 -15.20 5.65 15.04
CA ALA A 186 -16.48 5.46 15.72
C ALA A 186 -16.62 4.06 16.31
N GLN A 187 -15.67 3.17 16.06
CA GLN A 187 -15.72 1.84 16.63
C GLN A 187 -15.22 1.78 18.07
N TRP A 188 -14.56 2.83 18.55
CA TRP A 188 -13.90 2.80 19.85
C TRP A 188 -14.59 3.68 20.89
N PHE A 189 -15.75 4.25 20.56
CA PHE A 189 -16.48 5.05 21.54
C PHE A 189 -16.96 4.16 22.67
N PRO A 190 -17.05 4.69 23.91
CA PRO A 190 -16.65 6.01 24.41
C PRO A 190 -15.15 6.18 24.61
N TYR A 191 -14.68 7.43 24.53
CA TYR A 191 -13.27 7.76 24.68
C TYR A 191 -13.00 8.19 26.12
N LEU A 192 -13.14 7.23 27.04
CA LEU A 192 -12.93 7.49 28.44
C LEU A 192 -11.45 7.28 28.82
N SER A 193 -11.10 7.74 30.01
CA SER A 193 -9.71 7.74 30.46
C SER A 193 -9.28 6.34 30.89
N GLY A 194 -8.01 6.22 31.24
CA GLY A 194 -7.44 4.90 31.54
C GLY A 194 -8.16 4.21 32.68
N ASP A 195 -8.45 4.94 33.76
CA ASP A 195 -9.13 4.33 34.90
C ASP A 195 -10.50 3.80 34.49
N SER A 196 -11.21 4.54 33.64
CA SER A 196 -12.51 4.09 33.17
C SER A 196 -12.38 2.78 32.40
N TYR A 197 -11.33 2.66 31.57
CA TYR A 197 -11.09 1.41 30.88
C TYR A 197 -10.78 0.28 31.84
N ARG A 198 -9.97 0.56 32.86
CA ARG A 198 -9.61 -0.47 33.83
C ARG A 198 -10.84 -0.99 34.56
N ALA A 199 -11.75 -0.08 34.97
CA ALA A 199 -12.85 -0.49 35.83
C ALA A 199 -13.81 -1.44 35.12
N CYS A 200 -14.26 -1.07 33.93
CA CYS A 200 -15.25 -1.86 33.18
C CYS A 200 -14.80 -1.96 31.73
N PRO A 201 -13.70 -2.65 31.46
CA PRO A 201 -13.22 -2.75 30.06
C PRO A 201 -14.20 -3.42 29.14
N GLY A 202 -15.19 -4.13 29.67
CA GLY A 202 -16.24 -4.68 28.82
C GLY A 202 -17.06 -3.60 28.15
N LEU A 203 -17.29 -2.48 28.84
CA LEU A 203 -18.10 -1.39 28.30
C LEU A 203 -17.26 -0.21 27.82
N VAL A 204 -16.22 0.16 28.55
CA VAL A 204 -15.41 1.31 28.17
C VAL A 204 -14.63 0.99 26.90
N GLY A 205 -14.26 2.04 26.18
CA GLY A 205 -13.42 1.92 25.00
C GLY A 205 -12.33 2.97 24.99
N GLY A 206 -12.15 3.64 23.86
CA GLY A 206 -11.21 4.74 23.79
C GLY A 206 -9.85 4.34 23.25
N TYR A 207 -8.79 4.91 23.83
CA TYR A 207 -7.44 4.57 23.39
C TYR A 207 -6.98 3.24 23.96
N PHE A 208 -7.23 3.00 25.25
CA PHE A 208 -6.73 1.78 25.88
C PHE A 208 -7.39 0.54 25.29
N ALA A 209 -8.67 0.63 24.94
CA ALA A 209 -9.33 -0.50 24.28
C ALA A 209 -8.71 -0.74 22.90
N LYS A 210 -8.35 0.32 22.19
CA LYS A 210 -7.63 0.16 20.94
C LYS A 210 -6.30 -0.53 21.15
N LYS A 211 -5.56 -0.14 22.18
CA LYS A 211 -4.28 -0.76 22.48
C LYS A 211 -4.46 -2.24 22.79
N ALA A 212 -5.44 -2.57 23.63
CA ALA A 212 -5.67 -3.96 24.01
C ALA A 212 -6.07 -4.80 22.80
N ALA A 213 -7.09 -4.35 22.06
CA ALA A 213 -7.55 -5.13 20.91
C ALA A 213 -6.45 -5.27 19.86
N ALA A 214 -5.71 -4.19 19.59
CA ALA A 214 -4.61 -4.23 18.63
C ALA A 214 -3.34 -4.71 19.34
N GLY A 215 -3.43 -5.93 19.84
CA GLY A 215 -2.31 -6.52 20.55
C GLY A 215 -2.66 -7.90 21.04
N GLU A 216 -1.72 -8.50 21.77
CA GLU A 216 -1.92 -9.84 22.29
C GLU A 216 -3.13 -9.87 23.22
N ARG A 217 -3.87 -10.97 23.17
CA ARG A 217 -5.09 -11.15 23.95
C ARG A 217 -4.93 -12.40 24.81
N GLY A 218 -5.03 -12.23 26.12
CA GLY A 218 -4.95 -13.34 27.05
C GLY A 218 -6.30 -14.03 27.23
N LYS A 219 -6.31 -15.01 28.14
CA LYS A 219 -7.54 -15.73 28.42
C LYS A 219 -8.61 -14.80 28.97
N ASN A 220 -8.23 -13.91 29.90
CA ASN A 220 -9.15 -12.95 30.48
C ASN A 220 -9.07 -11.65 29.69
N TYR A 221 -9.60 -11.72 28.47
CA TYR A 221 -9.69 -10.57 27.58
C TYR A 221 -11.16 -10.36 27.24
N LYS A 222 -11.65 -9.13 27.46
CA LYS A 222 -13.05 -8.81 27.28
C LYS A 222 -13.23 -7.91 26.07
N LYS A 223 -14.35 -8.10 25.37
CA LYS A 223 -14.65 -7.40 24.14
C LYS A 223 -15.43 -6.12 24.43
N LEU A 224 -15.25 -5.11 23.58
CA LEU A 224 -15.88 -3.82 23.79
C LEU A 224 -17.34 -3.88 23.36
N ASN A 225 -18.24 -3.94 24.34
CA ASN A 225 -19.68 -3.98 24.08
C ASN A 225 -20.20 -2.54 24.10
N GLN A 226 -20.16 -1.88 22.95
CA GLN A 226 -20.65 -0.52 22.85
C GLN A 226 -22.15 -0.41 23.10
N THR A 227 -22.90 -1.51 22.99
CA THR A 227 -24.34 -1.48 23.14
C THR A 227 -24.85 -2.43 24.23
N ALA A 228 -24.01 -2.74 25.21
CA ALA A 228 -24.49 -3.51 26.35
C ALA A 228 -25.42 -2.66 27.21
N ILE A 229 -26.48 -3.27 27.70
CA ILE A 229 -27.53 -2.52 28.39
C ILE A 229 -26.98 -1.97 29.69
N ILE A 230 -27.43 -0.76 30.05
CA ILE A 230 -27.12 -0.12 31.33
C ILE A 230 -28.36 0.66 31.76
N PRO A 231 -29.00 0.31 32.88
CA PRO A 231 -30.18 1.07 33.28
C PRO A 231 -29.82 2.52 33.56
N PRO A 232 -30.76 3.43 33.43
CA PRO A 232 -30.46 4.84 33.73
C PRO A 232 -30.02 4.98 35.17
N PRO A 233 -29.17 5.97 35.47
CA PRO A 233 -28.61 6.08 36.83
C PRO A 233 -29.66 6.08 37.93
N ARG A 234 -30.78 6.78 37.74
CA ARG A 234 -31.82 6.76 38.75
C ARG A 234 -32.37 5.35 38.95
N PHE A 235 -32.26 4.50 37.93
CA PHE A 235 -32.59 3.09 38.08
C PHE A 235 -31.41 2.29 38.63
N LEU A 236 -30.19 2.64 38.21
CA LEU A 236 -29.02 1.85 38.60
C LEU A 236 -28.78 1.93 40.10
N ILE A 237 -28.75 3.14 40.65
CA ILE A 237 -28.42 3.31 42.06
C ILE A 237 -29.45 2.69 43.00
N ILE A 238 -30.60 2.27 42.47
CA ILE A 238 -31.60 1.55 43.25
C ILE A 238 -31.72 0.10 42.83
N GLY A 239 -30.92 -0.35 41.87
CA GLY A 239 -30.89 -1.75 41.47
C GLY A 239 -32.02 -2.19 40.57
N HIS A 240 -32.90 -1.29 40.15
CA HIS A 240 -33.99 -1.66 39.27
C HIS A 240 -33.44 -2.18 37.95
N ARG A 241 -34.03 -3.26 37.46
CA ARG A 241 -33.68 -3.83 36.16
C ARG A 241 -34.53 -3.16 35.09
N LEU A 242 -33.87 -2.53 34.12
CA LEU A 242 -34.61 -1.93 33.01
C LEU A 242 -35.44 -3.00 32.31
N GLN A 243 -36.73 -2.70 32.13
CA GLN A 243 -37.64 -3.68 31.56
C GLN A 243 -38.83 -2.94 30.96
N ILE A 244 -39.69 -3.71 30.29
CA ILE A 244 -40.85 -3.15 29.63
C ILE A 244 -41.83 -2.62 30.68
N GLY A 245 -42.35 -1.42 30.44
CA GLY A 245 -43.41 -0.87 31.27
C GLY A 245 -42.98 0.16 32.30
N ASP A 246 -41.72 0.56 32.31
CA ASP A 246 -41.24 1.57 33.25
C ASP A 246 -41.12 2.92 32.56
N GLN A 247 -41.50 3.98 33.27
CA GLN A 247 -41.52 5.32 32.69
C GLN A 247 -40.11 5.86 32.54
N VAL A 248 -39.76 6.26 31.32
CA VAL A 248 -38.45 6.82 31.01
C VAL A 248 -38.62 7.77 29.82
N THR A 249 -37.57 8.54 29.56
CA THR A 249 -37.53 9.47 28.43
C THR A 249 -36.87 8.81 27.23
N LEU A 250 -37.19 9.34 26.04
CA LEU A 250 -36.60 8.81 24.83
C LEU A 250 -35.07 8.89 24.87
N ARG A 251 -34.55 10.03 25.32
CA ARG A 251 -33.11 10.18 25.43
C ARG A 251 -32.54 9.19 26.45
N GLU A 252 -33.26 8.99 27.56
CA GLU A 252 -32.81 8.02 28.56
C GLU A 252 -32.66 6.63 27.95
N LEU A 253 -33.70 6.14 27.29
CA LEU A 253 -33.63 4.79 26.73
C LEU A 253 -32.58 4.71 25.62
N LEU A 254 -32.49 5.73 24.78
CA LEU A 254 -31.52 5.72 23.69
C LEU A 254 -30.10 5.69 24.21
N ALA A 255 -29.82 6.44 25.28
CA ALA A 255 -28.49 6.40 25.87
C ALA A 255 -28.31 5.18 26.77
N SER A 256 -29.38 4.46 27.06
CA SER A 256 -29.26 3.21 27.80
C SER A 256 -28.84 2.07 26.88
N ILE A 257 -29.64 1.80 25.84
CA ILE A 257 -29.44 0.63 24.99
C ILE A 257 -28.59 0.91 23.77
N ALA A 258 -28.20 2.15 23.51
CA ALA A 258 -27.40 2.48 22.33
C ALA A 258 -26.66 3.77 22.62
N TRP A 259 -26.01 4.32 21.59
CA TRP A 259 -25.28 5.57 21.73
C TRP A 259 -25.52 6.42 20.49
N GLY A 260 -24.70 7.47 20.32
CA GLY A 260 -25.02 8.50 19.36
C GLY A 260 -25.14 7.98 17.93
N LEU A 261 -24.24 7.09 17.53
CA LEU A 261 -24.12 6.68 16.14
C LEU A 261 -24.76 5.32 15.84
N CYS A 262 -25.50 4.76 16.78
CA CYS A 262 -26.26 3.56 16.48
C CYS A 262 -27.46 3.90 15.59
N ASP A 263 -27.97 2.89 14.91
CA ASP A 263 -29.04 3.11 13.95
C ASP A 263 -30.26 3.70 14.65
N GLY A 264 -31.10 4.38 13.86
CA GLY A 264 -32.27 5.05 14.41
C GLY A 264 -33.43 4.13 14.73
N VAL A 265 -33.45 2.93 14.14
CA VAL A 265 -34.56 2.01 14.38
C VAL A 265 -34.72 1.74 15.87
N LEU A 266 -33.63 1.84 16.63
CA LEU A 266 -33.70 1.57 18.07
C LEU A 266 -34.72 2.47 18.75
N ALA A 267 -34.97 3.66 18.22
CA ALA A 267 -35.98 4.54 18.82
C ALA A 267 -37.32 3.85 19.01
N GLU A 268 -37.57 2.75 18.28
CA GLU A 268 -38.84 2.05 18.39
C GLU A 268 -39.03 1.37 19.75
N CYS A 269 -37.98 1.29 20.57
CA CYS A 269 -38.12 0.69 21.90
C CYS A 269 -38.82 1.61 22.89
N TRP A 270 -39.09 2.86 22.52
CA TRP A 270 -39.75 3.82 23.38
C TRP A 270 -41.06 4.27 22.75
N SER A 271 -42.07 4.51 23.59
CA SER A 271 -43.36 4.96 23.11
C SER A 271 -43.86 6.09 24.01
N PRO A 272 -44.22 7.24 23.44
CA PRO A 272 -44.71 8.34 24.29
C PRO A 272 -46.01 7.95 24.99
N SER A 273 -46.19 8.47 26.20
CA SER A 273 -47.39 8.21 26.99
C SER A 273 -48.45 9.24 26.63
N GLN A 274 -49.56 9.23 27.37
CA GLN A 274 -50.64 10.18 27.12
C GLN A 274 -50.13 11.61 27.30
N GLY A 275 -50.23 12.40 26.24
CA GLY A 275 -49.74 13.77 26.25
C GLY A 275 -48.25 13.91 26.06
N ASP A 276 -47.54 12.81 25.81
CA ASP A 276 -46.09 12.87 25.64
C ASP A 276 -45.43 13.47 26.87
N GLY A 277 -45.16 14.77 26.85
CA GLY A 277 -44.57 15.42 28.01
C GLY A 277 -43.13 15.04 28.28
N SER A 278 -42.42 14.55 27.27
CA SER A 278 -41.02 14.13 27.38
C SER A 278 -40.84 12.90 28.25
N ILE A 279 -41.92 12.21 28.61
CA ILE A 279 -41.85 10.97 29.38
C ILE A 279 -42.77 9.95 28.71
N GLY A 280 -42.23 8.76 28.45
CA GLY A 280 -42.98 7.69 27.84
C GLY A 280 -42.79 6.38 28.59
N VAL A 281 -42.84 5.28 27.85
CA VAL A 281 -42.69 3.95 28.41
C VAL A 281 -41.92 3.08 27.43
N VAL A 282 -41.10 2.20 27.97
CA VAL A 282 -40.33 1.26 27.17
C VAL A 282 -41.25 0.16 26.67
N VAL A 283 -41.22 -0.09 25.36
CA VAL A 283 -42.05 -1.15 24.77
C VAL A 283 -41.25 -2.40 24.44
N GLY A 284 -39.93 -2.35 24.51
CA GLY A 284 -39.12 -3.53 24.25
C GLY A 284 -37.66 -3.22 24.43
N LEU A 285 -36.83 -4.25 24.25
CA LEU A 285 -35.39 -4.11 24.28
C LEU A 285 -34.82 -4.97 23.16
N PRO A 286 -33.87 -4.44 22.38
CA PRO A 286 -33.35 -5.22 21.25
C PRO A 286 -32.63 -6.47 21.73
N LEU A 287 -32.81 -7.56 20.98
CA LEU A 287 -32.06 -8.78 21.26
C LEU A 287 -30.68 -8.70 20.61
N GLN A 288 -29.81 -9.63 21.01
CA GLN A 288 -28.44 -9.66 20.51
C GLN A 288 -27.69 -8.38 20.88
N ALA A 289 -28.09 -7.75 21.98
CA ALA A 289 -27.57 -6.44 22.31
C ALA A 289 -26.06 -6.47 22.55
N THR A 290 -25.61 -7.37 23.43
CA THR A 290 -24.25 -7.31 23.92
C THR A 290 -23.24 -7.98 22.99
N GLY A 291 -23.62 -9.08 22.33
CA GLY A 291 -22.69 -9.83 21.52
C GLY A 291 -23.22 -10.02 20.10
N SER A 292 -22.34 -10.50 19.23
CA SER A 292 -22.69 -10.72 17.84
C SER A 292 -21.59 -11.51 17.16
N CYS A 293 -22.00 -12.37 16.21
CA CYS A 293 -21.05 -13.12 15.40
C CYS A 293 -21.77 -13.73 14.20
N PHE A 294 -21.19 -13.57 13.00
CA PHE A 294 -21.82 -14.05 11.78
C PHE A 294 -20.81 -14.70 10.84
N LEU A 295 -19.83 -15.41 11.40
CA LEU A 295 -18.82 -16.10 10.60
C LEU A 295 -19.20 -17.56 10.39
N VAL A 296 -18.88 -18.08 9.21
CA VAL A 296 -19.06 -19.49 8.91
C VAL A 296 -17.80 -20.01 8.24
N VAL A 297 -17.00 -20.79 8.98
CA VAL A 297 -15.74 -21.28 8.45
C VAL A 297 -16.00 -22.37 7.42
N ALA A 298 -15.09 -22.47 6.45
CA ALA A 298 -15.14 -23.55 5.47
C ALA A 298 -14.98 -24.88 6.18
N SER A 299 -15.85 -25.84 5.85
CA SER A 299 -15.81 -27.13 6.51
C SER A 299 -16.53 -28.16 5.64
N HIS A 300 -15.98 -29.37 5.60
CA HIS A 300 -16.58 -30.48 4.88
C HIS A 300 -16.87 -30.10 3.43
N GLY A 301 -15.91 -29.44 2.78
CA GLY A 301 -16.05 -29.07 1.39
C GLY A 301 -16.79 -27.78 1.14
N LEU A 302 -17.27 -27.11 2.18
CA LEU A 302 -17.95 -25.83 2.02
C LEU A 302 -16.93 -24.69 1.95
N SER A 303 -17.42 -23.52 1.58
CA SER A 303 -16.60 -22.32 1.51
C SER A 303 -16.90 -21.42 2.70
N ALA A 304 -15.86 -20.77 3.21
CA ALA A 304 -16.03 -19.87 4.35
C ALA A 304 -16.84 -18.64 3.96
N ILE A 305 -17.62 -18.15 4.91
CA ILE A 305 -18.43 -16.95 4.73
C ILE A 305 -17.96 -15.89 5.71
N ALA A 306 -17.59 -14.73 5.20
CA ALA A 306 -17.16 -13.62 6.03
C ALA A 306 -18.32 -12.98 6.77
N ASP A 307 -19.54 -13.04 6.24
CA ASP A 307 -20.70 -12.45 6.89
C ASP A 307 -21.94 -13.14 6.36
N SER A 308 -22.65 -13.85 7.24
CA SER A 308 -23.84 -14.58 6.81
C SER A 308 -24.91 -13.63 6.31
N ARG A 309 -25.02 -12.45 6.92
CA ARG A 309 -26.09 -11.52 6.55
C ARG A 309 -25.96 -11.07 5.10
N ILE A 310 -24.85 -10.43 4.76
CA ILE A 310 -24.69 -9.89 3.42
C ILE A 310 -24.57 -11.00 2.37
N GLU A 311 -24.36 -12.24 2.80
CA GLU A 311 -24.26 -13.36 1.86
C GLU A 311 -25.63 -13.67 1.27
N ASN A 317 -30.45 -4.68 -0.09
CA ASN A 317 -30.54 -5.62 1.02
C ASN A 317 -29.99 -5.01 2.30
N LEU A 318 -28.97 -4.16 2.15
CA LEU A 318 -28.35 -3.54 3.32
C LEU A 318 -29.36 -2.71 4.11
N LEU A 319 -30.18 -1.92 3.41
CA LEU A 319 -31.24 -1.17 4.05
C LEU A 319 -32.41 -2.06 4.47
N GLU A 320 -32.44 -3.32 4.03
CA GLU A 320 -33.51 -4.24 4.37
C GLU A 320 -33.23 -5.03 5.64
N GLU A 321 -32.11 -4.78 6.31
CA GLU A 321 -31.78 -5.51 7.53
C GLU A 321 -32.79 -5.19 8.63
N CYS A 322 -33.00 -6.16 9.51
CA CYS A 322 -33.97 -6.04 10.58
C CYS A 322 -33.32 -6.35 11.92
N ILE A 323 -33.88 -5.76 12.97
CA ILE A 323 -33.43 -5.98 14.34
C ILE A 323 -34.56 -6.64 15.12
N ALA A 324 -34.19 -7.55 16.02
CA ALA A 324 -35.17 -8.27 16.83
C ALA A 324 -35.42 -7.51 18.12
N ILE A 325 -36.68 -7.23 18.40
CA ILE A 325 -37.11 -6.50 19.58
C ILE A 325 -37.98 -7.42 20.42
N GLN A 326 -37.68 -7.51 21.72
CA GLN A 326 -38.44 -8.34 22.64
C GLN A 326 -39.59 -7.51 23.21
N LYS A 327 -40.81 -7.87 22.84
CA LYS A 327 -42.02 -7.20 23.32
C LYS A 327 -42.76 -8.11 24.28
N GLN A 328 -43.74 -7.52 24.98
CA GLN A 328 -44.53 -8.30 25.92
C GLN A 328 -45.17 -9.50 25.24
N ASP A 329 -45.67 -9.32 24.02
CA ASP A 329 -46.24 -10.45 23.29
C ASP A 329 -45.17 -11.45 22.86
N GLY A 330 -44.03 -10.95 22.41
CA GLY A 330 -42.96 -11.83 21.97
C GLY A 330 -41.93 -11.07 21.17
N VAL A 331 -41.06 -11.83 20.51
CA VAL A 331 -40.01 -11.24 19.69
C VAL A 331 -40.59 -10.86 18.33
N ILE A 332 -40.22 -9.67 17.85
CA ILE A 332 -40.66 -9.19 16.55
C ILE A 332 -39.44 -8.66 15.81
N LYS A 333 -39.58 -8.54 14.49
CA LYS A 333 -38.51 -8.00 13.64
C LYS A 333 -38.93 -6.63 13.11
N CYS A 334 -38.06 -5.64 13.28
CA CYS A 334 -38.31 -4.28 12.84
C CYS A 334 -37.23 -3.89 11.84
N LYS A 335 -37.65 -3.39 10.67
CA LYS A 335 -36.71 -2.98 9.65
C LYS A 335 -35.91 -1.77 10.12
N ARG A 336 -34.62 -1.75 9.76
CA ARG A 336 -33.77 -0.65 10.16
C ARG A 336 -34.14 0.62 9.41
N SER A 337 -33.73 1.76 9.97
CA SER A 337 -34.02 3.06 9.38
C SER A 337 -32.90 3.57 8.48
N GLY A 338 -31.66 3.17 8.74
CA GLY A 338 -30.54 3.56 7.91
C GLY A 338 -29.93 4.90 8.24
N LYS A 339 -30.38 5.56 9.30
CA LYS A 339 -29.84 6.84 9.73
C LYS A 339 -29.48 6.77 11.21
N SER A 340 -28.34 7.38 11.56
CA SER A 340 -27.86 7.32 12.93
C SER A 340 -28.83 8.02 13.88
N LEU A 341 -28.88 7.52 15.12
CA LEU A 341 -29.75 8.12 16.13
C LEU A 341 -29.44 9.60 16.30
N TYR A 342 -28.16 9.97 16.23
CA TYR A 342 -27.78 11.37 16.35
C TYR A 342 -28.42 12.21 15.25
N HIS A 343 -28.23 11.79 14.00
CA HIS A 343 -28.81 12.51 12.87
C HIS A 343 -30.33 12.49 12.92
N CYS A 344 -30.91 11.35 13.30
CA CYS A 344 -32.37 11.24 13.35
C CYS A 344 -32.95 12.17 14.40
N LEU A 345 -32.31 12.25 15.58
CA LEU A 345 -32.77 13.16 16.62
C LEU A 345 -32.60 14.61 16.17
N LYS A 346 -31.50 14.93 15.49
CA LYS A 346 -31.33 16.28 14.98
C LYS A 346 -32.43 16.63 13.99
N GLU A 347 -32.78 15.70 13.11
CA GLU A 347 -33.81 15.98 12.10
C GLU A 347 -35.20 16.08 12.73
N THR A 348 -35.47 15.28 13.76
CA THR A 348 -36.76 15.30 14.42
C THR A 348 -36.86 16.34 15.51
N ALA A 349 -35.79 17.12 15.74
CA ALA A 349 -35.87 18.20 16.73
C ALA A 349 -36.91 19.23 16.33
N GLY A 350 -37.11 19.45 15.04
CA GLY A 350 -38.09 20.41 14.56
C GLY A 350 -38.00 20.64 13.07
N GLU B 34 -20.61 49.44 26.14
CA GLU B 34 -20.84 48.29 27.00
C GLU B 34 -20.38 47.01 26.33
N LEU B 35 -19.35 47.12 25.49
CA LEU B 35 -18.82 45.96 24.79
C LEU B 35 -18.01 45.09 25.74
N PRO B 36 -17.87 43.81 25.45
CA PRO B 36 -17.01 42.95 26.26
C PRO B 36 -15.58 43.46 26.25
N ARG B 37 -14.80 42.99 27.23
CA ARG B 37 -13.39 43.36 27.27
C ARG B 37 -12.68 43.01 25.98
N ASN B 38 -13.08 41.90 25.34
CA ASN B 38 -12.40 41.42 24.15
C ASN B 38 -12.37 42.49 23.06
N LEU B 39 -13.55 43.03 22.71
CA LEU B 39 -13.61 44.02 21.63
C LEU B 39 -13.17 45.40 22.08
N GLU B 40 -13.34 45.71 23.36
CA GLU B 40 -12.86 46.98 23.88
C GLU B 40 -11.34 47.08 23.75
N VAL B 41 -10.63 45.98 24.03
CA VAL B 41 -9.18 45.99 23.89
C VAL B 41 -8.79 46.30 22.45
N PHE B 42 -9.46 45.66 21.49
CA PHE B 42 -9.13 45.88 20.08
C PHE B 42 -9.43 47.31 19.67
N ASN B 43 -10.58 47.85 20.09
CA ASN B 43 -10.89 49.23 19.75
C ASN B 43 -9.86 50.18 20.34
N GLU B 44 -9.46 49.96 21.59
CA GLU B 44 -8.47 50.82 22.22
C GLU B 44 -7.14 50.77 21.48
N ALA B 45 -6.69 49.55 21.14
CA ALA B 45 -5.41 49.43 20.45
C ALA B 45 -5.46 50.10 19.08
N CYS B 46 -6.53 49.87 18.33
CA CYS B 46 -6.65 50.47 17.01
C CYS B 46 -6.65 51.99 17.10
N GLY B 47 -7.42 52.54 18.04
CA GLY B 47 -7.41 53.98 18.23
C GLY B 47 -6.03 54.49 18.54
N HIS B 48 -5.38 53.88 19.54
CA HIS B 48 -4.07 54.37 19.96
C HIS B 48 -3.08 54.35 18.81
N VAL B 49 -3.11 53.31 17.98
CA VAL B 49 -2.08 53.14 16.96
C VAL B 49 -2.40 53.83 15.64
N PHE B 50 -3.66 54.16 15.37
CA PHE B 50 -4.04 54.71 14.08
C PHE B 50 -4.77 56.05 14.15
N GLY B 51 -4.91 56.66 15.32
CA GLY B 51 -5.51 57.98 15.37
C GLY B 51 -6.91 57.96 14.77
N SER B 52 -7.25 59.05 14.08
CA SER B 52 -8.54 59.16 13.42
C SER B 52 -8.57 58.45 12.07
N SER B 53 -7.42 58.05 11.54
CA SER B 53 -7.38 57.41 10.23
C SER B 53 -8.02 56.04 10.22
N PHE B 54 -8.31 55.47 11.38
CA PHE B 54 -8.89 54.13 11.47
C PHE B 54 -10.41 54.24 11.36
N ASN B 55 -10.92 54.05 10.15
CA ASN B 55 -12.36 54.08 9.89
C ASN B 55 -12.97 52.75 10.30
N ARG B 56 -13.98 52.81 11.17
CA ARG B 56 -14.57 51.63 11.78
C ARG B 56 -15.80 51.13 11.04
N GLU B 57 -15.91 51.39 9.74
CA GLU B 57 -17.03 50.92 8.93
C GLU B 57 -16.60 50.24 7.64
N ASP B 58 -15.31 50.18 7.35
CA ASP B 58 -14.81 49.54 6.14
C ASP B 58 -14.17 48.22 6.51
N ASN B 59 -14.67 47.13 5.92
CA ASN B 59 -14.13 45.81 6.22
C ASN B 59 -12.67 45.70 5.81
N SER B 60 -12.32 46.26 4.65
CA SER B 60 -10.93 46.22 4.22
C SER B 60 -10.03 46.96 5.20
N VAL B 61 -10.46 48.14 5.66
CA VAL B 61 -9.64 48.92 6.58
C VAL B 61 -9.49 48.20 7.91
N ILE B 62 -10.59 47.67 8.44
CA ILE B 62 -10.51 46.96 9.71
C ILE B 62 -9.60 45.75 9.58
N SER B 63 -9.71 45.02 8.46
CA SER B 63 -8.87 43.84 8.27
C SER B 63 -7.40 44.21 8.15
N ASP B 64 -7.10 45.30 7.46
CA ASP B 64 -5.70 45.73 7.33
C ASP B 64 -5.14 46.16 8.67
N ALA B 65 -5.89 46.94 9.44
CA ALA B 65 -5.43 47.33 10.77
C ALA B 65 -5.29 46.12 11.68
N ALA B 66 -6.19 45.15 11.55
CA ALA B 66 -6.10 43.94 12.36
C ALA B 66 -4.86 43.14 12.03
N ALA B 67 -4.55 43.00 10.73
CA ALA B 67 -3.34 42.29 10.35
C ALA B 67 -2.10 43.01 10.85
N PHE B 68 -2.09 44.34 10.74
CA PHE B 68 -0.94 45.11 11.23
C PHE B 68 -0.76 44.93 12.73
N LEU B 69 -1.85 45.00 13.50
CA LEU B 69 -1.75 44.80 14.93
C LEU B 69 -1.31 43.38 15.27
N PHE B 70 -1.78 42.39 14.50
CA PHE B 70 -1.37 41.02 14.73
C PHE B 70 0.13 40.86 14.48
N LYS B 71 0.65 41.49 13.45
CA LYS B 71 2.08 41.41 13.18
C LYS B 71 2.91 42.32 14.07
N MET B 72 2.26 43.23 14.80
CA MET B 72 2.97 44.00 15.82
C MET B 72 3.03 43.24 17.15
N HIS B 73 1.94 42.58 17.54
CA HIS B 73 1.89 41.85 18.79
C HIS B 73 2.61 40.50 18.73
N THR B 74 2.85 39.98 17.54
CA THR B 74 3.66 38.78 17.37
C THR B 74 5.12 39.10 17.13
N HIS B 75 5.51 40.37 17.21
CA HIS B 75 6.89 40.78 17.02
C HIS B 75 7.39 40.36 15.63
N SER B 76 6.74 40.92 14.60
CA SER B 76 7.13 40.67 13.23
C SER B 76 7.52 41.93 12.47
N LEU B 77 7.31 43.11 13.04
CA LEU B 77 7.64 44.35 12.36
C LEU B 77 9.13 44.63 12.46
N ASP B 78 9.61 45.48 11.54
CA ASP B 78 11.03 45.86 11.56
C ASP B 78 11.35 46.60 12.84
N GLY B 79 12.56 46.36 13.36
CA GLY B 79 13.00 46.99 14.58
C GLY B 79 12.53 46.34 15.85
N GLN B 80 11.86 45.19 15.76
CA GLN B 80 11.41 44.46 16.93
C GLN B 80 12.34 43.28 17.21
N GLU B 81 12.10 42.62 18.35
CA GLU B 81 12.94 41.52 18.76
C GLU B 81 13.05 40.47 17.66
N ALA B 82 14.11 39.67 17.73
CA ALA B 82 14.41 38.67 16.72
C ALA B 82 14.08 37.28 17.23
N LYS B 83 13.43 36.48 16.38
CA LYS B 83 13.04 35.12 16.73
C LYS B 83 14.23 34.21 16.48
N VAL B 84 15.09 34.07 17.49
CA VAL B 84 16.35 33.35 17.33
C VAL B 84 16.51 32.28 18.40
N LEU B 85 15.38 31.74 18.90
CA LEU B 85 15.47 30.69 19.91
C LEU B 85 16.09 29.42 19.33
N ARG B 86 15.57 28.96 18.19
CA ARG B 86 16.11 27.78 17.51
C ARG B 86 16.16 28.00 16.01
N ALA B 87 16.32 29.25 15.58
CA ALA B 87 16.24 29.57 14.16
C ALA B 87 17.36 28.89 13.39
N SER B 88 17.04 28.45 12.17
CA SER B 88 18.04 27.92 11.26
C SER B 88 18.88 29.06 10.69
N GLU B 89 19.87 28.71 9.88
CA GLU B 89 20.77 29.72 9.33
C GLU B 89 19.99 30.78 8.55
N LYS B 90 19.16 30.34 7.61
CA LYS B 90 18.37 31.29 6.82
C LYS B 90 17.40 32.06 7.71
N LYS B 91 16.70 31.36 8.60
CA LYS B 91 15.75 32.04 9.48
C LYS B 91 16.47 33.00 10.43
N ARG B 92 17.63 32.58 10.95
CA ARG B 92 18.41 33.47 11.80
C ARG B 92 18.83 34.73 11.04
N GLU B 93 19.29 34.57 9.81
CA GLU B 93 19.66 35.73 9.00
C GLU B 93 18.47 36.64 8.77
N ARG B 94 17.31 36.06 8.44
CA ARG B 94 16.13 36.86 8.19
C ARG B 94 15.73 37.65 9.43
N GLU B 95 15.74 37.00 10.59
CA GLU B 95 15.36 37.68 11.83
C GLU B 95 16.37 38.76 12.18
N ASN B 96 17.66 38.50 11.97
CA ASN B 96 18.66 39.53 12.24
C ASN B 96 18.46 40.73 11.33
N ALA B 97 18.15 40.49 10.05
CA ALA B 97 17.89 41.59 9.13
C ALA B 97 16.65 42.37 9.56
N LYS B 98 15.60 41.66 9.97
CA LYS B 98 14.39 42.34 10.43
C LYS B 98 14.68 43.21 11.64
N LYS B 99 15.43 42.68 12.61
CA LYS B 99 15.79 43.48 13.78
C LYS B 99 16.61 44.70 13.38
N SER B 100 17.60 44.51 12.50
CA SER B 100 18.43 45.63 12.06
C SER B 100 17.65 46.60 11.19
N ARG B 101 16.63 46.15 10.47
CA ARG B 101 15.87 47.03 9.61
C ARG B 101 15.19 48.12 10.41
N LYS B 102 15.10 49.30 9.81
CA LYS B 102 14.47 50.44 10.47
C LYS B 102 13.01 50.13 10.76
N ALA B 103 12.56 50.48 11.96
CA ALA B 103 11.17 50.30 12.33
C ALA B 103 10.30 51.36 11.64
N PRO B 104 9.01 51.09 11.51
CA PRO B 104 8.12 52.10 10.91
C PRO B 104 8.15 53.40 11.71
N GLU B 105 7.89 54.50 11.01
CA GLU B 105 7.85 55.81 11.63
C GLU B 105 6.44 56.39 11.50
N ALA B 106 6.10 57.27 12.43
CA ALA B 106 4.77 57.87 12.43
C ALA B 106 4.50 58.53 11.08
N GLY B 107 3.25 58.39 10.63
CA GLY B 107 2.86 58.87 9.33
C GLY B 107 2.98 57.85 8.21
N MET B 108 3.60 56.71 8.48
CA MET B 108 3.74 55.68 7.46
C MET B 108 2.37 55.18 7.03
N ARG B 109 2.24 54.85 5.74
CA ARG B 109 1.00 54.35 5.18
C ARG B 109 0.97 52.84 5.32
N VAL B 110 -0.04 52.32 6.02
CA VAL B 110 -0.23 50.89 6.21
C VAL B 110 -1.58 50.55 5.60
N GLY B 111 -1.55 50.07 4.36
CA GLY B 111 -2.78 49.75 3.65
C GLY B 111 -3.14 50.82 2.64
N ARG B 112 -4.36 51.33 2.71
CA ARG B 112 -4.84 52.32 1.75
C ARG B 112 -5.37 53.56 2.44
N SER B 113 -5.99 53.39 3.61
CA SER B 113 -6.66 54.50 4.29
C SER B 113 -6.29 54.58 5.76
N LEU B 114 -5.12 54.05 6.13
CA LEU B 114 -4.65 54.06 7.50
C LEU B 114 -3.27 54.71 7.56
N ILE B 115 -3.04 55.51 8.60
CA ILE B 115 -1.75 56.16 8.82
C ILE B 115 -1.42 56.06 10.30
N LEU B 116 -0.18 55.69 10.61
CA LEU B 116 0.25 55.58 12.00
C LEU B 116 0.33 56.95 12.65
N THR B 117 0.20 56.97 13.98
CA THR B 117 0.41 58.17 14.77
C THR B 117 1.76 58.07 15.49
N SER B 118 2.13 59.14 16.17
CA SER B 118 3.39 59.13 16.91
C SER B 118 3.29 58.29 18.18
N ARG B 119 2.09 58.14 18.74
CA ARG B 119 1.92 57.37 19.95
C ARG B 119 2.21 55.90 19.76
N TRP B 120 2.23 55.42 18.51
CA TRP B 120 2.38 53.98 18.29
C TRP B 120 3.61 53.43 18.97
N THR B 121 4.69 54.22 19.02
CA THR B 121 5.91 53.74 19.67
C THR B 121 5.65 53.45 21.14
N GLU B 122 4.95 54.35 21.82
CA GLU B 122 4.63 54.14 23.22
C GLU B 122 3.77 52.89 23.41
N TYR B 123 2.78 52.71 22.53
CA TYR B 123 1.92 51.54 22.63
C TYR B 123 2.72 50.25 22.47
N CYS B 124 3.53 50.18 21.41
CA CYS B 124 4.34 49.00 21.19
C CYS B 124 5.30 48.74 22.34
N ALA B 125 5.76 49.82 22.99
CA ALA B 125 6.66 49.65 24.13
C ALA B 125 5.93 49.14 25.37
N THR B 126 4.70 49.61 25.61
CA THR B 126 4.00 49.34 26.85
C THR B 126 3.04 48.16 26.81
N CYS B 127 2.34 47.95 25.69
CA CYS B 127 1.30 46.94 25.63
C CYS B 127 1.77 45.60 25.07
N VAL B 128 2.69 45.60 24.12
CA VAL B 128 3.18 44.37 23.49
C VAL B 128 3.99 43.60 24.53
N PRO B 129 3.61 42.37 24.88
CA PRO B 129 4.43 41.60 25.81
C PRO B 129 5.80 41.33 25.23
N ALA B 130 6.80 41.28 26.12
CA ALA B 130 8.17 41.02 25.70
C ALA B 130 8.28 39.65 25.04
N LEU B 131 9.18 39.55 24.07
CA LEU B 131 9.31 38.33 23.30
C LEU B 131 9.53 37.13 24.21
N GLY B 132 8.83 36.03 23.91
CA GLY B 132 8.94 34.83 24.70
C GLY B 132 8.16 34.86 26.00
N SER B 133 7.41 35.92 26.27
CA SER B 133 6.64 36.00 27.51
C SER B 133 5.52 34.98 27.49
N LYS B 134 5.46 34.16 28.54
CA LYS B 134 4.47 33.10 28.66
C LYS B 134 3.49 33.46 29.77
N MET B 135 2.22 33.10 29.57
CA MET B 135 1.19 33.46 30.53
C MET B 135 1.47 32.85 31.91
N LYS B 136 2.07 31.67 31.94
CA LYS B 136 2.32 31.00 33.22
C LYS B 136 3.24 31.84 34.10
N VAL B 137 4.32 32.37 33.52
CA VAL B 137 5.27 33.15 34.32
C VAL B 137 4.63 34.45 34.79
N ILE B 138 3.82 35.07 33.95
CA ILE B 138 3.13 36.31 34.35
C ILE B 138 2.20 36.03 35.51
N LYS B 139 1.42 34.94 35.42
CA LYS B 139 0.51 34.60 36.52
C LYS B 139 1.28 34.28 37.79
N ALA B 140 2.39 33.54 37.67
CA ALA B 140 3.18 33.19 38.85
C ALA B 140 3.75 34.43 39.52
N SER B 141 4.24 35.39 38.72
CA SER B 141 4.80 36.61 39.30
C SER B 141 3.74 37.35 40.12
N GLY B 142 2.46 37.19 39.78
CA GLY B 142 1.39 37.78 40.54
C GLY B 142 1.13 39.25 40.27
N ASP B 143 1.87 39.87 39.35
CA ASP B 143 1.67 41.28 39.06
C ASP B 143 0.36 41.46 38.29
N ALA B 144 -0.57 42.23 38.86
CA ALA B 144 -1.87 42.42 38.24
C ALA B 144 -1.76 43.10 36.89
N ALA B 145 -0.91 44.13 36.80
CA ALA B 145 -0.78 44.86 35.55
C ALA B 145 -0.27 43.96 34.43
N MET B 146 0.75 43.15 34.72
CA MET B 146 1.30 42.26 33.71
C MET B 146 0.29 41.18 33.32
N ILE B 147 -0.46 40.66 34.30
CA ILE B 147 -1.47 39.65 33.99
C ILE B 147 -2.52 40.23 33.06
N GLN B 148 -2.98 41.45 33.36
CA GLN B 148 -3.96 42.10 32.50
C GLN B 148 -3.38 42.35 31.12
N MET B 149 -2.11 42.76 31.05
CA MET B 149 -1.48 43.00 29.75
C MET B 149 -1.44 41.72 28.92
N MET B 150 -1.06 40.61 29.54
CA MET B 150 -1.01 39.35 28.80
C MET B 150 -2.40 38.91 28.35
N LYS B 151 -3.40 39.07 29.22
CA LYS B 151 -4.77 38.72 28.82
C LYS B 151 -5.23 39.59 27.65
N ASP B 152 -4.93 40.88 27.71
CA ASP B 152 -5.30 41.78 26.62
C ASP B 152 -4.62 41.36 25.33
N HIS B 153 -3.33 41.04 25.39
CA HIS B 153 -2.61 40.65 24.17
C HIS B 153 -3.19 39.37 23.59
N ASN B 154 -3.51 38.39 24.43
CA ASN B 154 -4.06 37.14 23.92
C ASN B 154 -5.44 37.33 23.31
N SER B 155 -6.30 38.12 23.97
CA SER B 155 -7.62 38.37 23.40
C SER B 155 -7.51 39.15 22.10
N LEU B 156 -6.56 40.08 22.02
CA LEU B 156 -6.34 40.79 20.78
C LEU B 156 -5.87 39.86 19.68
N LEU B 157 -5.01 38.89 20.02
CA LEU B 157 -4.61 37.91 19.02
C LEU B 157 -5.82 37.14 18.52
N ARG B 158 -6.71 36.74 19.42
CA ARG B 158 -7.89 35.98 18.99
C ARG B 158 -8.77 36.81 18.06
N VAL B 159 -9.01 38.08 18.42
CA VAL B 159 -9.85 38.92 17.58
C VAL B 159 -9.19 39.15 16.22
N CYS B 160 -7.89 39.43 16.22
CA CYS B 160 -7.19 39.68 14.97
C CYS B 160 -7.18 38.45 14.08
N VAL B 161 -7.10 37.26 14.68
CA VAL B 161 -7.08 36.04 13.85
C VAL B 161 -8.48 35.72 13.34
N ARG B 162 -9.53 36.00 14.10
CA ARG B 162 -10.87 35.88 13.55
C ARG B 162 -11.02 36.81 12.35
N ILE B 163 -10.54 38.05 12.48
CA ILE B 163 -10.60 38.99 11.36
C ILE B 163 -9.80 38.45 10.18
N GLU B 164 -8.63 37.89 10.45
CA GLU B 164 -7.78 37.41 9.37
C GLU B 164 -8.42 36.23 8.64
N VAL B 165 -9.07 35.32 9.37
CA VAL B 165 -9.73 34.20 8.73
C VAL B 165 -10.90 34.68 7.88
N TRP B 166 -11.68 35.63 8.41
CA TRP B 166 -12.77 36.16 7.59
C TRP B 166 -12.23 36.83 6.34
N LYS B 167 -11.11 37.55 6.45
CA LYS B 167 -10.53 38.17 5.27
C LYS B 167 -10.01 37.14 4.29
N ALA B 168 -9.45 36.03 4.78
CA ALA B 168 -9.02 34.97 3.87
C ALA B 168 -10.21 34.41 3.10
N ARG B 169 -11.33 34.20 3.79
CA ARG B 169 -12.54 33.75 3.09
C ARG B 169 -12.97 34.77 2.04
N TYR B 170 -12.99 36.05 2.43
CA TYR B 170 -13.47 37.10 1.54
C TYR B 170 -12.60 37.22 0.29
N VAL B 171 -11.28 37.10 0.46
CA VAL B 171 -10.38 37.11 -0.68
C VAL B 171 -10.63 35.88 -1.54
N SER B 172 -10.76 34.71 -0.92
CA SER B 172 -10.85 33.47 -1.68
C SER B 172 -12.18 33.29 -2.38
N LEU B 173 -13.07 34.27 -2.34
CA LEU B 173 -14.30 34.17 -3.12
C LEU B 173 -14.09 34.49 -4.59
N VAL B 174 -12.97 35.14 -4.94
CA VAL B 174 -12.74 35.58 -6.31
C VAL B 174 -11.35 35.22 -6.80
N ALA B 175 -10.44 34.95 -5.87
CA ALA B 175 -9.04 34.66 -6.22
C ALA B 175 -8.56 33.50 -5.38
N LEU B 176 -8.70 32.29 -5.92
CA LEU B 176 -8.33 31.10 -5.16
C LEU B 176 -6.83 31.03 -4.96
N ASP B 177 -6.43 30.41 -3.85
CA ASP B 177 -5.03 30.18 -3.57
C ASP B 177 -4.42 29.29 -4.64
N GLU B 178 -3.10 29.41 -4.81
CA GLU B 178 -2.41 28.60 -5.82
C GLU B 178 -2.24 27.17 -5.34
N ARG B 179 -2.24 26.94 -4.03
CA ARG B 179 -2.00 25.60 -3.49
C ARG B 179 -3.21 24.69 -3.56
N ILE B 180 -4.41 25.24 -3.78
CA ILE B 180 -5.64 24.47 -3.76
C ILE B 180 -5.82 23.85 -5.13
N GLN B 181 -5.61 22.54 -5.23
CA GLN B 181 -5.77 21.79 -6.46
C GLN B 181 -6.82 20.70 -6.40
N THR B 182 -6.85 19.93 -5.31
CA THR B 182 -7.76 18.80 -5.16
C THR B 182 -8.39 18.84 -3.77
N LEU B 183 -9.41 18.02 -3.58
CA LEU B 183 -10.14 18.02 -2.31
C LEU B 183 -9.20 17.82 -1.13
N GLU B 184 -8.15 17.03 -1.29
CA GLU B 184 -7.16 16.92 -0.23
C GLU B 184 -6.56 18.28 0.10
N ASP B 185 -6.25 19.07 -0.92
CA ASP B 185 -5.69 20.39 -0.68
C ASP B 185 -6.76 21.38 -0.26
N ALA B 186 -7.95 21.28 -0.84
CA ALA B 186 -9.04 22.19 -0.50
C ALA B 186 -9.61 21.94 0.88
N GLN B 187 -9.23 20.84 1.53
CA GLN B 187 -9.79 20.51 2.84
C GLN B 187 -9.12 21.26 3.98
N TRP B 188 -7.99 21.91 3.75
CA TRP B 188 -7.23 22.54 4.82
C TRP B 188 -7.23 24.06 4.73
N PHE B 189 -8.14 24.64 3.97
CA PHE B 189 -8.28 26.09 3.93
C PHE B 189 -8.87 26.58 5.25
N PRO B 190 -8.49 27.78 5.73
CA PRO B 190 -7.50 28.74 5.21
C PRO B 190 -6.06 28.40 5.58
N TYR B 191 -5.14 28.70 4.67
CA TYR B 191 -3.71 28.48 4.89
C TYR B 191 -3.15 29.72 5.57
N LEU B 192 -3.11 29.69 6.90
CA LEU B 192 -2.60 30.80 7.69
C LEU B 192 -1.41 30.36 8.52
N SER B 193 -0.60 31.34 8.92
CA SER B 193 0.68 31.07 9.53
C SER B 193 0.50 30.42 10.90
N GLY B 194 1.62 30.12 11.56
CA GLY B 194 1.57 29.35 12.79
C GLY B 194 0.80 30.04 13.90
N ASP B 195 1.06 31.33 14.11
CA ASP B 195 0.38 32.04 15.19
C ASP B 195 -1.11 32.13 14.92
N SER B 196 -1.51 32.20 13.65
CA SER B 196 -2.93 32.21 13.33
C SER B 196 -3.59 30.91 13.80
N TYR B 197 -2.87 29.79 13.71
CA TYR B 197 -3.43 28.54 14.22
C TYR B 197 -3.36 28.50 15.75
N ARG B 198 -2.31 29.07 16.33
CA ARG B 198 -2.19 29.09 17.78
C ARG B 198 -3.38 29.82 18.41
N ALA B 199 -3.77 30.95 17.83
CA ALA B 199 -4.82 31.77 18.42
C ALA B 199 -6.19 31.11 18.29
N CYS B 200 -6.52 30.60 17.11
CA CYS B 200 -7.84 30.03 16.82
C CYS B 200 -7.69 28.68 16.13
N PRO B 201 -7.44 27.61 16.88
CA PRO B 201 -7.34 26.28 16.25
C PRO B 201 -8.62 25.83 15.56
N GLY B 202 -9.78 26.24 16.05
CA GLY B 202 -11.02 25.75 15.49
C GLY B 202 -11.31 26.23 14.08
N LEU B 203 -10.82 27.41 13.72
CA LEU B 203 -11.09 28.02 12.43
C LEU B 203 -9.92 28.00 11.49
N VAL B 204 -8.71 28.24 12.00
CA VAL B 204 -7.52 28.34 11.17
C VAL B 204 -7.07 26.95 10.74
N GLY B 205 -6.69 26.81 9.48
CA GLY B 205 -6.26 25.54 8.94
C GLY B 205 -4.87 25.62 8.34
N GLY B 206 -4.66 24.93 7.23
CA GLY B 206 -3.40 25.02 6.51
C GLY B 206 -2.43 23.91 6.86
N TYR B 207 -1.16 24.27 7.02
CA TYR B 207 -0.14 23.26 7.31
C TYR B 207 -0.26 22.75 8.75
N PHE B 208 -0.50 23.65 9.70
CA PHE B 208 -0.54 23.23 11.09
C PHE B 208 -1.79 22.42 11.41
N ALA B 209 -2.92 22.74 10.81
CA ALA B 209 -4.10 21.90 11.00
C ALA B 209 -3.90 20.52 10.40
N LYS B 210 -3.32 20.46 9.20
CA LYS B 210 -2.97 19.17 8.62
C LYS B 210 -2.07 18.38 9.55
N LYS B 211 -1.07 19.05 10.14
CA LYS B 211 -0.16 18.39 11.07
C LYS B 211 -0.91 17.87 12.30
N ALA B 212 -1.79 18.69 12.86
CA ALA B 212 -2.45 18.31 14.12
C ALA B 212 -3.44 17.18 13.90
N ALA B 213 -4.23 17.25 12.82
CA ALA B 213 -5.17 16.18 12.53
C ALA B 213 -4.46 14.89 12.15
N ALA B 214 -3.36 15.01 11.40
CA ALA B 214 -2.54 13.85 11.04
C ALA B 214 -1.52 13.58 12.15
N GLY B 215 -2.05 13.19 13.30
CA GLY B 215 -1.21 12.94 14.46
C GLY B 215 -2.08 12.60 15.65
N GLU B 216 -1.43 12.51 16.81
CA GLU B 216 -2.15 12.20 18.03
C GLU B 216 -3.11 13.32 18.38
N ARG B 217 -4.29 12.95 18.87
CA ARG B 217 -5.35 13.90 19.20
C ARG B 217 -5.61 13.86 20.71
N GLY B 218 -5.17 14.90 21.41
CA GLY B 218 -5.42 15.01 22.82
C GLY B 218 -6.89 15.26 23.11
N LYS B 219 -7.20 15.41 24.40
CA LYS B 219 -8.57 15.69 24.79
C LYS B 219 -9.00 17.08 24.33
N ASN B 220 -8.11 18.06 24.46
CA ASN B 220 -8.39 19.43 24.02
C ASN B 220 -7.98 19.58 22.55
N TYR B 221 -8.64 18.78 21.71
CA TYR B 221 -8.44 18.81 20.27
C TYR B 221 -9.68 19.39 19.61
N LYS B 222 -9.49 20.42 18.81
CA LYS B 222 -10.59 21.14 18.17
C LYS B 222 -10.54 20.90 16.67
N LYS B 223 -11.71 20.63 16.08
CA LYS B 223 -11.82 20.24 14.68
C LYS B 223 -11.96 21.49 13.81
N LEU B 224 -11.34 21.44 12.63
CA LEU B 224 -11.36 22.58 11.73
C LEU B 224 -12.76 22.80 11.20
N ASN B 225 -13.34 23.95 11.51
CA ASN B 225 -14.70 24.32 11.12
C ASN B 225 -14.63 25.28 9.94
N GLN B 226 -14.52 24.74 8.73
CA GLN B 226 -14.36 25.60 7.56
C GLN B 226 -15.56 26.52 7.38
N THR B 227 -16.73 26.12 7.85
CA THR B 227 -17.94 26.92 7.68
C THR B 227 -18.46 27.47 9.00
N ALA B 228 -17.58 27.68 9.98
CA ALA B 228 -17.98 28.38 11.18
C ALA B 228 -18.39 29.81 10.82
N ILE B 229 -19.39 30.34 11.52
CA ILE B 229 -19.93 31.65 11.19
C ILE B 229 -19.12 32.72 11.92
N ILE B 230 -18.40 33.52 11.15
CA ILE B 230 -17.59 34.62 11.66
C ILE B 230 -18.25 35.93 11.21
N PRO B 231 -18.64 36.82 12.11
CA PRO B 231 -19.27 38.06 11.68
C PRO B 231 -18.30 38.90 10.89
N PRO B 232 -18.79 39.74 9.98
CA PRO B 232 -17.89 40.65 9.28
C PRO B 232 -17.19 41.56 10.28
N PRO B 233 -15.94 41.95 9.99
CA PRO B 233 -15.18 42.72 11.00
C PRO B 233 -15.89 43.95 11.49
N ARG B 234 -16.59 44.67 10.62
CA ARG B 234 -17.35 45.83 11.08
C ARG B 234 -18.41 45.43 12.08
N PHE B 235 -18.80 44.15 12.09
CA PHE B 235 -19.68 43.63 13.13
C PHE B 235 -18.90 42.99 14.27
N LEU B 236 -17.73 42.41 13.98
CA LEU B 236 -16.98 41.71 15.02
C LEU B 236 -16.42 42.69 16.04
N ILE B 237 -15.95 43.86 15.60
CA ILE B 237 -15.34 44.82 16.51
C ILE B 237 -16.36 45.68 17.23
N ILE B 238 -17.66 45.40 17.09
CA ILE B 238 -18.71 46.04 17.88
C ILE B 238 -19.62 45.03 18.56
N GLY B 239 -19.33 43.74 18.45
CA GLY B 239 -20.08 42.73 19.17
C GLY B 239 -21.39 42.33 18.54
N HIS B 240 -21.83 43.00 17.47
CA HIS B 240 -23.05 42.61 16.80
C HIS B 240 -22.96 41.18 16.30
N ARG B 241 -24.01 40.41 16.51
CA ARG B 241 -24.04 39.00 16.16
C ARG B 241 -24.79 38.82 14.84
N LEU B 242 -24.12 38.21 13.86
CA LEU B 242 -24.74 38.00 12.57
C LEU B 242 -26.06 37.27 12.72
N GLN B 243 -27.11 37.82 12.12
CA GLN B 243 -28.45 37.27 12.25
C GLN B 243 -29.26 37.68 11.03
N ILE B 244 -30.56 37.44 11.10
CA ILE B 244 -31.45 37.75 9.99
C ILE B 244 -31.84 39.22 10.04
N GLY B 245 -31.87 39.87 8.88
CA GLY B 245 -32.43 41.20 8.76
C GLY B 245 -31.45 42.35 8.82
N ASP B 246 -30.15 42.10 8.72
CA ASP B 246 -29.16 43.16 8.70
C ASP B 246 -28.55 43.28 7.31
N GLN B 247 -28.12 44.51 6.96
CA GLN B 247 -27.67 44.80 5.61
C GLN B 247 -26.20 44.47 5.45
N VAL B 248 -25.88 43.62 4.48
CA VAL B 248 -24.52 43.24 4.14
C VAL B 248 -24.45 43.02 2.63
N THR B 249 -23.24 42.75 2.14
CA THR B 249 -23.01 42.49 0.73
C THR B 249 -22.84 40.99 0.49
N LEU B 250 -23.25 40.56 -0.70
CA LEU B 250 -23.27 39.14 -1.01
C LEU B 250 -21.92 38.50 -0.72
N ARG B 251 -20.83 39.16 -1.11
CA ARG B 251 -19.51 38.64 -0.77
C ARG B 251 -19.31 38.61 0.73
N GLU B 252 -19.81 39.63 1.44
CA GLU B 252 -19.70 39.63 2.90
C GLU B 252 -20.39 38.43 3.51
N LEU B 253 -21.65 38.18 3.11
CA LEU B 253 -22.37 37.04 3.67
C LEU B 253 -21.69 35.72 3.32
N LEU B 254 -21.31 35.55 2.05
CA LEU B 254 -20.74 34.28 1.62
C LEU B 254 -19.41 34.00 2.30
N ALA B 255 -18.60 35.04 2.52
CA ALA B 255 -17.34 34.83 3.20
C ALA B 255 -17.52 34.80 4.71
N SER B 256 -18.68 35.22 5.19
CA SER B 256 -19.01 35.04 6.60
C SER B 256 -19.38 33.60 6.91
N ILE B 257 -20.21 32.98 6.07
CA ILE B 257 -20.74 31.65 6.36
C ILE B 257 -20.15 30.55 5.48
N ALA B 258 -19.32 30.89 4.50
CA ALA B 258 -18.70 29.89 3.64
C ALA B 258 -17.50 30.53 2.96
N TRP B 259 -16.95 29.87 1.95
CA TRP B 259 -15.83 30.42 1.19
C TRP B 259 -16.01 30.05 -0.28
N GLY B 260 -14.94 30.20 -1.05
CA GLY B 260 -15.06 30.09 -2.50
C GLY B 260 -15.56 28.74 -2.95
N LEU B 261 -14.99 27.67 -2.40
CA LEU B 261 -15.23 26.33 -2.91
C LEU B 261 -16.35 25.58 -2.19
N CYS B 262 -17.06 26.23 -1.28
CA CYS B 262 -18.30 25.63 -0.79
C CYS B 262 -19.34 25.65 -1.89
N ASP B 263 -20.40 24.86 -1.72
CA ASP B 263 -21.43 24.79 -2.75
C ASP B 263 -22.11 26.14 -2.89
N GLY B 264 -22.64 26.41 -4.08
CA GLY B 264 -23.21 27.70 -4.40
C GLY B 264 -24.55 27.99 -3.75
N VAL B 265 -25.26 26.97 -3.28
CA VAL B 265 -26.59 27.16 -2.74
C VAL B 265 -26.59 28.14 -1.57
N LEU B 266 -25.44 28.36 -0.93
CA LEU B 266 -25.37 29.29 0.19
C LEU B 266 -25.73 30.70 -0.22
N ALA B 267 -25.64 31.04 -1.51
CA ALA B 267 -26.09 32.35 -1.96
C ALA B 267 -27.55 32.58 -1.64
N GLU B 268 -28.31 31.51 -1.41
CA GLU B 268 -29.72 31.63 -1.03
C GLU B 268 -29.90 32.32 0.31
N CYS B 269 -28.85 32.45 1.11
CA CYS B 269 -28.96 33.16 2.37
C CYS B 269 -29.04 34.67 2.19
N TRP B 270 -28.84 35.19 0.99
CA TRP B 270 -28.87 36.61 0.71
C TRP B 270 -30.05 36.96 -0.17
N SER B 271 -30.53 38.20 -0.02
CA SER B 271 -31.57 38.71 -0.89
C SER B 271 -31.33 40.19 -1.15
N PRO B 272 -31.21 40.62 -2.41
CA PRO B 272 -30.97 42.04 -2.67
C PRO B 272 -32.17 42.89 -2.25
N SER B 273 -31.87 44.11 -1.84
CA SER B 273 -32.90 45.05 -1.41
C SER B 273 -33.43 45.81 -2.63
N GLN B 274 -34.22 46.86 -2.39
CA GLN B 274 -34.79 47.64 -3.48
C GLN B 274 -33.69 48.36 -4.24
N GLY B 275 -33.69 48.21 -5.55
CA GLY B 275 -32.67 48.82 -6.40
C GLY B 275 -31.34 48.12 -6.39
N ASP B 276 -31.23 46.98 -5.70
CA ASP B 276 -29.96 46.26 -5.62
C ASP B 276 -28.88 47.16 -5.04
N GLY B 277 -28.08 47.80 -5.90
CA GLY B 277 -27.03 48.66 -5.42
C GLY B 277 -25.91 47.95 -4.70
N SER B 278 -25.80 46.63 -4.87
CA SER B 278 -24.81 45.78 -4.22
C SER B 278 -24.98 45.73 -2.71
N ILE B 279 -26.14 46.11 -2.18
CA ILE B 279 -26.46 45.98 -0.76
C ILE B 279 -27.81 45.32 -0.65
N GLY B 280 -27.86 44.18 0.05
CA GLY B 280 -29.09 43.44 0.24
C GLY B 280 -29.34 43.21 1.72
N VAL B 281 -29.71 41.96 2.05
CA VAL B 281 -29.99 41.60 3.43
C VAL B 281 -29.81 40.10 3.58
N VAL B 282 -29.60 39.67 4.81
CA VAL B 282 -29.53 38.24 5.14
C VAL B 282 -30.95 37.72 5.33
N VAL B 283 -31.31 36.70 4.58
CA VAL B 283 -32.61 36.06 4.68
C VAL B 283 -32.50 34.66 5.26
N GLY B 284 -31.44 34.37 6.01
CA GLY B 284 -31.29 33.09 6.64
C GLY B 284 -29.83 32.83 6.97
N LEU B 285 -29.60 31.69 7.60
CA LEU B 285 -28.26 31.20 7.86
C LEU B 285 -28.30 29.68 7.84
N PRO B 286 -27.32 29.03 7.21
CA PRO B 286 -27.40 27.58 7.07
C PRO B 286 -27.37 26.88 8.41
N LEU B 287 -28.06 25.75 8.47
CA LEU B 287 -28.00 24.89 9.64
C LEU B 287 -26.97 23.78 9.43
N GLN B 288 -26.51 23.21 10.54
CA GLN B 288 -25.53 22.14 10.50
C GLN B 288 -24.18 22.64 9.98
N ALA B 289 -23.88 23.91 10.25
CA ALA B 289 -22.60 24.47 9.84
C ALA B 289 -21.43 23.65 10.37
N THR B 290 -21.45 23.29 11.65
CA THR B 290 -20.37 22.54 12.26
C THR B 290 -20.94 21.33 12.99
N GLY B 291 -20.17 20.25 12.99
CA GLY B 291 -20.60 19.02 13.61
C GLY B 291 -21.59 18.26 12.79
N SER B 292 -21.19 17.82 11.60
CA SER B 292 -21.99 16.96 10.75
C SER B 292 -21.33 15.60 10.66
N CYS B 293 -22.04 14.56 11.08
CA CYS B 293 -21.52 13.20 11.11
C CYS B 293 -22.57 12.26 10.54
N PHE B 294 -22.21 11.56 9.47
CA PHE B 294 -23.13 10.76 8.70
C PHE B 294 -22.79 9.28 8.78
N LEU B 295 -22.07 8.88 9.83
CA LEU B 295 -21.73 7.49 10.06
C LEU B 295 -22.88 6.77 10.75
N VAL B 296 -22.90 5.45 10.60
CA VAL B 296 -23.79 4.60 11.39
C VAL B 296 -23.02 3.33 11.72
N VAL B 297 -22.55 3.23 12.97
CA VAL B 297 -21.77 2.07 13.38
C VAL B 297 -22.66 0.83 13.40
N ALA B 298 -22.04 -0.33 13.22
CA ALA B 298 -22.76 -1.58 13.33
C ALA B 298 -23.25 -1.77 14.76
N SER B 299 -24.42 -2.38 14.91
CA SER B 299 -24.98 -2.59 16.24
C SER B 299 -26.18 -3.53 16.14
N HIS B 300 -26.32 -4.39 17.14
CA HIS B 300 -27.48 -5.27 17.27
C HIS B 300 -27.71 -6.07 15.99
N GLY B 301 -26.63 -6.59 15.41
CA GLY B 301 -26.72 -7.42 14.23
C GLY B 301 -26.88 -6.67 12.93
N LEU B 302 -26.61 -5.36 12.92
CA LEU B 302 -26.67 -4.58 11.69
C LEU B 302 -25.27 -4.28 11.18
N SER B 303 -25.19 -3.93 9.90
CA SER B 303 -23.90 -3.67 9.26
C SER B 303 -23.56 -2.19 9.35
N ALA B 304 -22.28 -1.91 9.59
CA ALA B 304 -21.83 -0.54 9.69
C ALA B 304 -21.92 0.17 8.34
N ILE B 305 -22.24 1.45 8.39
CA ILE B 305 -22.32 2.29 7.20
C ILE B 305 -21.32 3.44 7.37
N ALA B 306 -20.48 3.65 6.37
CA ALA B 306 -19.48 4.71 6.42
C ALA B 306 -20.04 6.07 6.01
N ASP B 307 -21.25 6.10 5.45
CA ASP B 307 -21.89 7.36 5.08
C ASP B 307 -23.37 7.09 4.84
N SER B 308 -24.22 7.82 5.55
CA SER B 308 -25.66 7.56 5.46
C SER B 308 -26.20 7.89 4.07
N ARG B 309 -25.69 8.95 3.45
CA ARG B 309 -26.30 9.47 2.23
C ARG B 309 -26.02 8.54 1.04
N ILE B 310 -24.73 8.33 0.74
CA ILE B 310 -24.37 7.63 -0.49
C ILE B 310 -24.86 6.18 -0.48
N GLU B 311 -25.04 5.60 0.70
CA GLU B 311 -25.35 4.18 0.78
C GLU B 311 -26.61 3.84 0.00
N GLY B 312 -27.74 4.41 0.41
CA GLY B 312 -29.01 4.23 -0.29
C GLY B 312 -29.21 2.85 -0.88
N THR B 313 -29.47 2.80 -2.19
CA THR B 313 -29.60 1.55 -2.92
C THR B 313 -28.73 1.47 -4.16
N GLY B 314 -28.15 2.59 -4.60
CA GLY B 314 -27.38 2.62 -5.83
C GLY B 314 -27.56 3.93 -6.58
N ASN B 315 -28.63 4.65 -6.26
CA ASN B 315 -28.85 5.98 -6.82
C ASN B 315 -27.94 6.97 -6.11
N THR B 316 -26.84 7.34 -6.77
CA THR B 316 -25.82 8.21 -6.18
C THR B 316 -25.94 9.65 -6.69
N ASN B 317 -27.15 10.13 -6.94
CA ASN B 317 -27.35 11.49 -7.41
C ASN B 317 -26.97 12.45 -6.29
N LEU B 318 -25.80 13.07 -6.41
CA LEU B 318 -25.35 14.02 -5.41
C LEU B 318 -26.00 15.40 -5.55
N LEU B 319 -26.53 15.71 -6.73
CA LEU B 319 -27.16 17.00 -6.95
C LEU B 319 -28.57 17.08 -6.36
N GLU B 320 -29.10 15.98 -5.85
CA GLU B 320 -30.42 15.96 -5.23
C GLU B 320 -30.39 16.25 -3.74
N GLU B 321 -29.20 16.36 -3.14
CA GLU B 321 -29.10 16.69 -1.73
C GLU B 321 -29.58 18.11 -1.48
N CYS B 322 -29.78 18.44 -0.21
CA CYS B 322 -30.30 19.74 0.18
C CYS B 322 -29.52 20.26 1.39
N ILE B 323 -29.66 21.56 1.64
CA ILE B 323 -29.14 22.19 2.85
C ILE B 323 -30.29 22.82 3.60
N ALA B 324 -30.15 22.88 4.92
CA ALA B 324 -31.18 23.41 5.80
C ALA B 324 -30.83 24.85 6.16
N ILE B 325 -31.72 25.79 5.82
CA ILE B 325 -31.51 27.21 6.06
C ILE B 325 -32.53 27.66 7.10
N GLN B 326 -32.04 28.40 8.09
CA GLN B 326 -32.87 28.93 9.18
C GLN B 326 -33.38 30.31 8.75
N LYS B 327 -34.59 30.35 8.21
CA LYS B 327 -35.23 31.61 7.86
C LYS B 327 -35.93 32.19 9.08
N GLN B 328 -36.50 33.38 8.90
CA GLN B 328 -37.28 33.98 9.98
C GLN B 328 -38.49 33.12 10.32
N ASP B 329 -39.16 32.56 9.31
CA ASP B 329 -40.30 31.69 9.56
C ASP B 329 -39.87 30.36 10.17
N GLY B 330 -38.84 29.74 9.61
CA GLY B 330 -38.39 28.46 10.12
C GLY B 330 -37.35 27.85 9.21
N VAL B 331 -37.07 26.58 9.47
CA VAL B 331 -36.08 25.84 8.69
C VAL B 331 -36.69 25.38 7.39
N ILE B 332 -35.96 25.59 6.29
CA ILE B 332 -36.38 25.11 4.98
C ILE B 332 -35.23 24.35 4.34
N LYS B 333 -35.56 23.43 3.45
CA LYS B 333 -34.57 22.62 2.72
C LYS B 333 -34.48 23.15 1.29
N CYS B 334 -33.26 23.50 0.88
CA CYS B 334 -33.01 24.04 -0.44
C CYS B 334 -32.08 23.11 -1.20
N LYS B 335 -32.42 22.80 -2.45
CA LYS B 335 -31.62 21.89 -3.26
C LYS B 335 -30.28 22.53 -3.59
N ARG B 336 -29.22 21.72 -3.53
CA ARG B 336 -27.88 22.22 -3.83
C ARG B 336 -27.76 22.55 -5.32
N SER B 337 -26.83 23.46 -5.62
CA SER B 337 -26.60 23.88 -7.00
C SER B 337 -25.48 23.10 -7.67
N GLY B 338 -24.51 22.61 -6.89
CA GLY B 338 -23.47 21.76 -7.41
C GLY B 338 -22.25 22.48 -7.93
N LYS B 339 -22.33 23.79 -8.14
CA LYS B 339 -21.20 24.59 -8.62
C LYS B 339 -20.65 25.42 -7.47
N SER B 340 -19.35 25.32 -7.25
CA SER B 340 -18.73 26.03 -6.14
C SER B 340 -19.06 27.52 -6.20
N LEU B 341 -18.97 28.17 -5.04
CA LEU B 341 -19.29 29.60 -4.97
C LEU B 341 -18.37 30.42 -5.85
N TYR B 342 -17.08 30.07 -5.89
CA TYR B 342 -16.13 30.76 -6.75
C TYR B 342 -16.60 30.74 -8.19
N HIS B 343 -16.89 29.55 -8.70
CA HIS B 343 -17.30 29.41 -10.10
C HIS B 343 -18.64 30.09 -10.35
N CYS B 344 -19.58 29.97 -9.42
CA CYS B 344 -20.89 30.59 -9.62
C CYS B 344 -20.79 32.11 -9.65
N LEU B 345 -20.00 32.68 -8.74
CA LEU B 345 -19.81 34.13 -8.75
C LEU B 345 -19.11 34.58 -10.02
N LYS B 346 -18.10 33.81 -10.47
CA LYS B 346 -17.47 34.12 -11.74
C LYS B 346 -18.49 34.15 -12.87
N GLU B 347 -19.29 33.09 -13.01
CA GLU B 347 -20.23 33.00 -14.12
C GLU B 347 -21.29 34.09 -14.05
N THR B 348 -21.74 34.45 -12.84
CA THR B 348 -22.77 35.47 -12.69
C THR B 348 -22.19 36.88 -12.61
N ALA B 349 -20.87 37.04 -12.76
CA ALA B 349 -20.25 38.35 -12.73
C ALA B 349 -20.79 39.23 -13.85
N GLU C 34 6.85 56.27 -23.44
CA GLU C 34 6.57 55.60 -24.71
C GLU C 34 6.51 54.10 -24.52
N LEU C 35 7.53 53.53 -23.87
CA LEU C 35 7.59 52.11 -23.61
C LEU C 35 8.02 51.87 -22.17
N PRO C 36 7.50 50.83 -21.52
CA PRO C 36 7.95 50.52 -20.16
C PRO C 36 9.43 50.19 -20.13
N ARG C 37 9.94 50.00 -18.90
CA ARG C 37 11.36 49.74 -18.73
C ARG C 37 11.79 48.45 -19.41
N ASN C 38 11.00 47.38 -19.27
CA ASN C 38 11.41 46.08 -19.79
C ASN C 38 11.61 46.12 -21.29
N LEU C 39 10.60 46.60 -22.02
CA LEU C 39 10.66 46.58 -23.48
C LEU C 39 11.72 47.54 -23.99
N GLU C 40 11.87 48.70 -23.34
CA GLU C 40 12.94 49.63 -23.72
C GLU C 40 14.30 48.98 -23.56
N VAL C 41 14.53 48.29 -22.43
CA VAL C 41 15.81 47.63 -22.20
C VAL C 41 16.03 46.57 -23.27
N PHE C 42 15.01 45.77 -23.56
CA PHE C 42 15.16 44.70 -24.54
C PHE C 42 15.51 45.28 -25.91
N ASN C 43 14.79 46.31 -26.35
CA ASN C 43 15.06 46.90 -27.65
C ASN C 43 16.47 47.49 -27.70
N GLU C 44 16.89 48.18 -26.63
CA GLU C 44 18.22 48.76 -26.62
C GLU C 44 19.29 47.68 -26.71
N ALA C 45 19.15 46.62 -25.92
CA ALA C 45 20.15 45.56 -25.93
C ALA C 45 20.22 44.88 -27.28
N CYS C 46 19.05 44.56 -27.86
CA CYS C 46 19.06 43.88 -29.15
C CYS C 46 19.65 44.77 -30.23
N GLY C 47 19.27 46.05 -30.26
CA GLY C 47 19.85 46.96 -31.24
C GLY C 47 21.35 47.08 -31.10
N HIS C 48 21.83 47.12 -29.85
CA HIS C 48 23.27 47.16 -29.63
C HIS C 48 23.94 45.91 -30.18
N VAL C 49 23.42 44.74 -29.85
CA VAL C 49 24.14 43.50 -30.17
C VAL C 49 24.09 43.23 -31.67
N PHE C 50 22.91 43.31 -32.28
CA PHE C 50 22.72 42.84 -33.65
C PHE C 50 22.79 43.95 -34.68
N GLY C 51 23.05 45.18 -34.27
CA GLY C 51 23.11 46.27 -35.24
C GLY C 51 21.81 46.41 -36.00
N SER C 52 21.92 46.56 -37.32
CA SER C 52 20.77 46.73 -38.19
C SER C 52 20.26 45.41 -38.77
N SER C 53 20.95 44.29 -38.51
CA SER C 53 20.48 43.00 -38.99
C SER C 53 19.27 42.49 -38.22
N PHE C 54 18.88 43.17 -37.14
CA PHE C 54 17.80 42.73 -36.28
C PHE C 54 16.49 43.28 -36.82
N ASN C 55 15.63 42.38 -37.34
CA ASN C 55 14.33 42.76 -37.86
C ASN C 55 13.33 42.90 -36.72
N ARG C 56 12.56 43.99 -36.73
CA ARG C 56 11.63 44.30 -35.66
C ARG C 56 10.23 43.74 -35.90
N GLU C 57 10.00 43.11 -37.06
CA GLU C 57 8.66 42.67 -37.43
C GLU C 57 8.57 41.19 -37.76
N ASP C 58 9.65 40.44 -37.63
CA ASP C 58 9.64 39.00 -37.89
C ASP C 58 9.71 38.26 -36.57
N ASN C 59 8.69 37.46 -36.28
CA ASN C 59 8.61 36.78 -34.99
C ASN C 59 9.78 35.81 -34.82
N SER C 60 10.12 35.07 -35.88
CA SER C 60 11.22 34.12 -35.77
C SER C 60 12.53 34.81 -35.47
N VAL C 61 12.80 35.94 -36.14
CA VAL C 61 14.04 36.67 -35.91
C VAL C 61 14.10 37.17 -34.47
N ILE C 62 13.00 37.76 -33.99
CA ILE C 62 12.97 38.27 -32.62
C ILE C 62 13.19 37.13 -31.63
N SER C 63 12.57 35.98 -31.89
CA SER C 63 12.71 34.85 -30.97
C SER C 63 14.14 34.33 -30.96
N ASP C 64 14.78 34.25 -32.13
CA ASP C 64 16.17 33.80 -32.17
C ASP C 64 17.08 34.78 -31.43
N ALA C 65 16.88 36.08 -31.66
CA ALA C 65 17.69 37.07 -30.95
C ALA C 65 17.45 37.00 -29.45
N ALA C 66 16.20 36.79 -29.03
CA ALA C 66 15.89 36.69 -27.61
C ALA C 66 16.55 35.47 -27.00
N ALA C 67 16.54 34.34 -27.70
CA ALA C 67 17.19 33.15 -27.18
C ALA C 67 18.70 33.39 -27.04
N PHE C 68 19.31 34.03 -28.03
CA PHE C 68 20.75 34.31 -27.94
C PHE C 68 21.04 35.24 -26.78
N LEU C 69 20.23 36.29 -26.60
CA LEU C 69 20.43 37.20 -25.48
C LEU C 69 20.27 36.48 -24.14
N PHE C 70 19.26 35.62 -24.04
CA PHE C 70 19.06 34.84 -22.82
C PHE C 70 20.27 33.96 -22.54
N LYS C 71 20.84 33.35 -23.57
CA LYS C 71 22.06 32.58 -23.40
C LYS C 71 23.20 33.47 -22.91
N MET C 72 23.32 34.67 -23.48
CA MET C 72 24.41 35.56 -23.10
C MET C 72 24.30 35.99 -21.64
N HIS C 73 23.10 36.36 -21.20
CA HIS C 73 22.91 36.87 -19.85
C HIS C 73 22.91 35.78 -18.80
N THR C 74 22.93 34.51 -19.20
CA THR C 74 23.01 33.39 -18.27
C THR C 74 24.40 32.77 -18.22
N HIS C 75 25.38 33.39 -18.88
CA HIS C 75 26.75 32.86 -18.92
C HIS C 75 26.77 31.44 -19.47
N SER C 76 25.91 31.17 -20.44
CA SER C 76 25.89 29.88 -21.13
C SER C 76 26.71 29.89 -22.42
N LEU C 77 27.17 31.05 -22.86
CA LEU C 77 27.95 31.13 -24.08
C LEU C 77 29.42 30.84 -23.79
N ASP C 78 30.14 30.44 -24.83
CA ASP C 78 31.54 30.10 -24.70
C ASP C 78 32.35 31.32 -24.29
N GLY C 79 33.38 31.09 -23.48
CA GLY C 79 34.24 32.16 -23.03
C GLY C 79 33.72 32.95 -21.84
N GLN C 80 32.65 32.48 -21.19
CA GLN C 80 32.08 33.15 -20.04
C GLN C 80 32.42 32.38 -18.76
N GLU C 81 32.09 33.00 -17.63
CA GLU C 81 32.40 32.39 -16.34
C GLU C 81 31.76 31.01 -16.24
N ALA C 82 32.52 30.05 -15.71
CA ALA C 82 32.01 28.71 -15.50
C ALA C 82 31.13 28.66 -14.25
N LYS C 83 30.24 27.68 -14.23
CA LYS C 83 29.40 27.42 -13.07
C LYS C 83 29.97 26.20 -12.33
N VAL C 84 30.66 26.45 -11.22
CA VAL C 84 31.40 25.41 -10.52
C VAL C 84 31.05 25.43 -9.04
N LEU C 85 30.13 26.31 -8.65
CA LEU C 85 29.78 26.47 -7.24
C LEU C 85 29.53 25.12 -6.56
N ARG C 86 28.54 24.39 -7.06
CA ARG C 86 28.23 23.05 -6.55
C ARG C 86 28.13 22.06 -7.70
N ALA C 87 28.86 22.30 -8.78
CA ALA C 87 28.78 21.48 -9.97
C ALA C 87 29.43 20.12 -9.76
N SER C 88 28.81 19.09 -10.34
CA SER C 88 29.39 17.76 -10.33
C SER C 88 30.57 17.70 -11.29
N GLU C 89 31.40 16.65 -11.11
CA GLU C 89 32.63 16.56 -11.88
C GLU C 89 32.38 16.66 -13.38
N LYS C 90 31.35 15.96 -13.87
CA LYS C 90 31.00 16.08 -15.29
C LYS C 90 30.55 17.50 -15.62
N LYS C 91 29.74 18.11 -14.75
CA LYS C 91 29.34 19.49 -14.96
C LYS C 91 30.55 20.41 -14.94
N ARG C 92 31.49 20.17 -14.01
CA ARG C 92 32.70 20.99 -13.96
C ARG C 92 33.50 20.88 -15.25
N GLU C 93 33.61 19.66 -15.79
CA GLU C 93 34.31 19.46 -17.05
C GLU C 93 33.61 20.20 -18.17
N ARG C 94 32.28 20.11 -18.23
CA ARG C 94 31.54 20.82 -19.28
C ARG C 94 31.77 22.32 -19.18
N GLU C 95 31.69 22.87 -17.97
CA GLU C 95 31.86 24.32 -17.82
C GLU C 95 33.28 24.74 -18.15
N ASN C 96 34.27 23.93 -17.77
CA ASN C 96 35.65 24.27 -18.10
C ASN C 96 35.87 24.22 -19.60
N ALA C 97 35.27 23.24 -20.29
CA ALA C 97 35.37 23.19 -21.74
C ALA C 97 34.73 24.41 -22.37
N LYS C 98 33.58 24.83 -21.85
CA LYS C 98 32.93 26.04 -22.35
C LYS C 98 33.81 27.26 -22.17
N LYS C 99 34.40 27.40 -20.97
CA LYS C 99 35.25 28.55 -20.70
C LYS C 99 36.48 28.56 -21.60
N SER C 100 37.11 27.40 -21.77
CA SER C 100 38.27 27.33 -22.65
C SER C 100 37.91 27.60 -24.10
N ARG C 101 36.70 27.23 -24.51
CA ARG C 101 36.28 27.46 -25.88
C ARG C 101 36.24 28.95 -26.18
N LYS C 102 36.75 29.31 -27.36
CA LYS C 102 36.78 30.72 -27.75
C LYS C 102 35.36 31.26 -27.88
N ALA C 103 35.19 32.52 -27.49
CA ALA C 103 33.89 33.16 -27.57
C ALA C 103 33.52 33.43 -29.02
N PRO C 104 32.23 33.59 -29.31
CA PRO C 104 31.83 33.91 -30.69
C PRO C 104 32.50 35.19 -31.18
N GLU C 105 32.85 35.20 -32.46
CA GLU C 105 33.54 36.32 -33.07
C GLU C 105 32.53 37.29 -33.69
N ALA C 106 32.98 38.53 -33.87
CA ALA C 106 32.13 39.55 -34.47
C ALA C 106 31.72 39.14 -35.88
N GLY C 107 30.47 39.43 -36.22
CA GLY C 107 29.92 39.04 -37.50
C GLY C 107 29.45 37.61 -37.59
N MET C 108 29.63 36.83 -36.52
CA MET C 108 29.18 35.44 -36.53
C MET C 108 27.68 35.37 -36.74
N ARG C 109 27.26 34.42 -37.57
CA ARG C 109 25.83 34.25 -37.83
C ARG C 109 25.13 33.65 -36.61
N VAL C 110 23.90 34.10 -36.38
CA VAL C 110 23.03 33.53 -35.36
C VAL C 110 21.66 33.33 -36.00
N GLY C 111 21.06 32.17 -35.78
CA GLY C 111 19.78 31.90 -36.39
C GLY C 111 19.88 31.99 -37.90
N ARG C 112 18.91 32.66 -38.53
CA ARG C 112 18.83 32.76 -39.99
C ARG C 112 19.34 34.10 -40.49
N SER C 113 18.76 35.20 -40.04
CA SER C 113 19.04 36.54 -40.56
C SER C 113 19.52 37.47 -39.44
N LEU C 114 20.33 36.94 -38.53
CA LEU C 114 20.93 37.73 -37.47
C LEU C 114 22.43 37.62 -37.57
N ILE C 115 23.11 38.76 -37.50
CA ILE C 115 24.57 38.83 -37.59
C ILE C 115 25.08 39.68 -36.44
N LEU C 116 26.10 39.17 -35.75
CA LEU C 116 26.65 39.89 -34.60
C LEU C 116 27.44 41.10 -35.05
N THR C 117 27.39 42.15 -34.24
CA THR C 117 28.18 43.35 -34.48
C THR C 117 29.53 43.23 -33.79
N SER C 118 30.44 44.15 -34.15
CA SER C 118 31.74 44.19 -33.50
C SER C 118 31.65 44.75 -32.09
N ARG C 119 30.51 45.32 -31.71
CA ARG C 119 30.32 45.91 -30.39
C ARG C 119 29.63 44.97 -29.41
N TRP C 120 29.34 43.74 -29.82
CA TRP C 120 28.67 42.81 -28.92
C TRP C 120 29.54 42.51 -27.70
N THR C 121 30.86 42.48 -27.87
CA THR C 121 31.74 42.21 -26.74
C THR C 121 31.59 43.29 -25.66
N GLU C 122 31.53 44.56 -26.08
CA GLU C 122 31.39 45.64 -25.12
C GLU C 122 30.08 45.53 -24.35
N TYR C 123 28.98 45.26 -25.04
CA TYR C 123 27.71 45.11 -24.35
C TYR C 123 27.73 43.93 -23.39
N CYS C 124 28.30 42.80 -23.83
CA CYS C 124 28.38 41.63 -22.96
C CYS C 124 29.21 41.93 -21.72
N ALA C 125 30.30 42.68 -21.88
CA ALA C 125 31.15 43.00 -20.73
C ALA C 125 30.49 44.02 -19.81
N THR C 126 29.63 44.88 -20.35
CA THR C 126 29.07 45.98 -19.57
C THR C 126 27.76 45.60 -18.89
N CYS C 127 26.75 45.23 -19.68
CA CYS C 127 25.39 45.09 -19.17
C CYS C 127 25.10 43.72 -18.57
N VAL C 128 26.03 42.75 -18.67
CA VAL C 128 25.82 41.41 -18.15
C VAL C 128 26.35 41.37 -16.72
N PRO C 129 25.50 41.24 -15.70
CA PRO C 129 26.02 41.15 -14.34
C PRO C 129 26.94 39.96 -14.17
N ALA C 130 27.95 40.14 -13.32
CA ALA C 130 28.93 39.08 -13.09
C ALA C 130 28.24 37.85 -12.49
N LEU C 131 28.76 36.69 -12.86
CA LEU C 131 28.18 35.44 -12.38
C LEU C 131 28.07 35.43 -10.87
N GLY C 132 26.94 34.95 -10.36
CA GLY C 132 26.67 34.95 -8.94
C GLY C 132 26.11 36.24 -8.40
N SER C 133 25.94 37.25 -9.24
CA SER C 133 25.39 38.52 -8.77
C SER C 133 24.01 38.31 -8.17
N LYS C 134 23.81 38.86 -6.97
CA LYS C 134 22.53 38.79 -6.27
C LYS C 134 22.06 40.19 -5.95
N MET C 135 20.76 40.42 -6.13
CA MET C 135 20.22 41.77 -5.96
C MET C 135 20.47 42.30 -4.55
N LYS C 136 20.50 41.42 -3.55
CA LYS C 136 20.75 41.88 -2.18
C LYS C 136 22.13 42.50 -2.06
N VAL C 137 23.15 41.86 -2.65
CA VAL C 137 24.50 42.41 -2.61
C VAL C 137 24.55 43.77 -3.31
N ILE C 138 23.88 43.87 -4.47
CA ILE C 138 23.89 45.12 -5.21
C ILE C 138 23.23 46.22 -4.40
N LYS C 139 22.09 45.92 -3.78
CA LYS C 139 21.39 46.92 -2.97
C LYS C 139 22.25 47.33 -1.78
N ALA C 140 22.92 46.38 -1.14
CA ALA C 140 23.83 46.71 -0.05
C ALA C 140 24.95 47.63 -0.53
N SER C 141 25.42 47.40 -1.76
CA SER C 141 26.44 48.28 -2.34
C SER C 141 25.90 49.70 -2.46
N GLY C 142 24.62 49.85 -2.77
CA GLY C 142 24.01 51.15 -2.86
C GLY C 142 24.23 51.88 -4.16
N ASP C 143 24.97 51.30 -5.10
CA ASP C 143 25.24 51.96 -6.37
C ASP C 143 23.97 51.96 -7.22
N ALA C 144 23.46 53.15 -7.52
CA ALA C 144 22.26 53.25 -8.33
C ALA C 144 22.49 52.68 -9.73
N ALA C 145 23.67 52.90 -10.30
CA ALA C 145 23.97 52.36 -11.62
C ALA C 145 23.90 50.84 -11.62
N MET C 146 24.55 50.20 -10.65
CA MET C 146 24.54 48.75 -10.58
C MET C 146 23.15 48.21 -10.27
N ILE C 147 22.41 48.92 -9.41
CA ILE C 147 21.03 48.49 -9.10
C ILE C 147 20.19 48.53 -10.37
N GLN C 148 20.30 49.60 -11.15
CA GLN C 148 19.54 49.68 -12.39
C GLN C 148 19.99 48.61 -13.37
N MET C 149 21.29 48.33 -13.42
CA MET C 149 21.78 47.27 -14.31
C MET C 149 21.15 45.93 -13.94
N MET C 150 21.11 45.60 -12.65
CA MET C 150 20.52 44.34 -12.23
C MET C 150 19.01 44.30 -12.51
N LYS C 151 18.32 45.42 -12.26
CA LYS C 151 16.89 45.47 -12.55
C LYS C 151 16.63 45.26 -14.03
N ASP C 152 17.41 45.92 -14.88
CA ASP C 152 17.27 45.76 -16.32
C ASP C 152 17.57 44.34 -16.74
N HIS C 153 18.57 43.71 -16.12
CA HIS C 153 18.87 42.32 -16.45
C HIS C 153 17.70 41.42 -16.09
N ASN C 154 17.09 41.63 -14.93
CA ASN C 154 15.95 40.80 -14.54
C ASN C 154 14.76 40.99 -15.49
N SER C 155 14.47 42.24 -15.86
CA SER C 155 13.39 42.48 -16.80
C SER C 155 13.69 41.85 -18.16
N LEU C 156 14.94 41.94 -18.60
CA LEU C 156 15.32 41.32 -19.86
C LEU C 156 15.14 39.81 -19.80
N LEU C 157 15.51 39.20 -18.68
CA LEU C 157 15.31 37.76 -18.54
C LEU C 157 13.84 37.41 -18.62
N ARG C 158 12.98 38.20 -17.97
CA ARG C 158 11.55 37.91 -18.02
C ARG C 158 11.02 38.02 -19.44
N VAL C 159 11.42 39.05 -20.17
CA VAL C 159 10.94 39.21 -21.55
C VAL C 159 11.45 38.08 -22.42
N CYS C 160 12.73 37.74 -22.28
CA CYS C 160 13.31 36.68 -23.10
C CYS C 160 12.62 35.34 -22.81
N VAL C 161 12.26 35.10 -21.56
CA VAL C 161 11.61 33.83 -21.24
C VAL C 161 10.17 33.81 -21.71
N ARG C 162 9.48 34.95 -21.69
CA ARG C 162 8.15 35.00 -22.28
C ARG C 162 8.23 34.67 -23.76
N ILE C 163 9.20 35.25 -24.47
CA ILE C 163 9.34 34.95 -25.89
C ILE C 163 9.72 33.49 -26.09
N GLU C 164 10.55 32.95 -25.20
CA GLU C 164 10.96 31.55 -25.31
C GLU C 164 9.75 30.62 -25.18
N VAL C 165 8.88 30.89 -24.21
CA VAL C 165 7.69 30.06 -24.04
C VAL C 165 6.77 30.19 -25.25
N TRP C 166 6.62 31.42 -25.75
CA TRP C 166 5.79 31.62 -26.93
C TRP C 166 6.33 30.81 -28.10
N LYS C 167 7.65 30.84 -28.31
CA LYS C 167 8.25 30.07 -29.40
C LYS C 167 8.11 28.57 -29.17
N ALA C 168 8.20 28.11 -27.94
CA ALA C 168 7.98 26.69 -27.67
C ALA C 168 6.58 26.28 -28.08
N ARG C 169 5.58 27.10 -27.73
CA ARG C 169 4.22 26.82 -28.19
C ARG C 169 4.16 26.81 -29.71
N TYR C 170 4.72 27.83 -30.35
CA TYR C 170 4.67 27.93 -31.81
C TYR C 170 5.31 26.71 -32.47
N VAL C 171 6.34 26.16 -31.84
CA VAL C 171 6.97 24.94 -32.34
C VAL C 171 6.04 23.75 -32.16
N SER C 172 5.39 23.66 -31.00
CA SER C 172 4.52 22.51 -30.74
C SER C 172 3.26 22.52 -31.59
N LEU C 173 2.98 23.61 -32.31
CA LEU C 173 1.80 23.63 -33.15
C LEU C 173 1.95 22.76 -34.39
N VAL C 174 3.19 22.56 -34.87
CA VAL C 174 3.39 21.80 -36.10
C VAL C 174 4.49 20.75 -35.95
N ALA C 175 4.97 20.53 -34.73
CA ALA C 175 6.04 19.56 -34.51
C ALA C 175 5.87 18.98 -33.11
N LEU C 176 5.23 17.82 -33.02
CA LEU C 176 4.97 17.22 -31.72
C LEU C 176 6.27 16.85 -31.02
N ASP C 177 6.25 16.91 -29.69
CA ASP C 177 7.41 16.54 -28.89
C ASP C 177 7.38 15.05 -28.57
N GLU C 178 8.55 14.40 -28.66
CA GLU C 178 8.63 12.97 -28.37
C GLU C 178 8.54 12.70 -26.88
N ARG C 179 8.96 13.65 -26.05
CA ARG C 179 8.95 13.45 -24.61
C ARG C 179 7.55 13.44 -24.03
N ILE C 180 6.56 13.98 -24.73
CA ILE C 180 5.18 14.04 -24.27
C ILE C 180 4.43 12.87 -24.90
N GLN C 181 3.99 11.93 -24.05
CA GLN C 181 3.27 10.74 -24.51
C GLN C 181 1.91 10.57 -23.87
N THR C 182 1.72 10.96 -22.62
CA THR C 182 0.46 10.80 -21.91
C THR C 182 0.09 12.12 -21.25
N LEU C 183 -1.17 12.23 -20.86
CA LEU C 183 -1.65 13.47 -20.25
C LEU C 183 -0.80 13.86 -19.05
N GLU C 184 -0.26 12.88 -18.32
CA GLU C 184 0.71 13.20 -17.29
C GLU C 184 1.96 13.82 -17.89
N ASP C 185 2.34 13.39 -19.09
CA ASP C 185 3.51 13.98 -19.75
C ASP C 185 3.19 15.36 -20.31
N ALA C 186 2.02 15.51 -20.92
CA ALA C 186 1.62 16.80 -21.49
C ALA C 186 1.26 17.81 -20.41
N GLN C 187 1.09 17.36 -19.17
CA GLN C 187 0.70 18.25 -18.10
C GLN C 187 1.79 19.26 -17.73
N TRP C 188 3.01 19.07 -18.23
CA TRP C 188 4.15 19.89 -17.84
C TRP C 188 4.80 20.62 -19.01
N PHE C 189 4.07 20.82 -20.09
CA PHE C 189 4.61 21.58 -21.21
C PHE C 189 4.60 23.08 -20.87
N PRO C 190 5.60 23.85 -21.34
CA PRO C 190 6.84 23.47 -22.04
C PRO C 190 7.96 23.04 -21.11
N TYR C 191 8.89 22.23 -21.63
CA TYR C 191 10.02 21.72 -20.86
C TYR C 191 11.21 22.64 -21.11
N LEU C 192 11.38 23.63 -20.24
CA LEU C 192 12.44 24.62 -20.36
C LEU C 192 13.38 24.58 -19.17
N SER C 193 14.59 25.09 -19.39
CA SER C 193 15.66 24.94 -18.42
C SER C 193 15.35 25.69 -17.14
N GLY C 194 16.25 25.55 -16.16
CA GLY C 194 16.00 26.13 -14.84
C GLY C 194 15.86 27.63 -14.87
N ASP C 195 16.68 28.31 -15.67
CA ASP C 195 16.59 29.76 -15.76
C ASP C 195 15.23 30.19 -16.26
N SER C 196 14.68 29.46 -17.24
CA SER C 196 13.37 29.81 -17.77
C SER C 196 12.29 29.62 -16.73
N TYR C 197 12.54 28.79 -15.71
CA TYR C 197 11.58 28.68 -14.62
C TYR C 197 11.78 29.79 -13.61
N ARG C 198 13.03 30.11 -13.29
CA ARG C 198 13.30 31.17 -12.32
C ARG C 198 12.77 32.51 -12.81
N ALA C 199 12.88 32.77 -14.11
CA ALA C 199 12.45 34.07 -14.62
C ALA C 199 10.94 34.18 -14.66
N CYS C 200 10.24 33.14 -15.13
CA CYS C 200 8.79 33.13 -15.25
C CYS C 200 8.24 31.84 -14.67
N PRO C 201 8.07 31.75 -13.35
CA PRO C 201 7.51 30.51 -12.78
C PRO C 201 6.10 30.21 -13.25
N GLY C 202 5.29 31.23 -13.52
CA GLY C 202 3.89 31.00 -13.82
C GLY C 202 3.60 30.49 -15.22
N LEU C 203 4.58 30.56 -16.12
CA LEU C 203 4.40 30.10 -17.50
C LEU C 203 5.26 28.91 -17.87
N VAL C 204 6.46 28.81 -17.30
CA VAL C 204 7.44 27.81 -17.70
C VAL C 204 7.28 26.57 -16.84
N GLY C 205 7.00 25.45 -17.49
CA GLY C 205 6.85 24.19 -16.79
C GLY C 205 8.08 23.31 -16.95
N GLY C 206 7.87 22.01 -17.09
CA GLY C 206 8.99 21.09 -17.26
C GLY C 206 9.38 20.41 -15.96
N TYR C 207 10.65 20.03 -15.85
CA TYR C 207 11.10 19.31 -14.67
C TYR C 207 10.99 20.16 -13.42
N PHE C 208 11.36 21.43 -13.50
CA PHE C 208 11.39 22.27 -12.31
C PHE C 208 9.98 22.53 -11.79
N ALA C 209 9.01 22.71 -12.69
CA ALA C 209 7.63 22.87 -12.24
C ALA C 209 7.12 21.59 -11.57
N LYS C 210 7.49 20.44 -12.13
CA LYS C 210 7.15 19.17 -11.50
C LYS C 210 7.72 19.10 -10.10
N LYS C 211 9.00 19.48 -9.95
CA LYS C 211 9.64 19.47 -8.64
C LYS C 211 8.92 20.41 -7.68
N ALA C 212 8.60 21.63 -8.14
CA ALA C 212 7.98 22.61 -7.26
C ALA C 212 6.60 22.14 -6.81
N ALA C 213 5.81 21.60 -7.73
CA ALA C 213 4.49 21.10 -7.35
C ALA C 213 4.60 19.92 -6.39
N ALA C 214 5.51 18.98 -6.67
CA ALA C 214 5.66 17.84 -5.80
C ALA C 214 6.16 18.25 -4.42
N GLY C 215 7.16 19.12 -4.36
CA GLY C 215 7.75 19.52 -3.11
C GLY C 215 6.84 20.42 -2.28
N GLU C 216 7.45 21.16 -1.37
CA GLU C 216 6.70 22.05 -0.50
C GLU C 216 6.13 23.22 -1.32
N ARG C 217 4.97 23.71 -0.88
CA ARG C 217 4.29 24.82 -1.53
C ARG C 217 4.15 25.97 -0.53
N GLY C 218 5.03 26.95 -0.63
CA GLY C 218 4.95 28.15 0.19
C GLY C 218 3.90 29.11 -0.33
N LYS C 219 3.86 30.29 0.29
CA LYS C 219 2.90 31.31 -0.12
C LYS C 219 3.20 31.88 -1.50
N ASN C 220 4.46 31.80 -1.94
CA ASN C 220 4.87 32.35 -3.23
C ASN C 220 4.63 31.38 -4.38
N TYR C 221 4.09 30.20 -4.10
CA TYR C 221 3.92 29.18 -5.15
C TYR C 221 3.02 29.70 -6.25
N LYS C 222 3.45 29.49 -7.50
CA LYS C 222 2.68 29.84 -8.68
C LYS C 222 2.41 28.59 -9.47
N LYS C 223 1.16 28.40 -9.90
CA LYS C 223 0.79 27.22 -10.66
C LYS C 223 1.04 27.45 -12.15
N LEU C 224 1.39 26.38 -12.84
CA LEU C 224 1.76 26.46 -14.26
C LEU C 224 0.53 26.80 -15.09
N ASN C 225 0.43 28.06 -15.49
CA ASN C 225 -0.66 28.52 -16.37
C ASN C 225 -0.30 28.11 -17.79
N GLN C 226 -0.66 26.89 -18.16
CA GLN C 226 -0.25 26.35 -19.45
C GLN C 226 -0.77 27.16 -20.62
N THR C 227 -1.91 27.84 -20.46
CA THR C 227 -2.54 28.58 -21.55
C THR C 227 -2.75 30.04 -21.21
N ALA C 228 -1.82 30.65 -20.49
CA ALA C 228 -1.85 32.10 -20.33
C ALA C 228 -1.70 32.75 -21.70
N ILE C 229 -2.02 34.03 -21.78
CA ILE C 229 -1.96 34.75 -23.05
C ILE C 229 -0.65 35.52 -23.12
N ILE C 230 0.11 35.29 -24.19
CA ILE C 230 1.40 35.92 -24.42
C ILE C 230 1.37 36.54 -25.81
N PRO C 231 1.37 37.86 -25.95
CA PRO C 231 1.35 38.47 -27.28
C PRO C 231 2.57 38.05 -28.07
N PRO C 232 2.46 37.92 -29.40
CA PRO C 232 3.61 37.46 -30.18
C PRO C 232 4.79 38.38 -30.00
N PRO C 233 6.01 37.90 -30.27
CA PRO C 233 7.19 38.73 -30.02
C PRO C 233 7.15 40.08 -30.73
N ARG C 234 6.70 40.13 -31.98
CA ARG C 234 6.60 41.40 -32.66
C ARG C 234 5.67 42.36 -31.93
N PHE C 235 4.72 41.83 -31.15
CA PHE C 235 3.86 42.65 -30.31
C PHE C 235 4.40 42.81 -28.90
N LEU C 236 5.02 41.76 -28.35
CA LEU C 236 5.47 41.82 -26.96
C LEU C 236 6.57 42.87 -26.79
N ILE C 237 7.53 42.93 -27.70
CA ILE C 237 8.59 43.92 -27.59
C ILE C 237 8.02 45.32 -27.78
N ILE C 238 7.11 45.49 -28.74
CA ILE C 238 6.46 46.77 -28.91
C ILE C 238 5.56 47.10 -27.72
N GLY C 239 5.11 46.09 -26.98
CA GLY C 239 4.24 46.30 -25.85
C GLY C 239 2.77 46.34 -26.17
N HIS C 240 2.39 46.21 -27.44
CA HIS C 240 0.99 46.23 -27.84
C HIS C 240 0.31 44.96 -27.33
N ARG C 241 -0.51 45.09 -26.30
CA ARG C 241 -1.22 43.94 -25.75
C ARG C 241 -2.13 43.34 -26.81
N LEU C 242 -2.25 42.01 -26.78
CA LEU C 242 -3.14 41.33 -27.72
C LEU C 242 -4.59 41.63 -27.38
N GLN C 243 -5.38 41.95 -28.40
CA GLN C 243 -6.81 42.20 -28.22
C GLN C 243 -7.51 41.91 -29.55
N ILE C 244 -8.78 42.26 -29.63
CA ILE C 244 -9.58 41.97 -30.80
C ILE C 244 -9.26 42.98 -31.89
N GLY C 245 -9.22 42.52 -33.14
CA GLY C 245 -8.97 43.37 -34.28
C GLY C 245 -7.54 43.37 -34.78
N ASP C 246 -6.61 42.78 -34.02
CA ASP C 246 -5.22 42.78 -34.42
C ASP C 246 -4.98 41.81 -35.57
N GLN C 247 -4.14 42.22 -36.52
CA GLN C 247 -3.82 41.41 -37.69
C GLN C 247 -2.72 40.43 -37.31
N VAL C 248 -3.08 39.14 -37.22
CA VAL C 248 -2.14 38.09 -36.86
C VAL C 248 -2.50 36.83 -37.63
N THR C 249 -1.49 36.03 -37.93
CA THR C 249 -1.68 34.74 -38.58
C THR C 249 -2.30 33.75 -37.60
N LEU C 250 -2.94 32.72 -38.16
CA LEU C 250 -3.58 31.71 -37.32
C LEU C 250 -2.56 31.02 -36.41
N ARG C 251 -1.42 30.61 -36.98
CA ARG C 251 -0.47 29.83 -36.21
C ARG C 251 0.06 30.61 -35.02
N GLU C 252 0.42 31.87 -35.23
CA GLU C 252 0.99 32.65 -34.14
C GLU C 252 -0.07 32.99 -33.09
N LEU C 253 -1.30 33.29 -33.53
CA LEU C 253 -2.38 33.49 -32.56
C LEU C 253 -2.57 32.26 -31.69
N LEU C 254 -2.70 31.09 -32.32
CA LEU C 254 -2.93 29.86 -31.55
C LEU C 254 -1.77 29.57 -30.61
N ALA C 255 -0.54 29.76 -31.08
CA ALA C 255 0.60 29.61 -30.18
C ALA C 255 0.57 30.66 -29.08
N SER C 256 -0.16 31.75 -29.31
CA SER C 256 -0.30 32.78 -28.27
C SER C 256 -1.26 32.32 -27.17
N ILE C 257 -2.44 31.83 -27.55
CA ILE C 257 -3.48 31.53 -26.57
C ILE C 257 -3.61 30.04 -26.26
N ALA C 258 -2.84 29.18 -26.91
CA ALA C 258 -2.88 27.74 -26.66
C ALA C 258 -1.64 27.14 -27.31
N TRP C 259 -1.59 25.81 -27.38
CA TRP C 259 -0.46 25.13 -28.00
C TRP C 259 -1.00 23.96 -28.81
N GLY C 260 -0.08 23.08 -29.23
CA GLY C 260 -0.45 22.06 -30.19
C GLY C 260 -1.56 21.14 -29.71
N LEU C 261 -1.46 20.69 -28.47
CA LEU C 261 -2.35 19.67 -27.95
C LEU C 261 -3.62 20.24 -27.32
N CYS C 262 -3.80 21.55 -27.33
CA CYS C 262 -5.03 22.11 -26.81
C CYS C 262 -6.14 22.03 -27.86
N ASP C 263 -7.37 21.86 -27.38
CA ASP C 263 -8.50 21.56 -28.24
C ASP C 263 -8.58 22.52 -29.43
N GLY C 264 -9.15 22.04 -30.55
CA GLY C 264 -9.18 22.83 -31.77
C GLY C 264 -10.19 23.95 -31.76
N VAL C 265 -11.12 23.97 -30.80
CA VAL C 265 -12.16 24.99 -30.77
C VAL C 265 -11.56 26.39 -30.72
N LEU C 266 -10.37 26.54 -30.13
CA LEU C 266 -9.75 27.85 -30.04
C LEU C 266 -9.54 28.48 -31.41
N ALA C 267 -9.49 27.67 -32.46
CA ALA C 267 -9.34 28.22 -33.81
C ALA C 267 -10.48 29.16 -34.16
N GLU C 268 -11.61 29.06 -33.46
CA GLU C 268 -12.72 29.96 -33.69
C GLU C 268 -12.40 31.41 -33.34
N CYS C 269 -11.30 31.66 -32.63
CA CYS C 269 -10.89 33.01 -32.30
C CYS C 269 -10.17 33.71 -33.45
N TRP C 270 -10.21 33.14 -34.65
CA TRP C 270 -9.56 33.71 -35.81
C TRP C 270 -10.52 33.70 -36.99
N SER C 271 -10.19 34.50 -38.00
CA SER C 271 -10.98 34.55 -39.22
C SER C 271 -10.11 35.07 -40.37
N PRO C 272 -10.02 34.34 -41.49
CA PRO C 272 -9.21 34.83 -42.60
C PRO C 272 -9.69 36.19 -43.08
N SER C 273 -8.73 37.05 -43.45
CA SER C 273 -9.03 38.39 -43.91
C SER C 273 -9.56 38.34 -45.34
N GLN C 274 -9.90 39.51 -45.88
CA GLN C 274 -10.37 39.60 -47.25
C GLN C 274 -9.32 39.03 -48.19
N GLY C 275 -9.79 38.25 -49.18
CA GLY C 275 -8.86 37.62 -50.11
C GLY C 275 -8.05 36.51 -49.52
N ASP C 276 -8.51 35.90 -48.43
CA ASP C 276 -7.79 34.80 -47.80
C ASP C 276 -6.38 35.24 -47.39
N GLY C 277 -5.39 34.98 -48.24
CA GLY C 277 -4.03 35.34 -47.90
C GLY C 277 -3.51 34.47 -46.75
N SER C 278 -2.52 35.01 -46.03
CA SER C 278 -1.92 34.31 -44.91
C SER C 278 -2.18 34.97 -43.57
N ILE C 279 -2.60 36.23 -43.55
CA ILE C 279 -2.83 36.98 -42.31
C ILE C 279 -4.32 37.31 -42.24
N GLY C 280 -4.93 37.05 -41.08
CA GLY C 280 -6.32 37.36 -40.86
C GLY C 280 -6.51 38.32 -39.70
N VAL C 281 -7.59 38.15 -38.95
CA VAL C 281 -7.90 39.02 -37.82
C VAL C 281 -8.33 38.16 -36.64
N VAL C 282 -8.23 38.75 -35.44
CA VAL C 282 -8.70 38.13 -34.22
C VAL C 282 -10.13 38.55 -33.99
N VAL C 283 -11.05 37.58 -33.96
CA VAL C 283 -12.46 37.86 -33.72
C VAL C 283 -12.81 37.79 -32.24
N GLY C 284 -11.95 37.25 -31.40
CA GLY C 284 -12.22 37.16 -29.99
C GLY C 284 -11.08 36.47 -29.28
N LEU C 285 -11.28 36.24 -27.98
CA LEU C 285 -10.30 35.53 -27.17
C LEU C 285 -11.04 34.57 -26.24
N PRO C 286 -10.45 33.41 -25.95
CA PRO C 286 -11.07 32.51 -24.98
C PRO C 286 -11.12 33.11 -23.59
N LEU C 287 -12.15 32.75 -22.84
CA LEU C 287 -12.25 33.10 -21.43
C LEU C 287 -11.83 31.91 -20.57
N GLN C 288 -11.74 32.16 -19.27
CA GLN C 288 -11.23 31.16 -18.33
C GLN C 288 -9.84 30.69 -18.74
N ALA C 289 -9.02 31.61 -19.25
CA ALA C 289 -7.66 31.27 -19.64
C ALA C 289 -6.86 30.70 -18.49
N THR C 290 -7.09 31.17 -17.27
CA THR C 290 -6.36 30.70 -16.11
C THR C 290 -7.28 30.73 -14.90
N GLY C 291 -6.83 30.08 -13.83
CA GLY C 291 -7.58 30.08 -12.59
C GLY C 291 -8.92 29.37 -12.68
N SER C 292 -8.94 28.20 -13.29
CA SER C 292 -10.14 27.38 -13.39
C SER C 292 -10.11 26.31 -12.31
N CYS C 293 -11.10 26.35 -11.41
CA CYS C 293 -11.22 25.38 -10.34
C CYS C 293 -12.67 24.91 -10.28
N PHE C 294 -12.87 23.60 -10.41
CA PHE C 294 -14.20 23.02 -10.51
C PHE C 294 -14.55 22.15 -9.31
N LEU C 295 -13.75 22.21 -8.25
CA LEU C 295 -14.03 21.47 -7.03
C LEU C 295 -15.21 22.09 -6.30
N VAL C 296 -15.87 21.26 -5.49
CA VAL C 296 -16.89 21.74 -4.57
C VAL C 296 -16.77 20.95 -3.27
N VAL C 297 -16.08 21.53 -2.28
CA VAL C 297 -15.88 20.81 -1.03
C VAL C 297 -17.23 20.55 -0.36
N ALA C 298 -17.24 19.52 0.49
CA ALA C 298 -18.43 19.21 1.26
C ALA C 298 -18.70 20.31 2.27
N SER C 299 -19.98 20.58 2.53
CA SER C 299 -20.34 21.66 3.44
C SER C 299 -21.81 21.58 3.78
N HIS C 300 -22.13 21.86 5.03
CA HIS C 300 -23.53 21.96 5.48
C HIS C 300 -24.31 20.69 5.18
N GLY C 301 -23.67 19.54 5.40
CA GLY C 301 -24.32 18.27 5.20
C GLY C 301 -24.30 17.76 3.78
N LEU C 302 -23.61 18.45 2.87
CA LEU C 302 -23.54 18.02 1.48
C LEU C 302 -22.34 17.12 1.24
N SER C 303 -22.30 16.52 0.06
CA SER C 303 -21.25 15.59 -0.32
C SER C 303 -20.26 16.27 -1.24
N ALA C 304 -18.97 16.06 -0.97
CA ALA C 304 -17.92 16.69 -1.74
C ALA C 304 -17.97 16.23 -3.19
N ILE C 305 -17.40 17.04 -4.07
CA ILE C 305 -17.28 16.73 -5.48
C ILE C 305 -15.84 16.98 -5.90
N ALA C 306 -15.33 16.16 -6.82
CA ALA C 306 -13.98 16.32 -7.31
C ALA C 306 -13.91 17.09 -8.62
N ASP C 307 -15.04 17.25 -9.31
CA ASP C 307 -15.08 18.03 -10.55
C ASP C 307 -16.54 18.33 -10.85
N SER C 308 -16.86 19.61 -11.04
CA SER C 308 -18.24 19.98 -11.34
C SER C 308 -18.69 19.41 -12.68
N ARG C 309 -17.81 19.44 -13.68
CA ARG C 309 -18.21 19.08 -15.04
C ARG C 309 -18.63 17.61 -15.13
N ILE C 310 -17.69 16.70 -14.86
CA ILE C 310 -17.92 15.29 -15.14
C ILE C 310 -19.07 14.71 -14.31
N GLU C 311 -19.37 15.29 -13.15
CA GLU C 311 -20.31 14.66 -12.23
C GLU C 311 -21.63 14.37 -12.91
N GLY C 312 -22.36 15.42 -13.32
CA GLY C 312 -23.62 15.26 -14.00
C GLY C 312 -24.50 14.17 -13.40
N THR C 313 -24.86 13.18 -14.21
CA THR C 313 -25.61 12.02 -13.73
C THR C 313 -25.02 10.70 -14.18
N GLY C 314 -23.97 10.69 -14.98
CA GLY C 314 -23.37 9.47 -15.47
C GLY C 314 -22.93 9.59 -16.92
N ASN C 315 -23.58 10.48 -17.65
CA ASN C 315 -23.25 10.72 -19.06
C ASN C 315 -21.98 11.56 -19.11
N THR C 316 -20.88 10.94 -19.53
CA THR C 316 -19.58 11.59 -19.59
C THR C 316 -19.21 12.05 -20.99
N ASN C 317 -20.20 12.46 -21.78
CA ASN C 317 -19.94 12.93 -23.13
C ASN C 317 -19.25 14.29 -23.07
N LEU C 318 -17.93 14.28 -23.24
CA LEU C 318 -17.15 15.52 -23.19
C LEU C 318 -17.33 16.36 -24.45
N LEU C 319 -17.74 15.76 -25.56
CA LEU C 319 -17.91 16.50 -26.81
C LEU C 319 -18.98 17.57 -26.71
N GLU C 320 -19.86 17.49 -25.71
CA GLU C 320 -20.92 18.46 -25.53
C GLU C 320 -20.48 19.69 -24.76
N GLU C 321 -19.24 19.72 -24.27
CA GLU C 321 -18.75 20.88 -23.54
C GLU C 321 -18.55 22.07 -24.49
N CYS C 322 -18.61 23.27 -23.91
CA CYS C 322 -18.45 24.51 -24.65
C CYS C 322 -17.42 25.38 -23.97
N ILE C 323 -16.81 26.27 -24.76
CA ILE C 323 -15.87 27.27 -24.25
C ILE C 323 -16.45 28.65 -24.52
N ALA C 324 -16.25 29.57 -23.59
CA ALA C 324 -16.80 30.91 -23.69
C ALA C 324 -15.78 31.81 -24.39
N ILE C 325 -16.03 32.12 -25.65
CA ILE C 325 -15.19 33.03 -26.42
C ILE C 325 -15.78 34.43 -26.28
N GLN C 326 -14.98 35.37 -25.78
CA GLN C 326 -15.40 36.75 -25.66
C GLN C 326 -15.01 37.48 -26.94
N LYS C 327 -15.99 38.12 -27.57
CA LYS C 327 -15.80 38.88 -28.79
C LYS C 327 -16.25 40.32 -28.56
N GLN C 328 -16.17 41.13 -29.62
CA GLN C 328 -16.59 42.52 -29.50
C GLN C 328 -18.07 42.62 -29.17
N ASP C 329 -18.91 41.85 -29.85
CA ASP C 329 -20.34 41.88 -29.58
C ASP C 329 -20.66 41.35 -28.19
N GLY C 330 -19.98 40.28 -27.78
CA GLY C 330 -20.22 39.71 -26.47
C GLY C 330 -19.57 38.35 -26.36
N VAL C 331 -19.99 37.62 -25.34
CA VAL C 331 -19.47 36.29 -25.04
C VAL C 331 -20.39 35.26 -25.68
N ILE C 332 -19.81 34.31 -26.41
CA ILE C 332 -20.56 33.26 -27.07
C ILE C 332 -19.97 31.92 -26.66
N LYS C 333 -20.85 30.96 -26.37
CA LYS C 333 -20.44 29.61 -26.01
C LYS C 333 -20.32 28.76 -27.26
N CYS C 334 -19.11 28.34 -27.59
CA CYS C 334 -18.84 27.55 -28.79
C CYS C 334 -18.49 26.13 -28.38
N LYS C 335 -19.12 25.16 -29.06
CA LYS C 335 -18.93 23.76 -28.72
C LYS C 335 -17.52 23.30 -29.07
N ARG C 336 -16.95 22.48 -28.19
CA ARG C 336 -15.61 21.98 -28.40
C ARG C 336 -15.56 21.05 -29.61
N SER C 337 -14.42 21.07 -30.32
CA SER C 337 -14.23 20.22 -31.48
C SER C 337 -13.78 18.81 -31.10
N GLY C 338 -13.14 18.64 -29.94
CA GLY C 338 -12.70 17.33 -29.51
C GLY C 338 -11.54 16.75 -30.27
N LYS C 339 -10.75 17.58 -30.96
CA LYS C 339 -9.58 17.14 -31.70
C LYS C 339 -8.43 18.11 -31.45
N SER C 340 -7.21 17.58 -31.38
CA SER C 340 -6.06 18.39 -31.02
C SER C 340 -5.79 19.48 -32.06
N LEU C 341 -5.26 20.62 -31.60
CA LEU C 341 -4.97 21.70 -32.53
C LEU C 341 -3.89 21.29 -33.54
N TYR C 342 -2.91 20.51 -33.10
CA TYR C 342 -1.94 19.97 -34.03
C TYR C 342 -2.63 19.18 -35.13
N HIS C 343 -3.59 18.33 -34.75
CA HIS C 343 -4.30 17.52 -35.73
C HIS C 343 -5.21 18.38 -36.60
N CYS C 344 -5.86 19.38 -36.03
CA CYS C 344 -6.70 20.26 -36.83
C CYS C 344 -5.86 20.99 -37.88
N LEU C 345 -4.68 21.47 -37.49
CA LEU C 345 -3.81 22.16 -38.44
C LEU C 345 -3.25 21.19 -39.48
N LYS C 346 -2.98 19.95 -39.08
CA LYS C 346 -2.52 18.95 -40.03
C LYS C 346 -3.60 18.66 -41.07
N GLU C 347 -4.86 18.54 -40.63
CA GLU C 347 -5.93 18.24 -41.57
C GLU C 347 -6.24 19.43 -42.47
N THR C 348 -6.27 20.64 -41.89
CA THR C 348 -6.55 21.83 -42.69
C THR C 348 -5.45 22.12 -43.69
N ALA C 349 -4.23 21.63 -43.43
CA ALA C 349 -3.11 21.79 -44.35
C ALA C 349 -3.06 20.72 -45.43
N GLY C 350 -3.93 19.72 -45.34
CA GLY C 350 -3.94 18.63 -46.32
C GLY C 350 -5.06 18.80 -47.34
N GLU E 34 -12.78 -55.51 27.88
CA GLU E 34 -11.85 -55.72 26.78
C GLU E 34 -11.47 -54.40 26.12
N LEU E 35 -11.53 -53.32 26.91
CA LEU E 35 -11.23 -52.00 26.39
C LEU E 35 -9.73 -51.84 26.13
N PRO E 36 -9.35 -50.93 25.24
CA PRO E 36 -7.92 -50.68 25.03
C PRO E 36 -7.26 -50.10 26.27
N ARG E 37 -5.95 -50.32 26.38
CA ARG E 37 -5.21 -49.81 27.52
C ARG E 37 -5.38 -48.30 27.67
N ASN E 38 -5.52 -47.59 26.55
CA ASN E 38 -5.69 -46.14 26.62
C ASN E 38 -6.89 -45.76 27.47
N LEU E 39 -8.05 -46.36 27.18
CA LEU E 39 -9.25 -46.06 27.94
C LEU E 39 -9.25 -46.75 29.29
N GLU E 40 -8.61 -47.92 29.40
CA GLU E 40 -8.56 -48.61 30.68
C GLU E 40 -7.80 -47.79 31.71
N VAL E 41 -6.69 -47.16 31.31
CA VAL E 41 -5.93 -46.32 32.23
C VAL E 41 -6.79 -45.15 32.69
N PHE E 42 -7.51 -44.52 31.77
CA PHE E 42 -8.37 -43.39 32.13
C PHE E 42 -9.43 -43.81 33.12
N ASN E 43 -10.08 -44.95 32.87
CA ASN E 43 -11.12 -45.43 33.77
C ASN E 43 -10.55 -45.73 35.15
N GLU E 44 -9.40 -46.39 35.20
CA GLU E 44 -8.79 -46.73 36.48
C GLU E 44 -8.43 -45.47 37.25
N ALA E 45 -7.83 -44.48 36.57
CA ALA E 45 -7.44 -43.25 37.24
C ALA E 45 -8.67 -42.51 37.76
N CYS E 46 -9.71 -42.41 36.94
CA CYS E 46 -10.93 -41.72 37.36
C CYS E 46 -11.53 -42.40 38.58
N GLY E 47 -11.63 -43.74 38.55
CA GLY E 47 -12.16 -44.44 39.70
C GLY E 47 -11.33 -44.21 40.95
N HIS E 48 -10.01 -44.34 40.84
CA HIS E 48 -9.14 -44.18 42.00
C HIS E 48 -9.27 -42.77 42.58
N VAL E 49 -9.35 -41.76 41.72
CA VAL E 49 -9.32 -40.37 42.20
C VAL E 49 -10.69 -39.86 42.63
N PHE E 50 -11.78 -40.50 42.21
CA PHE E 50 -13.11 -39.97 42.51
C PHE E 50 -14.06 -40.95 43.20
N GLY E 51 -13.58 -42.14 43.58
CA GLY E 51 -14.47 -43.04 44.29
C GLY E 51 -15.70 -43.37 43.46
N SER E 52 -16.84 -43.47 44.15
CA SER E 52 -18.12 -43.70 43.48
C SER E 52 -18.76 -42.43 42.96
N SER E 53 -18.23 -41.26 43.32
CA SER E 53 -18.80 -39.99 42.88
C SER E 53 -18.62 -39.76 41.38
N PHE E 54 -17.78 -40.55 40.71
CA PHE E 54 -17.55 -40.39 39.29
C PHE E 54 -18.66 -41.09 38.51
N ASN E 55 -19.44 -40.33 37.76
CA ASN E 55 -20.50 -40.88 36.92
C ASN E 55 -19.99 -41.01 35.50
N ARG E 56 -20.19 -42.19 34.91
CA ARG E 56 -19.71 -42.49 33.57
C ARG E 56 -20.79 -42.33 32.51
N GLU E 57 -21.95 -41.78 32.87
CA GLU E 57 -23.02 -41.55 31.91
C GLU E 57 -23.29 -40.07 31.67
N ASP E 58 -22.57 -39.17 32.34
CA ASP E 58 -22.75 -37.73 32.19
C ASP E 58 -21.56 -37.14 31.45
N ASN E 59 -21.82 -36.44 30.35
CA ASN E 59 -20.73 -35.83 29.59
C ASN E 59 -20.03 -34.74 30.41
N SER E 60 -20.80 -33.91 31.12
CA SER E 60 -20.19 -32.85 31.91
C SER E 60 -19.30 -33.41 33.01
N VAL E 61 -19.77 -34.44 33.71
CA VAL E 61 -19.00 -35.02 34.80
C VAL E 61 -17.71 -35.65 34.26
N ILE E 62 -17.81 -36.37 33.15
CA ILE E 62 -16.62 -36.98 32.56
C ILE E 62 -15.65 -35.91 32.11
N SER E 63 -16.15 -34.83 31.53
CA SER E 63 -15.27 -33.74 31.11
C SER E 63 -14.57 -33.10 32.30
N ASP E 64 -15.31 -32.88 33.39
CA ASP E 64 -14.69 -32.31 34.58
C ASP E 64 -13.61 -33.24 35.14
N ALA E 65 -13.90 -34.54 35.20
CA ALA E 65 -12.90 -35.48 35.69
C ALA E 65 -11.67 -35.51 34.79
N ALA E 66 -11.88 -35.48 33.47
CA ALA E 66 -10.76 -35.48 32.54
C ALA E 66 -9.92 -34.22 32.70
N ALA E 67 -10.57 -33.07 32.87
CA ALA E 67 -9.83 -31.83 33.08
C ALA E 67 -9.03 -31.87 34.38
N PHE E 68 -9.64 -32.39 35.45
CA PHE E 68 -8.92 -32.48 36.72
C PHE E 68 -7.72 -33.40 36.60
N LEU E 69 -7.89 -34.55 35.94
CA LEU E 69 -6.77 -35.46 35.75
C LEU E 69 -5.69 -34.84 34.87
N PHE E 70 -6.09 -34.10 33.83
CA PHE E 70 -5.12 -33.42 32.98
C PHE E 70 -4.30 -32.41 33.77
N LYS E 71 -4.95 -31.63 34.63
CA LYS E 71 -4.24 -30.64 35.44
C LYS E 71 -3.41 -31.29 36.55
N MET E 72 -3.84 -32.45 37.05
CA MET E 72 -3.04 -33.16 38.06
C MET E 72 -1.78 -33.77 37.44
N HIS E 73 -1.92 -34.42 36.29
CA HIS E 73 -0.78 -35.04 35.62
C HIS E 73 0.15 -34.03 34.98
N THR E 74 -0.29 -32.78 34.79
CA THR E 74 0.55 -31.72 34.26
C THR E 74 1.23 -30.92 35.36
N HIS E 75 1.08 -31.32 36.62
CA HIS E 75 1.67 -30.62 37.76
C HIS E 75 1.14 -29.19 37.84
N SER E 76 -0.19 -29.06 37.80
CA SER E 76 -0.86 -27.77 37.89
C SER E 76 -1.68 -27.59 39.15
N LEU E 77 -1.87 -28.63 39.95
CA LEU E 77 -2.64 -28.51 41.18
C LEU E 77 -1.81 -27.86 42.28
N ASP E 78 -2.49 -27.44 43.33
CA ASP E 78 -1.82 -26.83 44.47
C ASP E 78 -0.96 -27.86 45.20
N GLY E 79 0.23 -27.44 45.63
CA GLY E 79 1.12 -28.31 46.36
C GLY E 79 2.00 -29.20 45.51
N GLN E 80 1.89 -29.14 44.19
CA GLN E 80 2.69 -29.96 43.31
C GLN E 80 3.98 -29.24 42.93
N GLU E 81 4.82 -29.92 42.15
CA GLU E 81 6.11 -29.37 41.78
C GLU E 81 5.95 -28.08 40.99
N ALA E 82 6.87 -27.15 41.22
CA ALA E 82 6.83 -25.82 40.62
C ALA E 82 7.55 -25.84 39.27
N LYS E 83 6.97 -25.16 38.30
CA LYS E 83 7.53 -25.06 36.95
C LYS E 83 8.49 -23.89 36.91
N VAL E 84 9.73 -24.13 37.36
CA VAL E 84 10.70 -23.05 37.55
C VAL E 84 11.98 -23.35 36.78
N LEU E 85 11.88 -24.11 35.70
CA LEU E 85 13.08 -24.37 34.88
C LEU E 85 13.59 -23.08 34.25
N ARG E 86 12.70 -22.34 33.58
CA ARG E 86 13.07 -21.07 32.95
C ARG E 86 11.98 -20.03 33.17
N ALA E 87 11.22 -20.16 34.24
CA ALA E 87 10.11 -19.25 34.49
C ALA E 87 10.62 -17.83 34.71
N SER E 88 9.86 -16.86 34.21
CA SER E 88 10.17 -15.45 34.40
C SER E 88 9.81 -15.04 35.83
N GLU E 89 10.01 -13.76 36.14
CA GLU E 89 9.75 -13.28 37.50
C GLU E 89 8.31 -13.53 37.90
N LYS E 90 7.36 -13.08 37.09
CA LYS E 90 5.95 -13.29 37.40
C LYS E 90 5.60 -14.76 37.43
N LYS E 91 6.06 -15.51 36.43
CA LYS E 91 5.77 -16.95 36.39
C LYS E 91 6.46 -17.68 37.54
N ARG E 92 7.67 -17.28 37.89
CA ARG E 92 8.34 -17.87 39.05
C ARG E 92 7.55 -17.62 40.32
N GLU E 93 7.07 -16.39 40.51
CA GLU E 93 6.27 -16.08 41.69
C GLU E 93 4.99 -16.90 41.71
N ARG E 94 4.32 -17.01 40.55
CA ARG E 94 3.08 -17.77 40.49
C ARG E 94 3.31 -19.24 40.82
N GLU E 95 4.38 -19.83 40.27
CA GLU E 95 4.67 -21.23 40.53
C GLU E 95 5.04 -21.45 41.99
N ASN E 96 5.79 -20.51 42.59
CA ASN E 96 6.12 -20.63 44.00
C ASN E 96 4.87 -20.56 44.86
N ALA E 97 3.95 -19.65 44.53
CA ALA E 97 2.70 -19.55 45.27
C ALA E 97 1.88 -20.83 45.12
N LYS E 98 1.83 -21.39 43.92
CA LYS E 98 1.12 -22.64 43.71
C LYS E 98 1.71 -23.77 44.55
N LYS E 99 3.04 -23.87 44.57
CA LYS E 99 3.70 -24.89 45.37
C LYS E 99 3.38 -24.71 46.85
N SER E 100 3.45 -23.46 47.34
CA SER E 100 3.19 -23.20 48.75
C SER E 100 1.71 -23.33 49.10
N ARG E 101 0.82 -23.23 48.10
CA ARG E 101 -0.60 -23.33 48.37
C ARG E 101 -0.98 -24.74 48.81
N LYS E 102 -1.96 -24.82 49.71
CA LYS E 102 -2.41 -26.10 50.22
C LYS E 102 -2.96 -26.96 49.09
N ALA E 103 -2.53 -28.23 49.06
CA ALA E 103 -3.01 -29.16 48.05
C ALA E 103 -4.44 -29.59 48.36
N PRO E 104 -5.19 -30.02 47.34
CA PRO E 104 -6.56 -30.47 47.60
C PRO E 104 -6.59 -31.63 48.57
N GLU E 105 -7.62 -31.66 49.41
CA GLU E 105 -7.80 -32.67 50.43
C GLU E 105 -9.01 -33.55 50.09
N ALA E 106 -9.06 -34.71 50.70
CA ALA E 106 -10.17 -35.64 50.46
C ALA E 106 -11.49 -34.97 50.81
N GLY E 107 -12.51 -35.24 49.99
CA GLY E 107 -13.82 -34.66 50.16
C GLY E 107 -14.01 -33.34 49.45
N MET E 108 -12.97 -32.78 48.84
CA MET E 108 -13.10 -31.52 48.12
C MET E 108 -14.01 -31.69 46.92
N ARG E 109 -14.78 -30.64 46.63
CA ARG E 109 -15.71 -30.64 45.51
C ARG E 109 -15.00 -30.13 44.26
N VAL E 110 -14.87 -30.99 43.26
CA VAL E 110 -14.25 -30.64 41.99
C VAL E 110 -15.36 -30.61 40.96
N GLY E 111 -15.95 -29.43 40.76
CA GLY E 111 -17.05 -29.29 39.82
C GLY E 111 -18.40 -29.25 40.51
N ARG E 112 -19.28 -30.18 40.13
CA ARG E 112 -20.65 -30.20 40.66
C ARG E 112 -20.99 -31.56 41.25
N SER E 113 -20.45 -32.63 40.67
CA SER E 113 -20.83 -33.98 41.07
C SER E 113 -19.61 -34.90 41.20
N LEU E 114 -18.46 -34.34 41.55
CA LEU E 114 -17.24 -35.11 41.76
C LEU E 114 -16.64 -34.78 43.12
N ILE E 115 -16.31 -35.81 43.89
CA ILE E 115 -15.73 -35.65 45.21
C ILE E 115 -14.45 -36.47 45.27
N LEU E 116 -13.35 -35.83 45.68
CA LEU E 116 -12.08 -36.53 45.79
C LEU E 116 -12.09 -37.49 46.96
N THR E 117 -11.38 -38.60 46.81
CA THR E 117 -11.25 -39.61 47.85
C THR E 117 -9.90 -39.48 48.54
N SER E 118 -9.74 -40.20 49.65
CA SER E 118 -8.46 -40.20 50.36
C SER E 118 -7.38 -40.89 49.55
N ARG E 119 -7.76 -41.78 48.63
CA ARG E 119 -6.77 -42.50 47.83
C ARG E 119 -6.13 -41.62 46.77
N TRP E 120 -6.70 -40.44 46.49
CA TRP E 120 -6.20 -39.62 45.40
C TRP E 120 -4.74 -39.24 45.61
N THR E 121 -4.34 -39.02 46.85
CA THR E 121 -2.95 -38.65 47.13
C THR E 121 -2.00 -39.75 46.70
N GLU E 122 -2.35 -41.00 46.98
CA GLU E 122 -1.49 -42.12 46.59
C GLU E 122 -1.35 -42.20 45.08
N TYR E 123 -2.46 -42.03 44.35
CA TYR E 123 -2.40 -42.07 42.89
C TYR E 123 -1.54 -40.93 42.36
N CYS E 124 -1.71 -39.73 42.92
CA CYS E 124 -0.88 -38.61 42.51
C CYS E 124 0.60 -38.87 42.77
N ALA E 125 0.91 -39.55 43.88
CA ALA E 125 2.30 -39.81 44.22
C ALA E 125 2.91 -40.93 43.36
N THR E 126 2.11 -41.92 42.97
CA THR E 126 2.64 -43.10 42.31
C THR E 126 2.43 -43.12 40.80
N CYS E 127 1.31 -42.60 40.30
CA CYS E 127 1.02 -42.67 38.88
C CYS E 127 1.43 -41.44 38.10
N VAL E 128 1.62 -40.30 38.77
CA VAL E 128 2.01 -39.06 38.11
C VAL E 128 3.53 -39.06 37.99
N PRO E 129 4.09 -38.99 36.77
CA PRO E 129 5.55 -38.92 36.65
C PRO E 129 6.10 -37.67 37.32
N ALA E 130 7.32 -37.79 37.83
CA ALA E 130 7.97 -36.65 38.46
C ALA E 130 8.17 -35.53 37.43
N LEU E 131 8.15 -34.30 37.92
CA LEU E 131 8.25 -33.14 37.04
C LEU E 131 9.53 -33.21 36.21
N GLY E 132 9.40 -32.91 34.92
CA GLY E 132 10.52 -32.93 34.00
C GLY E 132 10.86 -34.30 33.46
N SER E 133 10.12 -35.34 33.83
CA SER E 133 10.41 -36.68 33.35
C SER E 133 10.28 -36.75 31.83
N LYS E 134 11.25 -37.41 31.19
CA LYS E 134 11.26 -37.60 29.75
C LYS E 134 11.29 -39.10 29.46
N MET E 135 10.48 -39.50 28.47
CA MET E 135 10.37 -40.93 28.16
C MET E 135 11.71 -41.52 27.73
N LYS E 136 12.60 -40.70 27.16
CA LYS E 136 13.90 -41.21 26.73
C LYS E 136 14.69 -41.77 27.91
N VAL E 137 14.73 -41.01 29.01
CA VAL E 137 15.49 -41.46 30.18
C VAL E 137 14.84 -42.70 30.78
N ILE E 138 13.51 -42.74 30.84
CA ILE E 138 12.82 -43.90 31.39
C ILE E 138 13.14 -45.14 30.57
N LYS E 139 13.09 -45.02 29.24
CA LYS E 139 13.39 -46.16 28.38
C LYS E 139 14.85 -46.58 28.53
N ALA E 140 15.76 -45.62 28.62
CA ALA E 140 17.17 -45.96 28.80
C ALA E 140 17.39 -46.71 30.12
N SER E 141 16.69 -46.30 31.18
CA SER E 141 16.82 -46.98 32.45
C SER E 141 16.43 -48.44 32.36
N GLY E 142 15.46 -48.76 31.50
CA GLY E 142 14.99 -50.12 31.34
C GLY E 142 13.99 -50.59 32.37
N ASP E 143 13.58 -49.71 33.29
CA ASP E 143 12.60 -50.09 34.31
C ASP E 143 11.25 -50.32 33.65
N ALA E 144 10.77 -51.56 33.72
CA ALA E 144 9.48 -51.89 33.11
C ALA E 144 8.35 -51.11 33.76
N ALA E 145 8.36 -51.02 35.10
CA ALA E 145 7.31 -50.31 35.81
C ALA E 145 7.29 -48.84 35.43
N MET E 146 8.47 -48.21 35.38
CA MET E 146 8.54 -46.79 35.04
C MET E 146 8.12 -46.56 33.58
N ILE E 147 8.53 -47.44 32.67
CA ILE E 147 8.14 -47.30 31.27
C ILE E 147 6.63 -47.42 31.14
N GLN E 148 6.03 -48.40 31.83
CA GLN E 148 4.59 -48.57 31.79
C GLN E 148 3.88 -47.34 32.37
N MET E 149 4.41 -46.80 33.47
CA MET E 149 3.82 -45.60 34.05
C MET E 149 3.87 -44.42 33.08
N MET E 150 5.00 -44.25 32.39
CA MET E 150 5.11 -43.16 31.42
C MET E 150 4.15 -43.34 30.26
N LYS E 151 4.03 -44.57 29.76
CA LYS E 151 3.10 -44.83 28.65
C LYS E 151 1.66 -44.57 29.09
N ASP E 152 1.30 -45.02 30.30
CA ASP E 152 -0.04 -44.78 30.81
C ASP E 152 -0.31 -43.28 30.98
N HIS E 153 0.70 -42.55 31.46
CA HIS E 153 0.55 -41.10 31.59
C HIS E 153 0.32 -40.45 30.24
N ASN E 154 1.08 -40.85 29.22
CA ASN E 154 0.90 -40.29 27.89
C ASN E 154 -0.49 -40.60 27.34
N SER E 155 -0.95 -41.85 27.51
CA SER E 155 -2.27 -42.22 27.03
C SER E 155 -3.36 -41.44 27.75
N LEU E 156 -3.22 -41.28 29.07
CA LEU E 156 -4.17 -40.50 29.83
C LEU E 156 -4.20 -39.06 29.37
N LEU E 157 -3.02 -38.48 29.10
CA LEU E 157 -2.98 -37.11 28.60
C LEU E 157 -3.69 -37.01 27.26
N ARG E 158 -3.48 -37.98 26.37
CA ARG E 158 -4.14 -37.94 25.07
C ARG E 158 -5.66 -38.01 25.23
N VAL E 159 -6.15 -38.93 26.07
CA VAL E 159 -7.59 -39.07 26.26
C VAL E 159 -8.16 -37.80 26.87
N CYS E 160 -7.48 -37.26 27.88
CA CYS E 160 -7.95 -36.06 28.54
C CYS E 160 -8.00 -34.87 27.58
N VAL E 161 -7.00 -34.75 26.72
CA VAL E 161 -7.00 -33.66 25.75
C VAL E 161 -8.09 -33.84 24.72
N ARG E 162 -8.36 -35.08 24.30
CA ARG E 162 -9.50 -35.29 23.39
C ARG E 162 -10.81 -34.88 24.06
N ILE E 163 -11.00 -35.27 25.32
CA ILE E 163 -12.20 -34.88 26.05
C ILE E 163 -12.27 -33.36 26.18
N GLU E 164 -11.12 -32.73 26.43
CA GLU E 164 -11.07 -31.28 26.57
C GLU E 164 -11.46 -30.60 25.26
N VAL E 165 -10.98 -31.11 24.13
CA VAL E 165 -11.33 -30.52 22.84
C VAL E 165 -12.83 -30.68 22.58
N TRP E 166 -13.38 -31.86 22.88
CA TRP E 166 -14.82 -32.04 22.71
C TRP E 166 -15.60 -31.08 23.59
N LYS E 167 -15.16 -30.90 24.84
CA LYS E 167 -15.85 -29.98 25.73
C LYS E 167 -15.75 -28.54 25.25
N ALA E 168 -14.60 -28.15 24.71
CA ALA E 168 -14.46 -26.82 24.14
C ALA E 168 -15.43 -26.63 22.98
N ARG E 169 -15.54 -27.64 22.11
CA ARG E 169 -16.52 -27.56 21.03
C ARG E 169 -17.93 -27.41 21.58
N TYR E 170 -18.27 -28.20 22.60
CA TYR E 170 -19.60 -28.14 23.18
C TYR E 170 -19.89 -26.77 23.76
N VAL E 171 -18.92 -26.19 24.47
CA VAL E 171 -19.12 -24.86 25.09
C VAL E 171 -19.29 -23.81 24.00
N SER E 172 -18.44 -23.86 22.97
CA SER E 172 -18.49 -22.87 21.90
C SER E 172 -19.80 -22.90 21.13
N LEU E 173 -20.57 -23.98 21.22
CA LEU E 173 -21.82 -24.07 20.49
C LEU E 173 -22.81 -22.98 20.89
N VAL E 174 -22.71 -22.47 22.12
CA VAL E 174 -23.69 -21.52 22.64
C VAL E 174 -23.00 -20.29 23.20
N ALA E 175 -21.67 -20.36 23.40
CA ALA E 175 -20.91 -19.26 23.97
C ALA E 175 -19.58 -19.18 23.22
N LEU E 176 -19.50 -18.26 22.25
CA LEU E 176 -18.30 -18.11 21.46
C LEU E 176 -17.19 -17.46 22.29
N ASP E 177 -15.95 -17.74 21.90
CA ASP E 177 -14.80 -17.17 22.58
C ASP E 177 -14.72 -15.66 22.34
N GLU E 178 -14.26 -14.94 23.36
CA GLU E 178 -14.08 -13.50 23.22
C GLU E 178 -13.04 -13.16 22.16
N ARG E 179 -12.02 -14.00 22.01
CA ARG E 179 -10.93 -13.73 21.09
C ARG E 179 -11.30 -13.98 19.63
N ILE E 180 -12.44 -14.61 19.36
CA ILE E 180 -12.86 -14.92 18.00
C ILE E 180 -13.66 -13.73 17.48
N GLN E 181 -13.02 -12.93 16.63
CA GLN E 181 -13.66 -11.75 16.03
C GLN E 181 -13.76 -11.84 14.51
N THR E 182 -12.78 -12.46 13.85
CA THR E 182 -12.77 -12.59 12.40
C THR E 182 -12.38 -14.01 12.04
N LEU E 183 -12.56 -14.34 10.76
CA LEU E 183 -12.18 -15.67 10.27
C LEU E 183 -10.73 -15.98 10.61
N GLU E 184 -9.86 -14.97 10.59
CA GLU E 184 -8.48 -15.18 10.99
C GLU E 184 -8.39 -15.76 12.41
N ASP E 185 -9.19 -15.21 13.33
CA ASP E 185 -9.19 -15.72 14.70
C ASP E 185 -9.89 -17.07 14.79
N ALA E 186 -11.02 -17.23 14.09
CA ALA E 186 -11.79 -18.46 14.17
C ALA E 186 -11.09 -19.64 13.50
N GLN E 187 -10.07 -19.39 12.69
CA GLN E 187 -9.35 -20.47 12.04
C GLN E 187 -8.50 -21.30 13.00
N TRP E 188 -8.22 -20.78 14.20
CA TRP E 188 -7.35 -21.45 15.15
C TRP E 188 -8.13 -22.00 16.36
N PHE E 189 -9.45 -22.10 16.24
CA PHE E 189 -10.22 -22.76 17.27
C PHE E 189 -9.83 -24.23 17.37
N PRO E 190 -9.81 -24.82 18.57
CA PRO E 190 -10.00 -24.21 19.89
C PRO E 190 -8.74 -23.54 20.42
N TYR E 191 -8.89 -22.68 21.42
CA TYR E 191 -7.75 -22.02 22.07
C TYR E 191 -7.48 -22.73 23.39
N LEU E 192 -6.58 -23.71 23.35
CA LEU E 192 -6.23 -24.49 24.52
C LEU E 192 -4.78 -24.26 24.90
N SER E 193 -4.42 -24.76 26.09
CA SER E 193 -3.09 -24.51 26.64
C SER E 193 -2.03 -25.30 25.87
N GLY E 194 -0.77 -25.08 26.24
CA GLY E 194 0.33 -25.73 25.54
C GLY E 194 0.31 -27.24 25.67
N ASP E 195 -0.01 -27.75 26.86
CA ASP E 195 -0.09 -29.19 27.05
C ASP E 195 -1.15 -29.80 26.15
N SER E 196 -2.27 -29.09 25.97
CA SER E 196 -3.33 -29.59 25.11
C SER E 196 -2.83 -29.77 23.68
N TYR E 197 -2.09 -28.79 23.16
CA TYR E 197 -1.53 -28.94 21.83
C TYR E 197 -0.47 -30.03 21.79
N ARG E 198 0.31 -30.16 22.85
CA ARG E 198 1.36 -31.18 22.88
C ARG E 198 0.77 -32.58 22.79
N ALA E 199 -0.33 -32.84 23.50
CA ALA E 199 -0.89 -34.18 23.51
C ALA E 199 -1.52 -34.52 22.17
N CYS E 200 -2.32 -33.61 21.61
CA CYS E 200 -3.07 -33.83 20.38
C CYS E 200 -2.90 -32.64 19.45
N PRO E 201 -1.73 -32.49 18.83
CA PRO E 201 -1.53 -31.34 17.94
C PRO E 201 -2.50 -31.28 16.78
N GLY E 202 -3.04 -32.43 16.34
CA GLY E 202 -3.98 -32.42 15.23
C GLY E 202 -5.37 -31.97 15.58
N LEU E 203 -5.72 -31.97 16.87
CA LEU E 203 -7.05 -31.59 17.32
C LEU E 203 -7.07 -30.27 18.07
N VAL E 204 -5.91 -29.79 18.52
CA VAL E 204 -5.82 -28.60 19.35
C VAL E 204 -5.32 -27.42 18.54
N GLY E 205 -5.94 -26.27 18.73
CA GLY E 205 -5.55 -25.05 18.05
C GLY E 205 -5.05 -23.99 19.00
N GLY E 206 -5.39 -22.73 18.74
CA GLY E 206 -5.02 -21.65 19.62
C GLY E 206 -3.71 -20.99 19.21
N TYR E 207 -2.90 -20.60 20.21
CA TYR E 207 -1.65 -19.90 19.92
C TYR E 207 -0.60 -20.86 19.38
N PHE E 208 -0.49 -22.06 19.96
CA PHE E 208 0.60 -22.96 19.59
C PHE E 208 0.42 -23.53 18.19
N ALA E 209 -0.81 -23.83 17.79
CA ALA E 209 -1.05 -24.25 16.41
C ALA E 209 -0.68 -23.14 15.44
N LYS E 210 -1.02 -21.90 15.78
CA LYS E 210 -0.64 -20.77 14.95
C LYS E 210 0.88 -20.65 14.84
N LYS E 211 1.59 -20.82 15.96
CA LYS E 211 3.04 -20.77 15.94
C LYS E 211 3.62 -21.87 15.06
N ALA E 212 3.08 -23.08 15.18
CA ALA E 212 3.59 -24.19 14.39
C ALA E 212 3.35 -23.96 12.89
N ALA E 213 2.11 -23.62 12.52
CA ALA E 213 1.82 -23.39 11.11
C ALA E 213 2.60 -22.19 10.57
N ALA E 214 2.65 -21.10 11.35
CA ALA E 214 3.38 -19.90 10.94
C ALA E 214 4.87 -20.04 11.28
N GLY E 215 5.48 -21.04 10.64
CA GLY E 215 6.88 -21.33 10.88
C GLY E 215 7.29 -22.59 10.16
N GLU E 216 8.50 -23.03 10.46
CA GLU E 216 9.03 -24.25 9.84
C GLU E 216 8.13 -25.43 10.17
N ARG E 217 7.86 -26.25 9.15
CA ARG E 217 7.07 -27.47 9.31
C ARG E 217 7.93 -28.65 8.90
N GLY E 218 8.16 -29.57 9.83
CA GLY E 218 8.93 -30.77 9.56
C GLY E 218 8.08 -31.87 8.96
N LYS E 219 8.73 -33.03 8.75
CA LYS E 219 8.01 -34.17 8.22
C LYS E 219 6.90 -34.62 9.18
N ASN E 220 7.18 -34.61 10.48
CA ASN E 220 6.20 -34.98 11.50
C ASN E 220 5.40 -33.75 11.90
N TYR E 221 4.70 -33.20 10.91
CA TYR E 221 3.84 -32.04 11.08
C TYR E 221 2.40 -32.46 10.81
N LYS E 222 1.49 -32.08 11.69
CA LYS E 222 0.09 -32.44 11.59
C LYS E 222 -0.75 -31.18 11.36
N LYS E 223 -1.71 -31.28 10.45
CA LYS E 223 -2.59 -30.17 10.13
C LYS E 223 -3.80 -30.18 11.07
N LEU E 224 -4.11 -29.02 11.64
CA LEU E 224 -5.22 -28.91 12.58
C LEU E 224 -6.51 -29.38 11.92
N ASN E 225 -7.24 -30.25 12.61
CA ASN E 225 -8.51 -30.78 12.13
C ASN E 225 -9.61 -30.24 13.05
N GLN E 226 -10.11 -29.05 12.71
CA GLN E 226 -11.19 -28.46 13.51
C GLN E 226 -12.44 -29.31 13.47
N THR E 227 -12.63 -30.09 12.41
CA THR E 227 -13.81 -30.92 12.24
C THR E 227 -13.53 -32.40 12.46
N ALA E 228 -12.44 -32.73 13.15
CA ALA E 228 -12.17 -34.12 13.48
C ALA E 228 -13.28 -34.66 14.38
N ILE E 229 -13.76 -35.85 14.04
CA ILE E 229 -14.88 -36.44 14.77
C ILE E 229 -14.37 -37.01 16.08
N ILE E 230 -14.78 -36.40 17.19
CA ILE E 230 -14.43 -36.86 18.53
C ILE E 230 -15.73 -37.32 19.19
N PRO E 231 -15.89 -38.60 19.51
CA PRO E 231 -17.14 -39.04 20.13
C PRO E 231 -17.33 -38.36 21.47
N PRO E 232 -18.58 -38.25 21.93
CA PRO E 232 -18.81 -37.67 23.25
C PRO E 232 -18.06 -38.43 24.31
N PRO E 233 -17.60 -37.76 25.36
CA PRO E 233 -16.78 -38.45 26.37
C PRO E 233 -17.41 -39.72 26.92
N ARG E 234 -18.73 -39.72 27.13
CA ARG E 234 -19.39 -40.93 27.60
C ARG E 234 -19.17 -42.09 26.65
N PHE E 235 -19.07 -41.82 25.35
CA PHE E 235 -18.73 -42.84 24.38
C PHE E 235 -17.23 -43.07 24.28
N LEU E 236 -16.43 -42.01 24.41
CA LEU E 236 -14.98 -42.14 24.26
C LEU E 236 -14.40 -43.05 25.33
N ILE E 237 -14.84 -42.88 26.59
CA ILE E 237 -14.23 -43.62 27.70
C ILE E 237 -14.61 -45.09 27.71
N ILE E 238 -15.46 -45.54 26.79
CA ILE E 238 -15.85 -46.93 26.69
C ILE E 238 -15.46 -47.55 25.35
N GLY E 239 -14.79 -46.81 24.49
CA GLY E 239 -14.37 -47.33 23.20
C GLY E 239 -15.42 -47.32 22.12
N HIS E 240 -16.63 -46.86 22.43
CA HIS E 240 -17.69 -46.81 21.43
C HIS E 240 -17.35 -45.78 20.35
N ARG E 241 -17.58 -46.16 19.10
CA ARG E 241 -17.31 -45.28 17.96
C ARG E 241 -18.62 -44.67 17.49
N LEU E 242 -18.64 -43.34 17.38
CA LEU E 242 -19.83 -42.64 16.93
C LEU E 242 -20.22 -43.13 15.54
N GLN E 243 -21.51 -43.43 15.36
CA GLN E 243 -22.00 -44.00 14.12
C GLN E 243 -23.49 -43.68 14.00
N ILE E 244 -24.10 -44.21 12.94
CA ILE E 244 -25.52 -43.97 12.66
C ILE E 244 -26.35 -44.91 13.53
N GLY E 245 -27.41 -44.37 14.14
CA GLY E 245 -28.33 -45.15 14.93
C GLY E 245 -28.10 -45.12 16.43
N ASP E 246 -27.23 -44.24 16.92
CA ASP E 246 -26.96 -44.13 18.36
C ASP E 246 -27.69 -42.92 18.93
N GLN E 247 -28.21 -43.06 20.13
CA GLN E 247 -28.98 -42.00 20.77
C GLN E 247 -28.04 -40.94 21.33
N VAL E 248 -28.20 -39.71 20.87
CA VAL E 248 -27.42 -38.57 21.31
C VAL E 248 -28.31 -37.33 21.26
N THR E 249 -27.75 -36.20 21.69
CA THR E 249 -28.42 -34.91 21.66
C THR E 249 -27.87 -34.07 20.51
N LEU E 250 -28.69 -33.12 20.05
CA LEU E 250 -28.28 -32.26 18.95
C LEU E 250 -26.95 -31.57 19.27
N ARG E 251 -26.85 -30.99 20.47
CA ARG E 251 -25.61 -30.34 20.88
C ARG E 251 -24.47 -31.34 20.91
N GLU E 252 -24.72 -32.56 21.39
CA GLU E 252 -23.68 -33.58 21.44
C GLU E 252 -23.12 -33.85 20.05
N LEU E 253 -24.00 -34.13 19.08
CA LEU E 253 -23.54 -34.44 17.73
C LEU E 253 -22.85 -33.23 17.10
N LEU E 254 -23.41 -32.04 17.28
CA LEU E 254 -22.80 -30.86 16.69
C LEU E 254 -21.39 -30.64 17.23
N ALA E 255 -21.21 -30.77 18.55
CA ALA E 255 -19.88 -30.65 19.12
C ALA E 255 -18.95 -31.76 18.62
N SER E 256 -19.44 -32.99 18.53
CA SER E 256 -18.59 -34.09 18.13
C SER E 256 -18.08 -33.91 16.70
N ILE E 257 -18.96 -33.49 15.79
CA ILE E 257 -18.61 -33.40 14.37
C ILE E 257 -18.26 -31.98 13.93
N ALA E 258 -18.50 -30.98 14.76
CA ALA E 258 -18.21 -29.59 14.40
C ALA E 258 -18.19 -28.75 15.67
N TRP E 259 -18.18 -27.44 15.51
CA TRP E 259 -18.25 -26.51 16.63
C TRP E 259 -19.19 -25.38 16.26
N GLY E 260 -19.18 -24.31 17.06
CA GLY E 260 -20.22 -23.30 16.97
C GLY E 260 -20.27 -22.62 15.61
N LEU E 261 -19.11 -22.25 15.08
CA LEU E 261 -19.05 -21.42 13.88
C LEU E 261 -19.14 -22.21 12.58
N CYS E 262 -19.26 -23.54 12.65
CA CYS E 262 -19.47 -24.32 11.45
C CYS E 262 -20.87 -24.09 10.89
N ASP E 263 -21.04 -24.39 9.61
CA ASP E 263 -22.32 -24.15 8.95
C ASP E 263 -23.43 -24.97 9.60
N GLY E 264 -24.64 -24.41 9.60
CA GLY E 264 -25.77 -25.06 10.22
C GLY E 264 -26.31 -26.26 9.48
N VAL E 265 -25.88 -26.47 8.23
CA VAL E 265 -26.35 -27.63 7.47
C VAL E 265 -26.01 -28.93 8.16
N LEU E 266 -24.95 -28.94 8.98
CA LEU E 266 -24.59 -30.15 9.72
C LEU E 266 -25.73 -30.62 10.62
N ALA E 267 -26.66 -29.73 10.98
CA ALA E 267 -27.80 -30.13 11.79
C ALA E 267 -28.61 -31.23 11.11
N GLU E 268 -28.50 -31.37 9.79
CA GLU E 268 -29.18 -32.45 9.09
C GLU E 268 -28.71 -33.83 9.54
N CYS E 269 -27.53 -33.94 10.14
CA CYS E 269 -27.02 -35.22 10.58
C CYS E 269 -27.76 -35.77 11.79
N TRP E 270 -28.62 -34.99 12.41
CA TRP E 270 -29.38 -35.38 13.58
C TRP E 270 -30.86 -35.46 13.25
N SER E 271 -31.58 -36.30 13.99
CA SER E 271 -33.02 -36.42 13.81
C SER E 271 -33.68 -36.74 15.15
N PRO E 272 -34.62 -35.93 15.62
CA PRO E 272 -35.25 -36.22 16.91
C PRO E 272 -36.05 -37.52 16.85
N SER E 273 -36.11 -38.21 17.98
CA SER E 273 -36.87 -39.44 18.11
C SER E 273 -38.32 -39.09 18.46
N GLN E 274 -39.12 -40.12 18.78
CA GLN E 274 -40.51 -39.88 19.11
C GLN E 274 -40.60 -39.03 20.38
N GLY E 275 -41.40 -37.96 20.31
CA GLY E 275 -41.56 -37.06 21.42
C GLY E 275 -40.43 -36.08 21.64
N ASP E 276 -39.43 -36.06 20.76
CA ASP E 276 -38.28 -35.18 20.90
C ASP E 276 -37.59 -35.43 22.25
N GLY E 277 -37.92 -34.63 23.26
CA GLY E 277 -37.32 -34.81 24.57
C GLY E 277 -35.85 -34.52 24.64
N SER E 278 -35.32 -33.74 23.70
CA SER E 278 -33.91 -33.36 23.62
C SER E 278 -32.99 -34.53 23.29
N ILE E 279 -33.54 -35.71 23.00
CA ILE E 279 -32.76 -36.89 22.64
C ILE E 279 -33.25 -37.38 21.29
N GLY E 280 -32.32 -37.58 20.36
CA GLY E 280 -32.64 -38.04 19.02
C GLY E 280 -31.74 -39.18 18.60
N VAL E 281 -31.36 -39.17 17.33
CA VAL E 281 -30.53 -40.22 16.76
C VAL E 281 -29.74 -39.61 15.60
N VAL E 282 -28.51 -40.09 15.43
CA VAL E 282 -27.67 -39.65 14.32
C VAL E 282 -28.11 -40.38 13.06
N VAL E 283 -28.47 -39.63 12.03
CA VAL E 283 -28.92 -40.19 10.76
C VAL E 283 -27.82 -40.12 9.70
N GLY E 284 -26.63 -39.68 10.07
CA GLY E 284 -25.53 -39.61 9.13
C GLY E 284 -24.37 -38.86 9.72
N LEU E 285 -23.25 -38.92 9.01
CA LEU E 285 -22.04 -38.23 9.40
C LEU E 285 -21.41 -37.61 8.15
N PRO E 286 -21.01 -36.34 8.21
CA PRO E 286 -20.49 -35.69 7.00
C PRO E 286 -19.19 -36.31 6.53
N LEU E 287 -18.99 -36.27 5.22
CA LEU E 287 -17.75 -36.73 4.60
C LEU E 287 -16.80 -35.56 4.44
N GLN E 288 -15.56 -35.87 4.01
CA GLN E 288 -14.53 -34.86 3.82
C GLN E 288 -14.29 -34.07 5.10
N ALA E 289 -14.42 -34.72 6.25
CA ALA E 289 -14.22 -34.04 7.52
C ALA E 289 -12.79 -33.57 7.70
N THR E 290 -11.82 -34.20 7.04
CA THR E 290 -10.42 -33.83 7.15
C THR E 290 -9.73 -34.10 5.83
N GLY E 291 -8.63 -33.38 5.61
CA GLY E 291 -7.85 -33.53 4.39
C GLY E 291 -8.29 -32.56 3.30
N SER E 292 -8.52 -33.77 0.31
CA SER E 292 -7.35 -33.75 -0.56
C SER E 292 -7.12 -32.36 -1.13
N CYS E 293 -6.01 -32.20 -1.84
CA CYS E 293 -5.63 -30.92 -2.44
C CYS E 293 -5.86 -31.00 -3.95
N PHE E 294 -6.58 -30.02 -4.49
CA PHE E 294 -6.89 -29.95 -5.92
C PHE E 294 -6.14 -28.82 -6.61
N LEU E 295 -4.91 -28.55 -6.18
CA LEU E 295 -4.09 -27.55 -6.83
C LEU E 295 -3.36 -28.16 -8.02
N VAL E 296 -3.20 -27.34 -9.07
CA VAL E 296 -2.43 -27.74 -10.25
C VAL E 296 -1.42 -26.65 -10.55
N VAL E 297 -0.16 -26.89 -10.18
CA VAL E 297 0.87 -25.86 -10.32
C VAL E 297 1.15 -25.61 -11.81
N ALA E 298 1.62 -24.39 -12.09
CA ALA E 298 1.97 -24.02 -13.46
C ALA E 298 3.29 -24.66 -13.85
N SER E 299 3.31 -25.32 -15.00
CA SER E 299 4.50 -26.00 -15.47
C SER E 299 4.42 -26.20 -16.97
N HIS E 300 5.57 -26.16 -17.63
CA HIS E 300 5.67 -26.38 -19.07
C HIS E 300 4.69 -25.50 -19.84
N GLY E 301 4.58 -24.25 -19.40
CA GLY E 301 3.70 -23.29 -20.04
C GLY E 301 2.25 -23.34 -19.61
N LEU E 302 1.88 -24.28 -18.75
CA LEU E 302 0.51 -24.36 -18.26
C LEU E 302 0.29 -23.40 -17.10
N SER E 303 -0.91 -22.83 -17.05
CA SER E 303 -1.27 -21.90 -16.00
C SER E 303 -1.67 -22.66 -14.73
N ALA E 304 -1.42 -22.03 -13.58
CA ALA E 304 -1.80 -22.62 -12.31
C ALA E 304 -3.32 -22.58 -12.15
N ILE E 305 -3.85 -23.58 -11.46
CA ILE E 305 -5.27 -23.69 -11.18
C ILE E 305 -5.46 -23.79 -9.68
N ALA E 306 -6.21 -22.86 -9.11
CA ALA E 306 -6.46 -22.89 -7.66
C ALA E 306 -7.32 -24.09 -7.26
N ASP E 307 -8.19 -24.55 -8.15
CA ASP E 307 -9.07 -25.67 -7.85
C ASP E 307 -9.47 -26.34 -9.16
N SER E 308 -9.11 -27.61 -9.31
CA SER E 308 -9.48 -28.34 -10.53
C SER E 308 -10.99 -28.47 -10.67
N ARG E 309 -11.71 -28.59 -9.56
CA ARG E 309 -13.15 -28.77 -9.63
C ARG E 309 -13.86 -27.49 -10.06
N ILE E 310 -13.41 -26.35 -9.53
CA ILE E 310 -14.07 -25.08 -9.84
C ILE E 310 -13.84 -24.65 -11.29
N GLU E 311 -12.82 -25.21 -11.95
CA GLU E 311 -12.49 -24.78 -13.30
C GLU E 311 -13.69 -24.95 -14.23
N GLY E 312 -13.95 -23.92 -15.03
CA GLY E 312 -15.07 -23.94 -15.95
C GLY E 312 -15.53 -22.54 -16.34
N THR E 316 -20.60 -16.65 -8.18
CA THR E 316 -19.96 -16.82 -6.88
C THR E 316 -20.99 -17.06 -5.79
N ASN E 317 -22.06 -17.78 -6.14
CA ASN E 317 -23.13 -18.07 -5.19
C ASN E 317 -22.65 -19.13 -4.21
N LEU E 318 -22.17 -18.69 -3.05
CA LEU E 318 -21.65 -19.62 -2.04
C LEU E 318 -22.75 -20.40 -1.34
N LEU E 319 -23.99 -19.90 -1.37
CA LEU E 319 -25.10 -20.56 -0.70
C LEU E 319 -25.56 -21.82 -1.45
N GLU E 320 -25.09 -22.04 -2.67
CA GLU E 320 -25.44 -23.23 -3.44
C GLU E 320 -24.52 -24.41 -3.17
N GLU E 321 -23.49 -24.22 -2.35
CA GLU E 321 -22.58 -25.31 -2.05
C GLU E 321 -23.26 -26.37 -1.20
N CYS E 322 -22.79 -27.61 -1.32
CA CYS E 322 -23.42 -28.75 -0.68
C CYS E 322 -22.37 -29.58 0.06
N ILE E 323 -22.83 -30.30 1.08
CA ILE E 323 -22.00 -31.19 1.87
C ILE E 323 -22.44 -32.62 1.62
N ALA E 324 -21.47 -33.54 1.66
CA ALA E 324 -21.74 -34.96 1.48
C ALA E 324 -21.96 -35.59 2.85
N ILE E 325 -23.16 -36.14 3.06
CA ILE E 325 -23.52 -36.82 4.29
C ILE E 325 -23.61 -38.31 4.00
N GLN E 326 -22.90 -39.09 4.81
CA GLN E 326 -22.90 -40.55 4.66
C GLN E 326 -24.05 -41.11 5.48
N LYS E 327 -25.18 -41.34 4.81
CA LYS E 327 -26.34 -41.92 5.47
C LYS E 327 -26.23 -43.44 5.48
N GLN E 328 -27.22 -44.09 6.10
CA GLN E 328 -27.26 -45.54 6.10
C GLN E 328 -27.39 -46.10 4.70
N ASP E 329 -28.17 -45.44 3.85
CA ASP E 329 -28.34 -45.89 2.46
C ASP E 329 -27.11 -45.55 1.62
N GLY E 330 -26.65 -44.30 1.70
CA GLY E 330 -25.52 -43.89 0.90
C GLY E 330 -25.24 -42.41 1.09
N VAL E 331 -24.31 -41.91 0.27
CA VAL E 331 -23.92 -40.51 0.34
C VAL E 331 -24.98 -39.65 -0.32
N ILE E 332 -25.36 -38.56 0.35
CA ILE E 332 -26.33 -37.61 -0.17
C ILE E 332 -25.74 -36.20 -0.08
N LYS E 333 -26.00 -35.39 -1.10
CA LYS E 333 -25.54 -34.01 -1.15
C LYS E 333 -26.65 -33.11 -0.58
N CYS E 334 -26.32 -32.38 0.48
CA CYS E 334 -27.27 -31.50 1.16
C CYS E 334 -26.79 -30.06 1.04
N LYS E 335 -27.68 -29.18 0.57
CA LYS E 335 -27.32 -27.79 0.35
C LYS E 335 -26.95 -27.12 1.67
N ARG E 336 -25.98 -26.21 1.61
CA ARG E 336 -25.58 -25.47 2.80
C ARG E 336 -26.64 -24.44 3.17
N SER E 337 -26.68 -24.09 4.45
CA SER E 337 -27.67 -23.15 4.96
C SER E 337 -27.17 -21.70 4.92
N GLY E 338 -25.87 -21.48 5.09
CA GLY E 338 -25.31 -20.15 5.06
C GLY E 338 -25.19 -19.48 6.41
N LYS E 339 -25.79 -20.04 7.45
CA LYS E 339 -25.72 -19.51 8.80
C LYS E 339 -24.95 -20.48 9.68
N SER E 340 -24.01 -19.96 10.47
CA SER E 340 -23.21 -20.81 11.34
C SER E 340 -24.11 -21.54 12.34
N LEU E 341 -23.57 -22.62 12.92
CA LEU E 341 -24.33 -23.41 13.86
C LEU E 341 -24.72 -22.59 15.08
N TYR E 342 -23.83 -21.72 15.56
CA TYR E 342 -24.15 -20.87 16.70
C TYR E 342 -25.36 -19.99 16.40
N HIS E 343 -25.33 -19.31 15.25
CA HIS E 343 -26.45 -18.43 14.89
C HIS E 343 -27.73 -19.22 14.69
N CYS E 344 -27.64 -20.38 14.05
CA CYS E 344 -28.84 -21.19 13.82
C CYS E 344 -29.45 -21.64 15.16
N LEU E 345 -28.60 -22.08 16.09
CA LEU E 345 -29.09 -22.47 17.41
C LEU E 345 -29.73 -21.29 18.12
N LYS E 346 -29.11 -20.11 18.03
CA LYS E 346 -29.67 -18.94 18.68
C LYS E 346 -31.03 -18.57 18.09
N GLU E 347 -31.16 -18.66 16.76
CA GLU E 347 -32.40 -18.27 16.10
C GLU E 347 -33.50 -19.30 16.35
N THR E 348 -33.15 -20.57 16.44
CA THR E 348 -34.13 -21.63 16.67
C THR E 348 -34.40 -21.90 18.14
N ALA E 349 -33.73 -21.18 19.05
CA ALA E 349 -33.92 -21.42 20.47
C ALA E 349 -35.35 -21.14 20.89
N GLY E 350 -35.93 -20.05 20.39
CA GLY E 350 -37.30 -19.68 20.74
C GLY E 350 -37.58 -18.21 20.51
N GLU G 34 28.10 3.89 -55.89
CA GLU G 34 27.41 2.60 -55.90
C GLU G 34 26.81 2.29 -54.54
N LEU G 35 27.62 2.47 -53.49
CA LEU G 35 27.18 2.22 -52.13
C LEU G 35 27.59 3.39 -51.24
N PRO G 36 26.79 3.71 -50.21
CA PRO G 36 27.21 4.75 -49.26
C PRO G 36 28.45 4.32 -48.50
N ARG G 37 28.96 5.26 -47.69
CA ARG G 37 30.17 5.01 -46.92
C ARG G 37 29.96 3.89 -45.92
N ASN G 38 28.80 3.86 -45.25
CA ASN G 38 28.56 2.88 -44.20
C ASN G 38 28.59 1.46 -44.75
N LEU G 39 27.80 1.21 -45.80
CA LEU G 39 27.72 -0.14 -46.36
C LEU G 39 29.05 -0.56 -46.97
N GLU G 40 29.74 0.36 -47.64
CA GLU G 40 31.06 0.04 -48.20
C GLU G 40 32.03 -0.33 -47.09
N VAL G 41 32.01 0.42 -45.99
CA VAL G 41 32.90 0.14 -44.87
C VAL G 41 32.60 -1.23 -44.29
N PHE G 42 31.32 -1.54 -44.11
CA PHE G 42 30.94 -2.84 -43.56
C PHE G 42 31.39 -3.98 -44.48
N ASN G 43 31.16 -3.81 -45.79
CA ASN G 43 31.57 -4.83 -46.75
C ASN G 43 33.08 -5.04 -46.72
N GLU G 44 33.84 -3.95 -46.71
CA GLU G 44 35.29 -4.05 -46.68
C GLU G 44 35.75 -4.76 -45.41
N ALA G 45 35.18 -4.39 -44.27
CA ALA G 45 35.60 -5.00 -43.01
C ALA G 45 35.31 -6.49 -43.01
N CYS G 46 34.10 -6.88 -43.40
CA CYS G 46 33.76 -8.31 -43.37
C CYS G 46 34.61 -9.09 -44.36
N GLY G 47 34.85 -8.54 -45.55
CA GLY G 47 35.71 -9.23 -46.51
C GLY G 47 37.12 -9.40 -46.00
N HIS G 48 37.67 -8.34 -45.38
CA HIS G 48 39.02 -8.43 -44.84
C HIS G 48 39.09 -9.47 -43.73
N VAL G 49 38.09 -9.51 -42.85
CA VAL G 49 38.15 -10.37 -41.68
C VAL G 49 37.84 -11.83 -41.98
N PHE G 50 36.96 -12.11 -42.95
CA PHE G 50 36.48 -13.47 -43.19
C PHE G 50 36.81 -13.98 -44.59
N GLY G 51 37.48 -13.18 -45.42
CA GLY G 51 37.86 -13.66 -46.74
C GLY G 51 36.66 -14.10 -47.55
N SER G 52 36.77 -15.28 -48.14
CA SER G 52 35.72 -15.84 -48.99
C SER G 52 34.69 -16.66 -48.20
N SER G 53 34.95 -16.92 -46.92
CA SER G 53 33.99 -17.67 -46.10
C SER G 53 32.74 -16.87 -45.77
N PHE G 54 32.74 -15.57 -46.06
CA PHE G 54 31.60 -14.70 -45.75
C PHE G 54 30.60 -14.77 -46.89
N ASN G 55 29.45 -15.37 -46.64
CA ASN G 55 28.38 -15.40 -47.62
C ASN G 55 27.57 -14.12 -47.55
N ARG G 56 27.35 -13.50 -48.71
CA ARG G 56 26.67 -12.21 -48.77
C ARG G 56 25.16 -12.33 -48.92
N GLU G 57 24.62 -13.55 -48.87
CA GLU G 57 23.18 -13.77 -49.05
C GLU G 57 22.56 -14.60 -47.94
N ASP G 58 23.30 -14.87 -46.86
CA ASP G 58 22.77 -15.59 -45.71
C ASP G 58 22.63 -14.63 -44.55
N ASN G 59 21.40 -14.45 -44.08
CA ASN G 59 21.15 -13.49 -43.00
C ASN G 59 21.86 -13.91 -41.73
N SER G 60 21.86 -15.21 -41.40
CA SER G 60 22.52 -15.67 -40.19
C SER G 60 24.03 -15.41 -40.26
N VAL G 61 24.65 -15.68 -41.41
CA VAL G 61 26.08 -15.45 -41.54
C VAL G 61 26.39 -13.96 -41.41
N ILE G 62 25.60 -13.11 -42.06
CA ILE G 62 25.80 -11.67 -41.96
C ILE G 62 25.66 -11.21 -40.52
N SER G 63 24.66 -11.73 -39.82
CA SER G 63 24.44 -11.35 -38.43
C SER G 63 25.62 -11.77 -37.55
N ASP G 64 26.11 -12.99 -37.75
CA ASP G 64 27.26 -13.44 -36.96
C ASP G 64 28.49 -12.59 -37.25
N ALA G 65 28.72 -12.26 -38.51
CA ALA G 65 29.86 -11.42 -38.86
C ALA G 65 29.72 -10.04 -38.24
N ALA G 66 28.52 -9.47 -38.28
CA ALA G 66 28.30 -8.16 -37.67
C ALA G 66 28.52 -8.20 -36.17
N ALA G 67 28.05 -9.27 -35.51
CA ALA G 67 28.28 -9.40 -34.08
C ALA G 67 29.76 -9.49 -33.76
N PHE G 68 30.51 -10.27 -34.54
CA PHE G 68 31.95 -10.39 -34.32
C PHE G 68 32.64 -9.05 -34.53
N LEU G 69 32.25 -8.32 -35.59
CA LEU G 69 32.85 -7.02 -35.84
C LEU G 69 32.53 -6.03 -34.74
N PHE G 70 31.30 -6.09 -34.21
CA PHE G 70 30.94 -5.22 -33.10
C PHE G 70 31.77 -5.55 -31.87
N LYS G 71 31.97 -6.83 -31.59
CA LYS G 71 32.82 -7.22 -30.48
C LYS G 71 34.24 -6.73 -30.68
N MET G 72 34.77 -6.85 -31.90
CA MET G 72 36.14 -6.41 -32.16
C MET G 72 36.29 -4.91 -31.99
N HIS G 73 35.42 -4.13 -32.64
CA HIS G 73 35.49 -2.67 -32.57
C HIS G 73 35.12 -2.14 -31.19
N THR G 74 34.44 -2.94 -30.38
CA THR G 74 34.12 -2.58 -29.00
C THR G 74 35.18 -3.09 -28.02
N HIS G 75 36.26 -3.68 -28.52
CA HIS G 75 37.32 -4.23 -27.68
C HIS G 75 36.77 -5.26 -26.70
N SER G 76 35.84 -6.08 -27.19
CA SER G 76 35.22 -7.14 -26.39
C SER G 76 35.87 -8.50 -26.60
N LEU G 77 36.92 -8.59 -27.43
CA LEU G 77 37.57 -9.85 -27.70
C LEU G 77 38.77 -10.05 -26.78
N ASP G 78 39.24 -11.28 -26.71
CA ASP G 78 40.38 -11.61 -25.87
C ASP G 78 41.64 -10.92 -26.36
N GLY G 79 42.48 -10.48 -25.43
CA GLY G 79 43.74 -9.85 -25.77
C GLY G 79 43.66 -8.39 -26.11
N GLN G 80 42.48 -7.77 -26.02
CA GLN G 80 42.31 -6.36 -26.32
C GLN G 80 42.38 -5.53 -25.04
N GLU G 81 42.43 -4.21 -25.23
CA GLU G 81 42.68 -3.30 -24.11
C GLU G 81 41.67 -3.51 -22.99
N ALA G 82 42.15 -3.49 -21.76
CA ALA G 82 41.29 -3.64 -20.59
C ALA G 82 40.59 -2.32 -20.29
N LYS G 83 39.29 -2.39 -20.05
CA LYS G 83 38.48 -1.20 -19.75
C LYS G 83 38.53 -0.96 -18.25
N VAL G 84 39.34 0.01 -17.82
CA VAL G 84 39.66 0.16 -16.40
C VAL G 84 39.46 1.61 -15.96
N LEU G 85 39.10 2.49 -16.90
CA LEU G 85 38.99 3.92 -16.62
C LEU G 85 38.31 4.19 -15.28
N ARG G 86 37.10 3.65 -15.10
CA ARG G 86 36.35 3.78 -13.86
C ARG G 86 35.71 2.45 -13.47
N ALA G 87 36.28 1.35 -13.93
CA ALA G 87 35.73 0.03 -13.66
C ALA G 87 35.88 -0.34 -12.19
N SER G 88 34.91 -1.08 -11.67
CA SER G 88 34.98 -1.61 -10.33
C SER G 88 35.89 -2.83 -10.29
N GLU G 89 36.47 -3.10 -9.12
CA GLU G 89 37.46 -4.16 -9.00
C GLU G 89 36.95 -5.47 -9.59
N LYS G 90 35.66 -5.76 -9.38
CA LYS G 90 35.08 -6.95 -9.99
C LYS G 90 35.13 -6.86 -11.51
N LYS G 91 34.84 -5.69 -12.07
CA LYS G 91 34.92 -5.50 -13.52
C LYS G 91 36.38 -5.49 -13.98
N ARG G 92 37.28 -4.89 -13.20
CA ARG G 92 38.68 -4.89 -13.57
C ARG G 92 39.25 -6.30 -13.61
N GLU G 93 38.76 -7.19 -12.74
CA GLU G 93 39.19 -8.58 -12.79
C GLU G 93 38.85 -9.20 -14.15
N ARG G 94 37.61 -9.02 -14.61
CA ARG G 94 37.21 -9.58 -15.89
C ARG G 94 37.98 -8.94 -17.04
N GLU G 95 38.21 -7.63 -16.98
CA GLU G 95 38.97 -6.96 -18.03
C GLU G 95 40.39 -7.49 -18.09
N ASN G 96 41.03 -7.67 -16.93
CA ASN G 96 42.39 -8.21 -16.90
C ASN G 96 42.41 -9.64 -17.41
N ALA G 97 41.41 -10.44 -17.05
CA ALA G 97 41.34 -11.80 -17.56
C ALA G 97 41.22 -11.81 -19.08
N LYS G 98 40.39 -10.92 -19.63
CA LYS G 98 40.26 -10.84 -21.08
C LYS G 98 41.58 -10.42 -21.72
N LYS G 99 42.26 -9.43 -21.13
CA LYS G 99 43.51 -8.95 -21.69
C LYS G 99 44.56 -10.05 -21.69
N SER G 100 44.69 -10.78 -20.58
CA SER G 100 45.68 -11.85 -20.50
C SER G 100 45.34 -12.99 -21.46
N ARG G 101 44.06 -13.27 -21.66
CA ARG G 101 43.66 -14.37 -22.52
C ARG G 101 44.17 -14.16 -23.94
N LYS G 102 44.59 -15.25 -24.56
CA LYS G 102 45.11 -15.19 -25.92
C LYS G 102 44.04 -14.71 -26.88
N ALA G 103 44.45 -13.91 -27.86
CA ALA G 103 43.53 -13.39 -28.85
C ALA G 103 43.10 -14.50 -29.80
N PRO G 104 41.97 -14.33 -30.49
CA PRO G 104 41.53 -15.36 -31.44
C PRO G 104 42.59 -15.63 -32.50
N GLU G 105 42.69 -16.90 -32.89
CA GLU G 105 43.68 -17.35 -33.86
C GLU G 105 43.07 -17.40 -35.25
N ALA G 106 43.94 -17.42 -36.25
CA ALA G 106 43.50 -17.54 -37.63
C ALA G 106 42.85 -18.90 -37.86
N GLY G 107 41.79 -18.91 -38.67
CA GLY G 107 41.05 -20.13 -38.95
C GLY G 107 40.04 -20.51 -37.89
N MET G 108 39.88 -19.70 -36.85
CA MET G 108 38.91 -20.01 -35.81
C MET G 108 37.50 -19.99 -36.39
N ARG G 109 36.69 -20.96 -35.97
CA ARG G 109 35.31 -21.05 -36.44
C ARG G 109 34.45 -20.03 -35.70
N VAL G 110 33.79 -19.17 -36.46
CA VAL G 110 32.88 -18.16 -35.91
C VAL G 110 31.46 -18.57 -36.29
N GLY G 111 30.57 -18.61 -35.31
CA GLY G 111 29.20 -19.00 -35.60
C GLY G 111 29.15 -20.38 -36.21
N ARG G 112 28.46 -20.49 -37.35
CA ARG G 112 28.31 -21.77 -38.04
C ARG G 112 29.27 -21.90 -39.21
N SER G 113 29.24 -20.94 -40.14
CA SER G 113 29.99 -21.02 -41.39
C SER G 113 30.81 -19.75 -41.60
N LEU G 114 31.50 -19.29 -40.56
CA LEU G 114 32.41 -18.17 -40.65
C LEU G 114 33.76 -18.58 -40.09
N ILE G 115 34.82 -18.38 -40.88
CA ILE G 115 36.17 -18.76 -40.52
C ILE G 115 37.07 -17.53 -40.61
N LEU G 116 37.85 -17.29 -39.56
CA LEU G 116 38.73 -16.12 -39.55
C LEU G 116 39.91 -16.32 -40.49
N THR G 117 40.29 -15.24 -41.17
CA THR G 117 41.44 -15.27 -42.07
C THR G 117 42.71 -14.93 -41.30
N SER G 118 43.85 -15.26 -41.90
CA SER G 118 45.13 -14.98 -41.27
C SER G 118 45.45 -13.49 -41.23
N ARG G 119 44.75 -12.68 -42.01
CA ARG G 119 44.97 -11.24 -42.04
C ARG G 119 43.98 -10.48 -41.17
N TRP G 120 43.17 -11.19 -40.37
CA TRP G 120 42.23 -10.51 -39.49
C TRP G 120 42.94 -9.70 -38.42
N THR G 121 44.09 -10.17 -37.94
CA THR G 121 44.83 -9.43 -36.92
C THR G 121 45.28 -8.07 -37.46
N GLU G 122 45.75 -8.05 -38.71
CA GLU G 122 46.17 -6.78 -39.31
C GLU G 122 45.01 -5.79 -39.38
N TYR G 123 43.83 -6.26 -39.80
CA TYR G 123 42.67 -5.38 -39.84
C TYR G 123 42.29 -4.89 -38.46
N CYS G 124 42.33 -5.79 -37.46
CA CYS G 124 41.99 -5.38 -36.11
C CYS G 124 42.94 -4.31 -35.60
N ALA G 125 44.23 -4.46 -35.89
CA ALA G 125 45.21 -3.48 -35.44
C ALA G 125 45.07 -2.15 -36.19
N THR G 126 44.74 -2.20 -37.49
CA THR G 126 44.81 -1.01 -38.32
C THR G 126 43.50 -0.20 -38.32
N CYS G 127 42.35 -0.87 -38.31
CA CYS G 127 41.08 -0.21 -38.54
C CYS G 127 40.28 0.03 -37.26
N VAL G 128 40.69 -0.54 -36.14
CA VAL G 128 39.98 -0.41 -34.87
C VAL G 128 40.62 0.73 -34.09
N PRO G 129 39.91 1.83 -33.83
CA PRO G 129 40.51 2.93 -33.06
C PRO G 129 40.88 2.47 -31.66
N ALA G 130 41.93 3.08 -31.13
CA ALA G 130 42.43 2.70 -29.81
C ALA G 130 41.37 2.97 -28.74
N LEU G 131 41.41 2.16 -27.68
CA LEU G 131 40.45 2.31 -26.60
C LEU G 131 40.51 3.71 -26.02
N GLY G 132 39.35 4.31 -25.78
CA GLY G 132 39.27 5.67 -25.29
C GLY G 132 39.33 6.74 -26.35
N SER G 133 39.47 6.37 -27.62
CA SER G 133 39.54 7.35 -28.69
C SER G 133 38.25 8.17 -28.74
N LYS G 134 38.40 9.48 -28.93
CA LYS G 134 37.26 10.39 -29.01
C LYS G 134 37.41 11.27 -30.24
N MET G 135 36.28 11.53 -30.91
CA MET G 135 36.33 12.31 -32.15
C MET G 135 36.92 13.69 -31.92
N LYS G 136 36.69 14.29 -30.74
CA LYS G 136 37.27 15.60 -30.47
C LYS G 136 38.79 15.56 -30.50
N VAL G 137 39.39 14.54 -29.87
CA VAL G 137 40.84 14.44 -29.85
C VAL G 137 41.39 14.23 -31.26
N ILE G 138 40.74 13.36 -32.03
CA ILE G 138 41.20 13.09 -33.39
C ILE G 138 41.11 14.36 -34.23
N LYS G 139 40.01 15.10 -34.11
CA LYS G 139 39.86 16.35 -34.85
C LYS G 139 40.92 17.35 -34.43
N ALA G 140 41.22 17.43 -33.14
CA ALA G 140 42.27 18.33 -32.67
C ALA G 140 43.62 17.94 -33.27
N SER G 141 43.87 16.63 -33.40
CA SER G 141 45.11 16.19 -34.03
C SER G 141 45.20 16.68 -35.47
N GLY G 142 44.07 16.74 -36.18
CA GLY G 142 44.03 17.22 -37.53
C GLY G 142 44.38 16.19 -38.59
N ASP G 143 44.58 14.94 -38.21
CA ASP G 143 44.93 13.90 -39.17
C ASP G 143 43.68 13.47 -39.93
N ALA G 144 43.68 13.71 -41.25
CA ALA G 144 42.52 13.33 -42.06
C ALA G 144 42.30 11.82 -42.05
N ALA G 145 43.38 11.05 -42.14
CA ALA G 145 43.25 9.59 -42.16
C ALA G 145 42.61 9.09 -40.87
N MET G 146 43.05 9.61 -39.73
CA MET G 146 42.49 9.18 -38.45
C MET G 146 41.03 9.59 -38.31
N ILE G 147 40.68 10.79 -38.79
CA ILE G 147 39.28 11.22 -38.75
C ILE G 147 38.42 10.30 -39.61
N GLN G 148 38.90 9.96 -40.80
CA GLN G 148 38.15 9.04 -41.65
C GLN G 148 38.02 7.67 -40.99
N MET G 149 39.10 7.20 -40.34
CA MET G 149 39.04 5.92 -39.64
C MET G 149 37.99 5.95 -38.54
N MET G 150 37.94 7.02 -37.77
CA MET G 150 36.95 7.11 -36.69
C MET G 150 35.54 7.19 -37.25
N LYS G 151 35.36 7.93 -38.36
CA LYS G 151 34.04 7.98 -39.00
C LYS G 151 33.60 6.60 -39.47
N ASP G 152 34.52 5.86 -40.10
CA ASP G 152 34.20 4.52 -40.56
C ASP G 152 33.89 3.60 -39.38
N HIS G 153 34.62 3.75 -38.28
CA HIS G 153 34.34 2.97 -37.09
C HIS G 153 32.93 3.25 -36.57
N ASN G 154 32.55 4.52 -36.49
CA ASN G 154 31.22 4.86 -36.01
C ASN G 154 30.14 4.29 -36.94
N SER G 155 30.35 4.42 -38.25
CA SER G 155 29.37 3.90 -39.20
C SER G 155 29.26 2.37 -39.08
N LEU G 156 30.39 1.69 -38.93
CA LEU G 156 30.36 0.24 -38.77
C LEU G 156 29.63 -0.14 -37.50
N LEU G 157 29.85 0.60 -36.41
CA LEU G 157 29.12 0.32 -35.18
C LEU G 157 27.62 0.49 -35.38
N ARG G 158 27.21 1.56 -36.05
CA ARG G 158 25.79 1.78 -36.31
C ARG G 158 25.20 0.63 -37.11
N VAL G 159 25.89 0.23 -38.18
CA VAL G 159 25.39 -0.84 -39.04
C VAL G 159 25.29 -2.15 -38.26
N CYS G 160 26.33 -2.46 -37.49
CA CYS G 160 26.35 -3.70 -36.73
C CYS G 160 25.23 -3.72 -35.69
N VAL G 161 24.98 -2.59 -35.04
CA VAL G 161 23.92 -2.55 -34.04
C VAL G 161 22.56 -2.68 -34.69
N ARG G 162 22.37 -2.07 -35.86
CA ARG G 162 21.11 -2.26 -36.57
C ARG G 162 20.91 -3.73 -36.93
N ILE G 163 21.97 -4.38 -37.41
CA ILE G 163 21.88 -5.81 -37.75
C ILE G 163 21.58 -6.62 -36.50
N GLU G 164 22.18 -6.25 -35.37
CA GLU G 164 21.93 -6.95 -34.12
C GLU G 164 20.47 -6.81 -33.69
N VAL G 165 19.91 -5.62 -33.84
CA VAL G 165 18.50 -5.42 -33.49
C VAL G 165 17.62 -6.27 -34.40
N TRP G 166 17.94 -6.30 -35.69
CA TRP G 166 17.16 -7.14 -36.60
C TRP G 166 17.26 -8.61 -36.21
N LYS G 167 18.46 -9.07 -35.85
CA LYS G 167 18.62 -10.46 -35.44
C LYS G 167 17.86 -10.75 -34.15
N ALA G 168 17.85 -9.80 -33.21
CA ALA G 168 17.08 -9.99 -31.99
C ALA G 168 15.58 -10.11 -32.30
N ARG G 169 15.09 -9.26 -33.21
CA ARG G 169 13.69 -9.37 -33.63
C ARG G 169 13.43 -10.73 -34.25
N TYR G 170 14.34 -11.18 -35.13
CA TYR G 170 14.17 -12.47 -35.79
C TYR G 170 14.14 -13.61 -34.77
N VAL G 171 15.02 -13.57 -33.77
CA VAL G 171 15.06 -14.60 -32.75
C VAL G 171 13.78 -14.58 -31.93
N SER G 172 13.32 -13.40 -31.54
CA SER G 172 12.11 -13.28 -30.73
C SER G 172 10.88 -13.83 -31.44
N LEU G 173 10.93 -13.93 -32.78
CA LEU G 173 9.77 -14.45 -33.50
C LEU G 173 9.44 -15.88 -33.12
N VAL G 174 10.46 -16.70 -32.87
CA VAL G 174 10.25 -18.11 -32.59
C VAL G 174 10.95 -18.50 -31.28
N ALA G 175 11.41 -17.50 -30.53
CA ALA G 175 12.11 -17.77 -29.27
C ALA G 175 11.70 -16.70 -28.27
N LEU G 176 10.86 -17.08 -27.31
CA LEU G 176 10.43 -16.15 -26.29
C LEU G 176 11.58 -15.82 -25.35
N ASP G 177 11.64 -14.57 -24.89
CA ASP G 177 12.63 -14.14 -23.92
C ASP G 177 12.06 -14.34 -22.53
N GLU G 178 12.82 -15.03 -21.67
CA GLU G 178 12.35 -15.27 -20.31
C GLU G 178 12.19 -13.96 -19.53
N ARG G 179 13.06 -12.99 -19.79
CA ARG G 179 13.01 -11.74 -19.04
C ARG G 179 11.67 -11.04 -19.21
N ILE G 180 11.14 -11.04 -20.43
CA ILE G 180 9.87 -10.37 -20.71
C ILE G 180 8.74 -11.22 -20.15
N GLN G 181 8.02 -10.68 -19.16
CA GLN G 181 6.88 -11.35 -18.56
C GLN G 181 5.64 -10.47 -18.45
N THR G 182 5.79 -9.15 -18.55
CA THR G 182 4.66 -8.22 -18.51
C THR G 182 4.87 -7.14 -19.55
N LEU G 183 3.79 -6.42 -19.87
CA LEU G 183 3.88 -5.36 -20.86
C LEU G 183 4.95 -4.34 -20.49
N GLU G 184 5.15 -4.11 -19.19
CA GLU G 184 6.24 -3.21 -18.78
C GLU G 184 7.59 -3.77 -19.21
N ASP G 185 7.79 -5.08 -19.06
CA ASP G 185 9.03 -5.69 -19.52
C ASP G 185 9.16 -5.59 -21.04
N ALA G 186 8.07 -5.85 -21.77
CA ALA G 186 8.11 -5.79 -23.23
C ALA G 186 8.26 -4.37 -23.76
N GLN G 187 8.00 -3.37 -22.92
CA GLN G 187 8.15 -1.98 -23.36
C GLN G 187 9.60 -1.62 -23.66
N TRP G 188 10.55 -2.46 -23.24
CA TRP G 188 11.97 -2.17 -23.42
C TRP G 188 12.67 -3.26 -24.25
N PHE G 189 11.94 -3.90 -25.15
CA PHE G 189 12.57 -4.80 -26.10
C PHE G 189 13.21 -3.98 -27.24
N PRO G 190 14.37 -4.40 -27.77
CA PRO G 190 15.21 -5.52 -27.32
C PRO G 190 16.12 -5.15 -26.14
N TYR G 191 16.68 -6.16 -25.49
CA TYR G 191 17.58 -5.96 -24.36
C TYR G 191 19.01 -6.19 -24.85
N LEU G 192 19.61 -5.14 -25.38
CA LEU G 192 20.96 -5.18 -25.93
C LEU G 192 21.93 -4.43 -25.03
N SER G 193 23.20 -4.45 -25.42
CA SER G 193 24.26 -3.88 -24.61
C SER G 193 24.23 -2.36 -24.68
N GLY G 194 24.94 -1.72 -23.74
CA GLY G 194 24.99 -0.28 -23.72
C GLY G 194 25.62 0.30 -24.97
N ASP G 195 26.60 -0.39 -25.54
CA ASP G 195 27.20 0.07 -26.79
C ASP G 195 26.15 0.11 -27.90
N SER G 196 25.28 -0.89 -27.93
CA SER G 196 24.20 -0.88 -28.91
C SER G 196 23.29 0.33 -28.74
N TYR G 197 22.94 0.64 -27.48
CA TYR G 197 22.11 1.81 -27.23
C TYR G 197 22.81 3.09 -27.68
N ARG G 198 24.11 3.20 -27.41
N ARG G 198 24.11 3.20 -27.41
CA ARG G 198 24.86 4.39 -27.81
CA ARG G 198 24.86 4.39 -27.81
C ARG G 198 24.87 4.53 -29.32
C ARG G 198 24.87 4.53 -29.32
N ALA G 199 25.11 3.43 -30.03
CA ALA G 199 25.17 3.51 -31.49
C ALA G 199 23.83 3.92 -32.09
N CYS G 200 22.74 3.32 -31.61
CA CYS G 200 21.40 3.57 -32.14
C CYS G 200 20.43 3.69 -30.98
N PRO G 201 20.44 4.83 -30.27
CA PRO G 201 19.54 4.97 -29.12
C PRO G 201 18.06 4.82 -29.48
N GLY G 202 17.66 5.26 -30.67
CA GLY G 202 16.26 5.19 -31.06
C GLY G 202 15.78 3.82 -31.48
N LEU G 203 16.70 2.86 -31.65
CA LEU G 203 16.34 1.53 -32.10
C LEU G 203 16.61 0.44 -31.06
N VAL G 204 17.37 0.74 -30.02
CA VAL G 204 17.76 -0.23 -29.00
C VAL G 204 17.03 0.13 -27.71
N GLY G 205 16.38 -0.86 -27.12
CA GLY G 205 15.72 -0.71 -25.83
C GLY G 205 16.62 -1.12 -24.69
N GLY G 206 16.07 -1.89 -23.76
CA GLY G 206 16.87 -2.47 -22.70
C GLY G 206 17.09 -1.55 -21.52
N TYR G 207 18.08 -1.93 -20.70
CA TYR G 207 18.34 -1.22 -19.45
C TYR G 207 18.73 0.23 -19.68
N PHE G 208 19.59 0.49 -20.67
CA PHE G 208 20.04 1.85 -20.90
C PHE G 208 18.93 2.72 -21.47
N ALA G 209 18.06 2.15 -22.32
CA ALA G 209 16.90 2.90 -22.78
C ALA G 209 15.97 3.22 -21.62
N LYS G 210 15.77 2.27 -20.71
CA LYS G 210 14.97 2.54 -19.51
C LYS G 210 15.60 3.64 -18.68
N LYS G 211 16.92 3.62 -18.52
CA LYS G 211 17.60 4.67 -17.77
C LYS G 211 17.38 6.03 -18.42
N ALA G 212 17.51 6.09 -19.75
CA ALA G 212 17.33 7.36 -20.44
C ALA G 212 15.90 7.86 -20.29
N ALA G 213 14.92 6.97 -20.42
CA ALA G 213 13.52 7.38 -20.30
C ALA G 213 13.21 7.87 -18.88
N ALA G 214 13.61 7.09 -17.87
CA ALA G 214 13.38 7.51 -16.49
C ALA G 214 14.22 8.72 -16.14
N GLY G 215 15.44 8.79 -16.64
CA GLY G 215 16.34 9.87 -16.34
C GLY G 215 15.96 11.16 -17.03
N GLU G 216 16.94 12.05 -17.15
CA GLU G 216 16.70 13.35 -17.75
C GLU G 216 16.57 13.22 -19.27
N ARG G 217 15.71 14.05 -19.84
CA ARG G 217 15.42 14.04 -21.27
C ARG G 217 15.77 15.40 -21.83
N GLY G 218 16.83 15.46 -22.66
CA GLY G 218 17.26 16.69 -23.27
C GLY G 218 16.75 16.82 -24.71
N LYS G 219 17.23 17.87 -25.37
CA LYS G 219 16.91 18.06 -26.78
C LYS G 219 17.42 16.92 -27.64
N ASN G 220 18.44 16.21 -27.19
CA ASN G 220 18.99 15.07 -27.92
C ASN G 220 18.27 13.76 -27.62
N TYR G 221 17.37 13.74 -26.64
CA TYR G 221 16.71 12.51 -26.23
C TYR G 221 15.90 11.94 -27.39
N LYS G 222 15.94 10.62 -27.54
CA LYS G 222 15.20 9.90 -28.56
C LYS G 222 14.40 8.79 -27.91
N LYS G 223 13.18 8.56 -28.39
CA LYS G 223 12.35 7.51 -27.84
C LYS G 223 12.63 6.17 -28.53
N LEU G 224 12.29 5.09 -27.85
CA LEU G 224 12.57 3.74 -28.34
C LEU G 224 11.56 3.38 -29.41
N ASN G 225 11.97 3.43 -30.68
CA ASN G 225 11.12 3.03 -31.80
C ASN G 225 11.15 1.51 -31.86
N GLN G 226 10.20 0.88 -31.18
CA GLN G 226 10.24 -0.56 -30.97
C GLN G 226 9.90 -1.35 -32.23
N THR G 227 9.24 -0.73 -33.22
CA THR G 227 8.82 -1.44 -34.42
C THR G 227 9.33 -0.75 -35.68
N ALA G 228 10.43 0.00 -35.56
CA ALA G 228 10.99 0.67 -36.73
C ALA G 228 11.38 -0.35 -37.79
N ILE G 229 11.09 -0.01 -39.05
CA ILE G 229 11.36 -0.90 -40.17
C ILE G 229 12.87 -0.98 -40.37
N ILE G 230 13.42 -2.20 -40.31
CA ILE G 230 14.83 -2.44 -40.49
C ILE G 230 14.99 -3.48 -41.60
N PRO G 231 15.61 -3.15 -42.73
CA PRO G 231 15.74 -4.14 -43.79
C PRO G 231 16.56 -5.33 -43.33
N PRO G 232 16.31 -6.51 -43.90
CA PRO G 232 17.09 -7.67 -43.51
C PRO G 232 18.57 -7.43 -43.78
N PRO G 233 19.46 -8.08 -43.02
CA PRO G 233 20.89 -7.83 -43.21
C PRO G 233 21.37 -8.00 -44.65
N ARG G 234 20.86 -9.03 -45.35
CA ARG G 234 21.25 -9.21 -46.74
C ARG G 234 20.86 -8.03 -47.60
N PHE G 235 19.73 -7.40 -47.29
CA PHE G 235 19.32 -6.16 -47.97
C PHE G 235 20.01 -4.94 -47.37
N LEU G 236 20.19 -4.91 -46.05
CA LEU G 236 20.75 -3.72 -45.41
C LEU G 236 22.16 -3.45 -45.91
N ILE G 237 23.00 -4.48 -46.01
CA ILE G 237 24.36 -4.28 -46.51
C ILE G 237 24.35 -3.84 -47.97
N ILE G 238 23.41 -4.34 -48.77
CA ILE G 238 23.31 -3.94 -50.16
C ILE G 238 22.75 -2.53 -50.33
N GLY G 239 22.05 -2.01 -49.31
CA GLY G 239 21.42 -0.71 -49.41
C GLY G 239 20.05 -0.72 -50.04
N HIS G 240 19.51 -1.89 -50.38
CA HIS G 240 18.18 -1.99 -50.97
C HIS G 240 17.14 -1.75 -49.87
N ARG G 241 16.47 -0.61 -49.93
CA ARG G 241 15.43 -0.31 -48.95
C ARG G 241 14.27 -1.29 -49.10
N LEU G 242 13.80 -1.81 -47.98
CA LEU G 242 12.67 -2.73 -47.99
C LEU G 242 11.44 -2.02 -48.54
N GLN G 243 10.75 -2.69 -49.45
CA GLN G 243 9.59 -2.11 -50.11
C GLN G 243 8.68 -3.23 -50.61
N ILE G 244 7.60 -2.84 -51.28
CA ILE G 244 6.65 -3.82 -51.81
C ILE G 244 7.27 -4.58 -52.97
N GLY G 245 7.03 -5.89 -53.01
CA GLY G 245 7.49 -6.73 -54.10
C GLY G 245 8.76 -7.51 -53.82
N ASP G 246 9.48 -7.18 -52.75
CA ASP G 246 10.71 -7.89 -52.43
C ASP G 246 10.42 -9.36 -52.14
N GLN G 247 11.29 -10.24 -52.65
CA GLN G 247 11.18 -11.68 -52.42
C GLN G 247 11.84 -11.99 -51.08
N VAL G 248 11.02 -12.11 -50.03
CA VAL G 248 11.50 -12.31 -48.68
C VAL G 248 10.71 -13.43 -48.02
N THR G 249 11.30 -14.00 -46.96
CA THR G 249 10.62 -14.99 -46.16
C THR G 249 9.72 -14.30 -45.13
N LEU G 250 8.67 -15.02 -44.72
CA LEU G 250 7.72 -14.45 -43.77
C LEU G 250 8.41 -14.07 -42.46
N ARG G 251 9.25 -14.96 -41.93
CA ARG G 251 9.91 -14.68 -40.67
C ARG G 251 10.82 -13.47 -40.76
N GLU G 252 11.63 -13.40 -41.82
CA GLU G 252 12.56 -12.28 -41.95
C GLU G 252 11.82 -10.97 -42.18
N LEU G 253 10.74 -10.99 -42.97
CA LEU G 253 9.95 -9.78 -43.16
C LEU G 253 9.33 -9.32 -41.84
N LEU G 254 8.76 -10.25 -41.07
CA LEU G 254 8.18 -9.89 -39.79
C LEU G 254 9.23 -9.30 -38.86
N ALA G 255 10.42 -9.90 -38.83
CA ALA G 255 11.51 -9.32 -38.06
C ALA G 255 11.85 -7.92 -38.54
N SER G 256 11.80 -7.71 -39.86
CA SER G 256 12.07 -6.38 -40.40
C SER G 256 11.06 -5.36 -39.90
N ILE G 257 9.78 -5.73 -39.84
CA ILE G 257 8.73 -4.78 -39.50
C ILE G 257 8.18 -4.95 -38.09
N ALA G 258 8.56 -6.00 -37.38
CA ALA G 258 8.02 -6.25 -36.04
C ALA G 258 8.87 -7.32 -35.37
N TRP G 259 8.44 -7.77 -34.19
CA TRP G 259 9.14 -8.79 -33.44
C TRP G 259 8.09 -9.77 -32.88
N GLY G 260 8.53 -10.61 -31.93
CA GLY G 260 7.72 -11.76 -31.55
C GLY G 260 6.36 -11.38 -30.98
N LEU G 261 6.31 -10.41 -30.08
CA LEU G 261 5.10 -10.12 -29.33
C LEU G 261 4.15 -9.17 -30.06
N CYS G 262 4.47 -8.76 -31.28
CA CYS G 262 3.56 -7.92 -32.04
C CYS G 262 2.34 -8.71 -32.49
N ASP G 263 1.26 -7.99 -32.77
CA ASP G 263 0.01 -8.63 -33.15
C ASP G 263 0.17 -9.36 -34.48
N GLY G 264 -0.62 -10.43 -34.64
CA GLY G 264 -0.48 -11.29 -35.81
C GLY G 264 -0.98 -10.68 -37.11
N VAL G 265 -1.76 -9.60 -37.02
CA VAL G 265 -2.30 -8.99 -38.23
C VAL G 265 -1.21 -8.54 -39.18
N LEU G 266 -0.02 -8.24 -38.66
CA LEU G 266 1.08 -7.82 -39.52
C LEU G 266 1.46 -8.90 -40.53
N ALA G 267 1.08 -10.16 -40.28
CA ALA G 267 1.32 -11.21 -41.25
C ALA G 267 0.65 -10.93 -42.58
N GLU G 268 -0.36 -10.05 -42.60
CA GLU G 268 -0.99 -9.66 -43.86
C GLU G 268 -0.02 -8.97 -44.80
N CYS G 269 1.11 -8.47 -44.30
CA CYS G 269 2.11 -7.80 -45.13
C CYS G 269 2.92 -8.78 -45.96
N TRP G 270 2.53 -10.07 -45.99
CA TRP G 270 3.26 -11.10 -46.72
C TRP G 270 2.27 -11.92 -47.54
N SER G 271 2.81 -12.57 -48.57
CA SER G 271 2.01 -13.44 -49.42
C SER G 271 2.89 -14.54 -49.99
N PRO G 272 2.57 -15.82 -49.77
CA PRO G 272 3.36 -16.89 -50.38
C PRO G 272 3.37 -16.78 -51.89
N SER G 273 4.53 -17.07 -52.48
CA SER G 273 4.68 -17.01 -53.92
C SER G 273 4.10 -18.27 -54.57
N GLN G 274 4.18 -18.35 -55.90
CA GLN G 274 3.67 -19.50 -56.61
C GLN G 274 4.33 -20.77 -56.11
N GLY G 275 3.51 -21.79 -55.85
CA GLY G 275 4.03 -23.05 -55.35
C GLY G 275 4.45 -23.04 -53.90
N ASP G 276 4.02 -22.04 -53.12
CA ASP G 276 4.40 -21.94 -51.72
C ASP G 276 5.91 -21.85 -51.57
N GLY G 277 6.57 -22.99 -51.34
CA GLY G 277 8.01 -22.96 -51.16
C GLY G 277 8.37 -22.37 -49.82
N SER G 278 9.35 -21.47 -49.82
CA SER G 278 9.82 -20.83 -48.60
C SER G 278 9.87 -19.31 -48.71
N ILE G 279 10.01 -18.77 -49.91
CA ILE G 279 10.12 -17.33 -50.13
C ILE G 279 8.86 -16.84 -50.81
N GLY G 280 8.27 -15.78 -50.26
CA GLY G 280 7.09 -15.17 -50.85
C GLY G 280 7.39 -13.78 -51.40
N VAL G 281 6.40 -12.89 -51.32
CA VAL G 281 6.55 -11.51 -51.79
C VAL G 281 5.92 -10.58 -50.77
N VAL G 282 6.38 -9.33 -50.78
CA VAL G 282 5.83 -8.29 -49.92
C VAL G 282 4.72 -7.60 -50.68
N VAL G 283 3.53 -7.56 -50.07
CA VAL G 283 2.37 -6.92 -50.68
C VAL G 283 2.09 -5.54 -50.10
N GLY G 284 2.53 -5.26 -48.88
CA GLY G 284 2.29 -3.97 -48.26
C GLY G 284 3.12 -3.81 -47.03
N LEU G 285 3.05 -2.62 -46.45
CA LEU G 285 3.79 -2.28 -45.24
C LEU G 285 2.88 -1.58 -44.24
N PRO G 286 3.04 -1.83 -42.94
CA PRO G 286 2.21 -1.13 -41.96
C PRO G 286 2.54 0.36 -41.92
N LEU G 287 1.52 1.15 -41.60
CA LEU G 287 1.68 2.58 -41.41
C LEU G 287 1.80 2.91 -39.93
N GLN G 288 2.16 4.16 -39.64
CA GLN G 288 2.35 4.63 -38.27
C GLN G 288 3.36 3.74 -37.53
N ALA G 289 4.44 3.36 -38.22
CA ALA G 289 5.45 2.51 -37.60
C ALA G 289 6.16 3.20 -36.44
N THR G 290 6.12 4.53 -36.39
CA THR G 290 6.75 5.27 -35.30
C THR G 290 5.99 6.57 -35.03
N SER G 292 2.07 9.54 -34.25
CA SER G 292 1.46 10.80 -33.85
C SER G 292 0.77 10.66 -32.50
N CYS G 293 0.28 11.78 -31.96
CA CYS G 293 -0.40 11.83 -30.68
C CYS G 293 -1.77 12.45 -30.85
N PHE G 294 -2.78 11.78 -30.29
CA PHE G 294 -4.17 12.24 -30.38
C PHE G 294 -4.67 12.82 -29.07
N LEU G 295 -3.79 13.12 -28.12
CA LEU G 295 -4.20 13.71 -26.87
C LEU G 295 -4.77 15.11 -27.10
N VAL G 296 -5.69 15.51 -26.22
CA VAL G 296 -6.21 16.87 -26.18
C VAL G 296 -6.27 17.27 -24.71
N VAL G 297 -5.26 18.00 -24.24
CA VAL G 297 -5.20 18.34 -22.84
C VAL G 297 -6.35 19.30 -22.48
N ALA G 298 -6.59 19.43 -21.19
CA ALA G 298 -7.65 20.30 -20.71
C ALA G 298 -7.23 21.76 -20.83
N SER G 299 -8.16 22.61 -21.25
CA SER G 299 -7.86 24.03 -21.42
C SER G 299 -9.15 24.83 -21.46
N HIS G 300 -9.13 26.01 -20.86
CA HIS G 300 -10.26 26.94 -20.93
C HIS G 300 -11.56 26.29 -20.50
N GLY G 301 -11.48 25.51 -19.41
CA GLY G 301 -12.65 24.88 -18.86
C GLY G 301 -13.08 23.60 -19.52
N LEU G 302 -12.35 23.11 -20.51
CA LEU G 302 -12.68 21.84 -21.14
C LEU G 302 -12.07 20.69 -20.37
N SER G 303 -12.50 19.48 -20.72
CA SER G 303 -12.05 18.27 -20.03
C SER G 303 -10.99 17.55 -20.85
N ALA G 304 -9.99 17.01 -20.17
CA ALA G 304 -8.91 16.31 -20.84
C ALA G 304 -9.44 15.09 -21.56
N ILE G 305 -8.80 14.77 -22.69
CA ILE G 305 -9.16 13.63 -23.52
C ILE G 305 -7.94 12.73 -23.63
N ALA G 306 -8.15 11.43 -23.41
CA ALA G 306 -7.06 10.48 -23.55
C ALA G 306 -6.83 10.10 -25.01
N ASP G 307 -7.86 10.15 -25.84
CA ASP G 307 -7.72 9.86 -27.27
C ASP G 307 -8.94 10.40 -27.98
N SER G 308 -8.73 11.28 -28.96
CA SER G 308 -9.85 11.86 -29.67
C SER G 308 -10.63 10.79 -30.43
N ARG G 309 -9.92 9.77 -30.95
CA ARG G 309 -10.59 8.75 -31.75
C ARG G 309 -11.53 7.90 -30.90
N ILE G 310 -11.04 7.39 -29.76
CA ILE G 310 -11.82 6.45 -28.98
C ILE G 310 -13.11 7.05 -28.45
N GLU G 311 -13.14 8.36 -28.21
CA GLU G 311 -14.30 8.98 -27.60
C GLU G 311 -15.54 8.76 -28.47
N GLY G 312 -16.67 8.52 -27.82
CA GLY G 312 -17.93 8.28 -28.51
C GLY G 312 -18.85 7.39 -27.71
N THR G 316 -16.11 -0.22 -25.25
CA THR G 316 -14.95 -0.05 -26.11
C THR G 316 -14.26 -1.39 -26.34
N ASN G 317 -14.51 -1.99 -27.49
CA ASN G 317 -13.92 -3.29 -27.81
C ASN G 317 -12.55 -3.11 -28.45
N LEU G 318 -11.55 -3.78 -27.88
CA LEU G 318 -10.19 -3.66 -28.41
C LEU G 318 -10.00 -4.43 -29.70
N LEU G 319 -10.65 -5.60 -29.83
CA LEU G 319 -10.48 -6.42 -31.02
C LEU G 319 -11.00 -5.76 -32.29
N GLU G 320 -11.83 -4.71 -32.16
CA GLU G 320 -12.36 -4.01 -33.32
C GLU G 320 -11.33 -3.10 -33.99
N GLU G 321 -10.16 -2.95 -33.41
CA GLU G 321 -9.16 -2.05 -33.95
C GLU G 321 -8.66 -2.54 -35.31
N CYS G 322 -8.12 -1.60 -36.08
CA CYS G 322 -7.61 -1.87 -37.42
C CYS G 322 -6.24 -1.24 -37.57
N ILE G 323 -5.44 -1.81 -38.48
CA ILE G 323 -4.13 -1.29 -38.82
C ILE G 323 -4.14 -0.91 -40.30
N ALA G 324 -3.57 0.25 -40.61
CA ALA G 324 -3.53 0.76 -41.98
C ALA G 324 -2.30 0.17 -42.66
N ILE G 325 -2.53 -0.79 -43.55
CA ILE G 325 -1.45 -1.36 -44.36
C ILE G 325 -1.47 -0.64 -45.71
N GLN G 326 -0.36 0.03 -46.03
CA GLN G 326 -0.18 0.68 -47.32
C GLN G 326 0.29 -0.37 -48.32
N LYS G 327 -0.53 -0.62 -49.34
CA LYS G 327 -0.21 -1.55 -50.41
C LYS G 327 0.05 -0.76 -51.70
N GLN G 328 0.42 -1.49 -52.76
CA GLN G 328 0.67 -0.84 -54.03
C GLN G 328 -0.59 -0.16 -54.56
N ASP G 329 -1.74 -0.84 -54.45
CA ASP G 329 -3.00 -0.22 -54.87
C ASP G 329 -3.37 0.95 -53.97
N GLY G 330 -3.24 0.77 -52.65
CA GLY G 330 -3.57 1.84 -51.73
C GLY G 330 -3.58 1.33 -50.31
N VAL G 331 -3.90 2.24 -49.39
CA VAL G 331 -3.94 1.91 -47.97
C VAL G 331 -5.27 1.23 -47.67
N ILE G 332 -5.21 0.14 -46.91
CA ILE G 332 -6.40 -0.61 -46.49
C ILE G 332 -6.33 -0.83 -44.98
N LYS G 333 -7.47 -0.69 -44.32
CA LYS G 333 -7.56 -0.93 -42.88
C LYS G 333 -7.90 -2.40 -42.65
N CYS G 334 -6.95 -3.14 -42.07
CA CYS G 334 -7.12 -4.56 -41.81
C CYS G 334 -7.41 -4.75 -40.32
N LYS G 335 -8.48 -5.49 -40.03
CA LYS G 335 -8.86 -5.73 -38.65
C LYS G 335 -7.78 -6.49 -37.92
N ARG G 336 -7.48 -6.07 -36.69
CA ARG G 336 -6.45 -6.71 -35.90
C ARG G 336 -6.80 -8.18 -35.63
N SER G 337 -5.78 -9.03 -35.63
CA SER G 337 -5.98 -10.44 -35.35
C SER G 337 -6.19 -10.69 -33.86
N GLY G 338 -5.67 -9.82 -33.00
CA GLY G 338 -5.75 -10.04 -31.58
C GLY G 338 -4.88 -11.17 -31.06
N LYS G 339 -3.85 -11.57 -31.81
CA LYS G 339 -2.99 -12.67 -31.44
C LYS G 339 -1.54 -12.30 -31.73
N SER G 340 -0.63 -12.94 -30.98
CA SER G 340 0.79 -12.68 -31.15
C SER G 340 1.29 -13.23 -32.49
N LEU G 341 2.22 -12.49 -33.09
CA LEU G 341 2.87 -12.98 -34.31
C LEU G 341 3.63 -14.27 -34.04
N TYR G 342 4.33 -14.33 -32.89
CA TYR G 342 5.00 -15.55 -32.51
C TYR G 342 4.04 -16.73 -32.48
N HIS G 343 2.88 -16.55 -31.85
CA HIS G 343 1.94 -17.66 -31.73
C HIS G 343 1.17 -17.89 -33.02
N CYS G 344 0.99 -16.86 -33.85
CA CYS G 344 0.45 -17.09 -35.18
C CYS G 344 1.36 -18.01 -35.98
N LEU G 345 2.67 -17.75 -35.93
CA LEU G 345 3.63 -18.64 -36.59
C LEU G 345 3.62 -20.02 -35.95
N LYS G 346 3.49 -20.07 -34.62
CA LYS G 346 3.48 -21.35 -33.92
C LYS G 346 2.29 -22.19 -34.35
N GLU G 347 1.12 -21.57 -34.49
CA GLU G 347 -0.07 -22.32 -34.89
C GLU G 347 -0.02 -22.69 -36.37
N THR G 348 0.48 -21.79 -37.22
CA THR G 348 0.63 -22.12 -38.63
C THR G 348 1.77 -23.09 -38.87
N ALA G 349 2.65 -23.27 -37.88
CA ALA G 349 3.70 -24.28 -37.93
C ALA G 349 3.29 -25.57 -37.22
N GLY G 350 2.09 -25.62 -36.65
CA GLY G 350 1.62 -26.80 -35.95
C GLY G 350 0.60 -27.59 -36.76
N GLU I 34 35.13 -44.21 -17.95
CA GLU I 34 33.84 -44.90 -18.03
C GLU I 34 32.74 -44.06 -17.40
N LEU I 35 33.03 -43.49 -16.24
CA LEU I 35 32.07 -42.67 -15.51
C LEU I 35 32.72 -41.35 -15.11
N PRO I 36 31.94 -40.27 -15.01
CA PRO I 36 32.49 -39.01 -14.50
C PRO I 36 32.96 -39.17 -13.06
N ARG I 37 33.60 -38.11 -12.56
CA ARG I 37 34.12 -38.15 -11.20
C ARG I 37 33.00 -38.27 -10.18
N ASN I 38 31.89 -37.55 -10.38
CA ASN I 38 30.82 -37.54 -9.40
C ASN I 38 30.22 -38.93 -9.21
N LEU I 39 29.83 -39.57 -10.33
CA LEU I 39 29.19 -40.87 -10.24
C LEU I 39 30.16 -41.93 -9.71
N GLU I 40 31.43 -41.86 -10.12
CA GLU I 40 32.42 -42.80 -9.61
C GLU I 40 32.60 -42.64 -8.11
N VAL I 41 32.65 -41.39 -7.63
CA VAL I 41 32.80 -41.15 -6.20
C VAL I 41 31.60 -41.71 -5.44
N PHE I 42 30.39 -41.45 -5.97
CA PHE I 42 29.20 -41.97 -5.30
C PHE I 42 29.20 -43.49 -5.26
N ASN I 43 29.58 -44.13 -6.38
CA ASN I 43 29.63 -45.59 -6.43
C ASN I 43 30.63 -46.13 -5.42
N GLU I 44 31.82 -45.52 -5.37
CA GLU I 44 32.83 -45.97 -4.42
C GLU I 44 32.33 -45.82 -2.99
N ALA I 45 31.72 -44.67 -2.67
CA ALA I 45 31.25 -44.44 -1.31
C ALA I 45 30.18 -45.45 -0.91
N CYS I 46 29.19 -45.67 -1.79
CA CYS I 46 28.12 -46.60 -1.44
C CYS I 46 28.65 -48.03 -1.32
N GLY I 47 29.55 -48.44 -2.21
CA GLY I 47 30.13 -49.76 -2.10
C GLY I 47 30.92 -49.94 -0.82
N HIS I 48 31.71 -48.93 -0.46
CA HIS I 48 32.51 -49.01 0.76
C HIS I 48 31.63 -49.07 2.00
N VAL I 49 30.55 -48.27 2.03
CA VAL I 49 29.74 -48.16 3.23
C VAL I 49 28.70 -49.26 3.39
N PHE I 50 28.19 -49.83 2.29
CA PHE I 50 27.15 -50.84 2.36
C PHE I 50 27.59 -52.19 1.79
N GLY I 51 28.83 -52.30 1.33
CA GLY I 51 29.32 -53.58 0.85
C GLY I 51 28.44 -54.12 -0.27
N SER I 52 28.08 -55.40 -0.15
CA SER I 52 27.23 -56.06 -1.13
C SER I 52 25.75 -55.86 -0.86
N SER I 53 25.39 -55.25 0.27
CA SER I 53 23.99 -55.01 0.59
C SER I 53 23.38 -53.89 -0.23
N PHE I 54 24.19 -53.13 -0.98
CA PHE I 54 23.69 -52.04 -1.80
C PHE I 54 23.29 -52.57 -3.16
N ASN I 55 21.98 -52.52 -3.46
CA ASN I 55 21.49 -52.91 -4.77
C ASN I 55 21.58 -51.72 -5.73
N ARG I 56 22.18 -51.95 -6.89
CA ARG I 56 22.41 -50.89 -7.87
C ARG I 56 21.25 -50.71 -8.84
N GLU I 57 20.16 -51.46 -8.69
CA GLU I 57 19.04 -51.40 -9.62
C GLU I 57 17.71 -51.11 -8.94
N ASP I 58 17.73 -50.66 -7.68
CA ASP I 58 16.51 -50.30 -6.96
C ASP I 58 16.56 -48.82 -6.61
N ASN I 59 15.53 -48.08 -7.03
CA ASN I 59 15.50 -46.65 -6.76
C ASN I 59 15.41 -46.38 -5.25
N SER I 60 14.59 -47.16 -4.54
CA SER I 60 14.44 -46.93 -3.10
C SER I 60 15.74 -47.16 -2.36
N VAL I 61 16.45 -48.24 -2.68
CA VAL I 61 17.71 -48.53 -2.00
C VAL I 61 18.74 -47.46 -2.31
N ILE I 62 18.81 -47.03 -3.56
CA ILE I 62 19.76 -45.97 -3.93
C ILE I 62 19.43 -44.69 -3.18
N SER I 63 18.14 -44.35 -3.08
CA SER I 63 17.75 -43.15 -2.35
C SER I 63 18.11 -43.24 -0.88
N ASP I 64 17.89 -44.41 -0.26
CA ASP I 64 18.25 -44.58 1.14
C ASP I 64 19.76 -44.45 1.34
N ALA I 65 20.54 -45.05 0.46
CA ALA I 65 22.00 -44.94 0.56
C ALA I 65 22.45 -43.50 0.38
N ALA I 66 21.84 -42.79 -0.58
CA ALA I 66 22.19 -41.39 -0.78
C ALA I 66 21.86 -40.55 0.44
N ALA I 67 20.70 -40.79 1.05
CA ALA I 67 20.32 -40.05 2.24
C ALA I 67 21.28 -40.31 3.39
N PHE I 68 21.66 -41.58 3.59
CA PHE I 68 22.59 -41.90 4.67
C PHE I 68 23.95 -41.27 4.42
N LEU I 69 24.43 -41.31 3.17
CA LEU I 69 25.71 -40.70 2.84
C LEU I 69 25.65 -39.19 3.04
N PHE I 70 24.54 -38.56 2.68
CA PHE I 70 24.39 -37.12 2.91
C PHE I 70 24.42 -36.80 4.40
N LYS I 71 23.75 -37.63 5.21
CA LYS I 71 23.79 -37.42 6.66
C LYS I 71 25.21 -37.57 7.19
N MET I 72 25.93 -38.59 6.72
CA MET I 72 27.30 -38.80 7.20
C MET I 72 28.21 -37.64 6.80
N HIS I 73 28.10 -37.18 5.56
CA HIS I 73 28.95 -36.10 5.07
C HIS I 73 28.53 -34.73 5.59
N THR I 74 27.31 -34.60 6.10
CA THR I 74 26.84 -33.36 6.70
C THR I 74 27.03 -33.34 8.22
N HIS I 75 27.70 -34.34 8.77
CA HIS I 75 27.92 -34.43 10.21
C HIS I 75 26.60 -34.47 10.96
N SER I 76 25.59 -35.10 10.35
CA SER I 76 24.27 -35.22 10.94
C SER I 76 24.08 -36.51 11.72
N LEU I 77 25.05 -37.41 11.70
CA LEU I 77 24.95 -38.68 12.41
C LEU I 77 25.46 -38.53 13.84
N ASP I 78 25.12 -39.52 14.67
CA ASP I 78 25.53 -39.50 16.07
C ASP I 78 27.03 -39.62 16.20
N GLY I 79 27.59 -38.93 17.19
CA GLY I 79 29.01 -39.02 17.47
C GLY I 79 29.89 -38.16 16.60
N GLN I 80 29.33 -37.33 15.73
CA GLN I 80 30.11 -36.46 14.86
C GLN I 80 30.23 -35.07 15.46
N GLU I 81 31.05 -34.25 14.82
CA GLU I 81 31.41 -32.95 15.38
C GLU I 81 30.16 -32.11 15.61
N ALA I 82 30.14 -31.39 16.73
CA ALA I 82 29.00 -30.55 17.10
C ALA I 82 29.06 -29.24 16.33
N LYS I 83 27.92 -28.80 15.81
CA LYS I 83 27.81 -27.54 15.10
C LYS I 83 27.51 -26.44 16.13
N VAL I 84 28.53 -25.69 16.51
CA VAL I 84 28.43 -24.78 17.65
C VAL I 84 28.92 -23.38 17.25
N LEU I 85 29.38 -23.24 16.01
CA LEU I 85 29.98 -21.97 15.56
C LEU I 85 29.14 -20.77 15.97
N ARG I 86 27.86 -20.75 15.57
CA ARG I 86 26.93 -19.70 15.94
C ARG I 86 25.59 -20.28 16.35
N ALA I 87 25.59 -21.51 16.85
CA ALA I 87 24.35 -22.17 17.25
C ALA I 87 23.78 -21.55 18.52
N SER I 88 22.45 -21.45 18.57
CA SER I 88 21.77 -21.02 19.76
C SER I 88 21.76 -22.13 20.80
N GLU I 89 21.64 -21.75 22.08
CA GLU I 89 21.75 -22.71 23.16
C GLU I 89 20.79 -23.88 22.96
N LYS I 90 19.60 -23.61 22.41
CA LYS I 90 18.68 -24.69 22.09
C LYS I 90 19.27 -25.62 21.05
N LYS I 91 19.95 -25.07 20.04
CA LYS I 91 20.62 -25.90 19.04
C LYS I 91 21.86 -26.56 19.61
N ARG I 92 22.59 -25.86 20.49
CA ARG I 92 23.78 -26.45 21.09
C ARG I 92 23.42 -27.65 21.96
N GLU I 93 22.26 -27.62 22.61
CA GLU I 93 21.82 -28.77 23.38
C GLU I 93 21.67 -30.00 22.48
N ARG I 94 21.02 -29.84 21.33
CA ARG I 94 20.84 -30.95 20.41
C ARG I 94 22.19 -31.41 19.84
N GLU I 95 23.07 -30.48 19.51
CA GLU I 95 24.39 -30.85 19.00
C GLU I 95 25.17 -31.65 20.02
N ASN I 96 25.16 -31.21 21.29
CA ASN I 96 25.87 -31.95 22.33
C ASN I 96 25.23 -33.32 22.55
N ALA I 97 23.90 -33.40 22.46
CA ALA I 97 23.23 -34.69 22.59
C ALA I 97 23.68 -35.65 21.49
N LYS I 98 23.75 -35.15 20.24
CA LYS I 98 24.17 -36.01 19.15
C LYS I 98 25.63 -36.43 19.31
N LYS I 99 26.47 -35.50 19.79
CA LYS I 99 27.89 -35.83 19.98
C LYS I 99 28.07 -36.89 21.05
N SER I 100 27.35 -36.75 22.18
CA SER I 100 27.48 -37.72 23.25
C SER I 100 26.92 -39.09 22.85
N ARG I 101 25.90 -39.11 21.99
CA ARG I 101 25.29 -40.36 21.60
C ARG I 101 26.29 -41.23 20.84
N LYS I 102 26.16 -42.55 21.04
CA LYS I 102 27.05 -43.49 20.38
C LYS I 102 26.81 -43.48 18.87
N ALA I 103 27.91 -43.59 18.12
CA ALA I 103 27.82 -43.61 16.66
C ALA I 103 27.17 -44.91 16.19
N PRO I 104 26.64 -44.94 14.97
CA PRO I 104 26.03 -46.17 14.46
C PRO I 104 27.03 -47.32 14.46
N GLU I 105 26.54 -48.51 14.80
CA GLU I 105 27.37 -49.70 14.90
C GLU I 105 27.29 -50.51 13.62
N ALA I 106 28.30 -51.36 13.41
CA ALA I 106 28.35 -52.19 12.23
C ALA I 106 27.17 -53.17 12.22
N GLY I 107 26.66 -53.44 11.03
CA GLY I 107 25.51 -54.30 10.87
C GLY I 107 24.17 -53.63 11.12
N MET I 108 24.16 -52.33 11.41
CA MET I 108 22.92 -51.63 11.64
C MET I 108 22.09 -51.59 10.36
N ARG I 109 20.78 -51.79 10.50
CA ARG I 109 19.88 -51.77 9.36
C ARG I 109 19.58 -50.32 8.98
N VAL I 110 19.80 -50.00 7.71
CA VAL I 110 19.50 -48.68 7.16
C VAL I 110 18.34 -48.82 6.18
N GLY I 111 17.32 -47.99 6.34
CA GLY I 111 16.16 -48.11 5.47
C GLY I 111 15.55 -49.48 5.59
N ARG I 112 15.37 -50.14 4.44
CA ARG I 112 14.78 -51.47 4.38
C ARG I 112 15.84 -52.56 4.22
N SER I 113 16.65 -52.48 3.17
CA SER I 113 17.59 -53.53 2.81
C SER I 113 18.99 -52.95 2.60
N LEU I 114 19.42 -52.09 3.53
CA LEU I 114 20.77 -51.55 3.53
C LEU I 114 21.40 -51.85 4.88
N ILE I 115 22.52 -52.56 4.87
CA ILE I 115 23.21 -52.98 6.10
C ILE I 115 24.61 -52.36 6.10
N LEU I 116 24.95 -51.71 7.19
CA LEU I 116 26.27 -51.08 7.31
C LEU I 116 27.35 -52.14 7.46
N THR I 117 28.46 -51.94 6.75
CA THR I 117 29.60 -52.83 6.85
C THR I 117 30.49 -52.43 8.03
N SER I 118 31.37 -53.35 8.41
CA SER I 118 32.27 -53.10 9.52
C SER I 118 33.30 -52.02 9.21
N ARG I 119 33.49 -51.69 7.93
CA ARG I 119 34.48 -50.72 7.51
C ARG I 119 33.88 -49.34 7.24
N TRP I 120 32.62 -49.12 7.58
CA TRP I 120 32.01 -47.81 7.36
C TRP I 120 32.66 -46.73 8.22
N THR I 121 33.12 -47.08 9.42
CA THR I 121 33.76 -46.09 10.28
C THR I 121 35.04 -45.57 9.65
N GLU I 122 35.82 -46.46 9.03
CA GLU I 122 37.05 -46.02 8.38
C GLU I 122 36.75 -45.05 7.24
N TYR I 123 35.75 -45.36 6.43
CA TYR I 123 35.36 -44.45 5.35
C TYR I 123 34.88 -43.12 5.92
N CYS I 124 34.10 -43.15 6.99
CA CYS I 124 33.63 -41.91 7.61
C CYS I 124 34.80 -41.07 8.10
N ALA I 125 35.81 -41.71 8.69
CA ALA I 125 36.95 -40.96 9.22
C ALA I 125 37.87 -40.46 8.11
N THR I 126 37.94 -41.16 6.98
CA THR I 126 38.89 -40.82 5.93
C THR I 126 38.31 -39.89 4.88
N CYS I 127 37.16 -40.25 4.30
CA CYS I 127 36.61 -39.55 3.14
C CYS I 127 35.72 -38.38 3.52
N VAL I 128 35.45 -38.16 4.80
CA VAL I 128 34.57 -37.09 5.26
C VAL I 128 35.44 -35.93 5.75
N PRO I 129 35.42 -34.77 5.10
CA PRO I 129 36.22 -33.64 5.61
C PRO I 129 35.77 -33.23 7.00
N ALA I 130 36.72 -32.71 7.77
CA ALA I 130 36.41 -32.27 9.13
C ALA I 130 35.39 -31.15 9.10
N LEU I 131 34.60 -31.07 10.18
CA LEU I 131 33.55 -30.06 10.25
C LEU I 131 34.14 -28.66 10.09
N GLY I 132 33.50 -27.86 9.26
CA GLY I 132 33.97 -26.51 8.99
C GLY I 132 34.97 -26.38 7.86
N SER I 133 35.36 -27.48 7.24
CA SER I 133 36.34 -27.41 6.15
C SER I 133 35.82 -26.54 5.02
N LYS I 134 36.70 -25.70 4.48
CA LYS I 134 36.38 -24.82 3.37
C LYS I 134 37.42 -24.97 2.28
N MET I 135 36.96 -24.92 1.02
CA MET I 135 37.85 -25.13 -0.10
C MET I 135 39.01 -24.14 -0.12
N LYS I 136 38.76 -22.90 0.32
CA LYS I 136 39.82 -21.90 0.30
C LYS I 136 40.97 -22.29 1.21
N VAL I 137 40.66 -22.76 2.42
CA VAL I 137 41.71 -23.17 3.35
C VAL I 137 42.49 -24.35 2.80
N ILE I 138 41.79 -25.33 2.22
CA ILE I 138 42.45 -26.51 1.68
C ILE I 138 43.38 -26.11 0.54
N LYS I 139 42.91 -25.22 -0.34
CA LYS I 139 43.75 -24.74 -1.42
C LYS I 139 44.96 -23.99 -0.89
N ALA I 140 44.77 -23.19 0.17
CA ALA I 140 45.91 -22.49 0.78
C ALA I 140 46.92 -23.50 1.32
N SER I 141 46.45 -24.60 1.89
CA SER I 141 47.37 -25.62 2.38
C SER I 141 48.20 -26.21 1.24
N GLY I 142 47.56 -26.49 0.10
CA GLY I 142 48.25 -26.95 -1.08
C GLY I 142 48.34 -28.46 -1.24
N ASP I 143 47.65 -29.23 -0.41
CA ASP I 143 47.68 -30.69 -0.52
C ASP I 143 46.74 -31.13 -1.64
N ALA I 144 47.30 -31.80 -2.65
CA ALA I 144 46.47 -32.30 -3.74
C ALA I 144 45.46 -33.34 -3.24
N ALA I 145 45.90 -34.22 -2.34
CA ALA I 145 45.00 -35.26 -1.84
C ALA I 145 43.81 -34.65 -1.12
N MET I 146 44.05 -33.64 -0.28
CA MET I 146 42.95 -33.03 0.46
C MET I 146 42.02 -32.24 -0.48
N ILE I 147 42.59 -31.58 -1.48
CA ILE I 147 41.76 -30.88 -2.46
C ILE I 147 40.87 -31.86 -3.20
N GLN I 148 41.43 -33.00 -3.61
CA GLN I 148 40.62 -34.01 -4.29
C GLN I 148 39.56 -34.57 -3.35
N MET I 149 39.90 -34.76 -2.08
CA MET I 149 38.90 -35.23 -1.11
C MET I 149 37.75 -34.25 -0.99
N MET I 150 38.07 -32.94 -0.92
CA MET I 150 37.00 -31.94 -0.82
C MET I 150 36.16 -31.91 -2.09
N LYS I 151 36.80 -32.04 -3.25
CA LYS I 151 36.04 -32.10 -4.51
C LYS I 151 35.11 -33.31 -4.52
N ASP I 152 35.60 -34.46 -4.08
CA ASP I 152 34.76 -35.66 -4.02
C ASP I 152 33.61 -35.46 -3.05
N HIS I 153 33.87 -34.82 -1.91
CA HIS I 153 32.82 -34.54 -0.95
C HIS I 153 31.74 -33.65 -1.56
N ASN I 154 32.16 -32.60 -2.26
CA ASN I 154 31.19 -31.70 -2.89
C ASN I 154 30.37 -32.42 -3.95
N SER I 155 31.02 -33.24 -4.78
CA SER I 155 30.29 -33.97 -5.81
C SER I 155 29.32 -34.96 -5.19
N LEU I 156 29.73 -35.65 -4.12
CA LEU I 156 28.83 -36.58 -3.44
C LEU I 156 27.65 -35.84 -2.85
N LEU I 157 27.88 -34.67 -2.26
CA LEU I 157 26.77 -33.89 -1.73
C LEU I 157 25.79 -33.52 -2.84
N ARG I 158 26.31 -33.07 -3.98
CA ARG I 158 25.43 -32.68 -5.09
C ARG I 158 24.62 -33.88 -5.57
N VAL I 159 25.27 -35.02 -5.75
CA VAL I 159 24.57 -36.21 -6.25
C VAL I 159 23.52 -36.67 -5.26
N CYS I 160 23.87 -36.68 -3.97
CA CYS I 160 22.91 -37.10 -2.95
C CYS I 160 21.72 -36.16 -2.89
N VAL I 161 21.96 -34.86 -3.05
CA VAL I 161 20.86 -33.91 -3.02
C VAL I 161 19.97 -34.07 -4.25
N ARG I 162 20.56 -34.36 -5.41
CA ARG I 162 19.75 -34.63 -6.59
C ARG I 162 18.88 -35.87 -6.38
N ILE I 163 19.46 -36.92 -5.80
CA ILE I 163 18.69 -38.13 -5.51
C ILE I 163 17.58 -37.82 -4.52
N GLU I 164 17.87 -36.99 -3.52
CA GLU I 164 16.85 -36.60 -2.54
C GLU I 164 15.72 -35.84 -3.20
N VAL I 165 16.04 -34.94 -4.13
CA VAL I 165 15.00 -34.19 -4.84
C VAL I 165 14.15 -35.14 -5.66
N TRP I 166 14.78 -36.09 -6.36
CA TRP I 166 14.00 -37.05 -7.14
C TRP I 166 13.09 -37.87 -6.23
N LYS I 167 13.61 -38.31 -5.09
CA LYS I 167 12.79 -39.10 -4.16
C LYS I 167 11.65 -38.27 -3.58
N ALA I 168 11.87 -36.99 -3.32
CA ALA I 168 10.80 -36.12 -2.88
C ALA I 168 9.71 -36.02 -3.95
N ARG I 169 10.11 -35.87 -5.21
CA ARG I 169 9.13 -35.87 -6.29
C ARG I 169 8.36 -37.18 -6.31
N TYR I 170 9.08 -38.30 -6.17
CA TYR I 170 8.44 -39.61 -6.21
C TYR I 170 7.43 -39.77 -5.07
N VAL I 171 7.80 -39.34 -3.86
CA VAL I 171 6.90 -39.45 -2.72
C VAL I 171 5.68 -38.56 -2.93
N SER I 172 5.89 -37.33 -3.39
CA SER I 172 4.76 -36.42 -3.61
C SER I 172 3.78 -36.94 -4.64
N LEU I 173 4.20 -37.89 -5.48
CA LEU I 173 3.30 -38.43 -6.50
C LEU I 173 2.10 -39.13 -5.87
N VAL I 174 2.30 -39.85 -4.77
CA VAL I 174 1.24 -40.63 -4.14
C VAL I 174 1.13 -40.28 -2.65
N ALA I 175 1.65 -39.11 -2.27
CA ALA I 175 1.59 -38.69 -0.87
C ALA I 175 1.57 -37.17 -0.84
N LEU I 176 0.39 -36.58 -0.66
CA LEU I 176 0.28 -35.14 -0.59
C LEU I 176 1.04 -34.60 0.62
N ASP I 177 1.64 -33.42 0.46
CA ASP I 177 2.31 -32.74 1.54
C ASP I 177 1.29 -31.87 2.29
N GLU I 178 1.16 -32.12 3.60
CA GLU I 178 0.23 -31.32 4.39
C GLU I 178 0.62 -29.86 4.40
N ARG I 179 1.93 -29.57 4.29
CA ARG I 179 2.38 -28.18 4.27
C ARG I 179 1.82 -27.44 3.08
N ILE I 180 1.79 -28.08 1.92
CA ILE I 180 1.34 -27.43 0.68
C ILE I 180 -0.18 -27.39 0.70
N GLN I 181 -0.74 -26.19 0.90
CA GLN I 181 -2.18 -25.98 0.88
C GLN I 181 -2.63 -24.95 -0.15
N THR I 182 -1.72 -24.12 -0.67
CA THR I 182 -2.05 -23.12 -1.66
C THR I 182 -0.95 -23.08 -2.72
N LEU I 183 -1.26 -22.43 -3.84
CA LEU I 183 -0.27 -22.31 -4.92
C LEU I 183 1.02 -21.67 -4.42
N GLU I 184 0.93 -20.72 -3.49
CA GLU I 184 2.13 -20.13 -2.92
C GLU I 184 2.96 -21.19 -2.21
N ASP I 185 2.31 -22.07 -1.45
CA ASP I 185 3.05 -23.15 -0.78
C ASP I 185 3.68 -24.08 -1.80
N ALA I 186 2.94 -24.43 -2.86
CA ALA I 186 3.45 -25.36 -3.85
C ALA I 186 4.60 -24.76 -4.67
N GLN I 187 4.67 -23.44 -4.79
CA GLN I 187 5.71 -22.82 -5.59
C GLN I 187 7.11 -23.16 -5.11
N TRP I 188 7.27 -23.46 -3.82
CA TRP I 188 8.60 -23.68 -3.23
C TRP I 188 8.88 -25.15 -2.97
N PHE I 189 8.16 -26.05 -3.64
CA PHE I 189 8.46 -27.46 -3.58
C PHE I 189 9.81 -27.73 -4.24
N PRO I 190 10.63 -28.65 -3.71
CA PRO I 190 10.48 -29.40 -2.46
C PRO I 190 10.95 -28.63 -1.23
N TYR I 191 10.59 -29.11 -0.05
CA TYR I 191 11.01 -28.50 1.21
C TYR I 191 12.10 -29.37 1.83
N LEU I 192 13.35 -29.05 1.48
CA LEU I 192 14.51 -29.78 1.95
C LEU I 192 15.36 -28.89 2.85
N SER I 193 16.33 -29.53 3.51
CA SER I 193 17.18 -28.83 4.48
C SER I 193 18.06 -27.80 3.77
N GLY I 194 18.69 -26.95 4.58
CA GLY I 194 19.55 -25.91 4.01
C GLY I 194 20.73 -26.48 3.25
N ASP I 195 21.27 -27.61 3.70
CA ASP I 195 22.37 -28.23 2.99
C ASP I 195 21.95 -28.63 1.58
N SER I 196 20.72 -29.12 1.43
CA SER I 196 20.22 -29.46 0.10
C SER I 196 20.20 -28.24 -0.81
N TYR I 197 19.72 -27.11 -0.30
CA TYR I 197 19.71 -25.88 -1.09
C TYR I 197 21.12 -25.45 -1.44
N ARG I 198 22.05 -25.53 -0.49
N ARG I 198 22.05 -25.54 -0.49
CA ARG I 198 23.42 -25.11 -0.76
CA ARG I 198 23.42 -25.11 -0.76
C ARG I 198 24.06 -25.96 -1.84
C ARG I 198 24.06 -25.96 -1.84
N ALA I 199 23.86 -27.29 -1.78
CA ALA I 199 24.43 -28.17 -2.79
C ALA I 199 23.80 -27.94 -4.15
N CYS I 200 22.47 -27.84 -4.19
CA CYS I 200 21.72 -27.69 -5.44
C CYS I 200 20.70 -26.56 -5.27
N PRO I 201 21.16 -25.31 -5.25
CA PRO I 201 20.22 -24.20 -5.09
C PRO I 201 19.18 -24.12 -6.20
N GLY I 202 19.54 -24.54 -7.42
CA GLY I 202 18.60 -24.49 -8.53
C GLY I 202 17.55 -25.57 -8.53
N LEU I 203 17.77 -26.67 -7.81
CA LEU I 203 16.83 -27.78 -7.77
C LEU I 203 16.10 -27.91 -6.44
N VAL I 204 16.51 -27.18 -5.40
CA VAL I 204 15.94 -27.29 -4.07
C VAL I 204 15.21 -25.99 -3.75
N GLY I 205 13.95 -26.11 -3.37
CA GLY I 205 13.13 -24.98 -2.97
C GLY I 205 13.15 -24.77 -1.47
N GLY I 206 11.95 -24.69 -0.89
CA GLY I 206 11.84 -24.65 0.55
C GLY I 206 12.12 -23.28 1.14
N TYR I 207 12.35 -23.29 2.46
CA TYR I 207 12.51 -22.05 3.21
C TYR I 207 13.71 -21.26 2.72
N PHE I 208 14.83 -21.94 2.43
CA PHE I 208 16.03 -21.23 2.03
C PHE I 208 15.92 -20.67 0.62
N ALA I 209 15.27 -21.38 -0.29
CA ALA I 209 14.98 -20.81 -1.61
C ALA I 209 14.06 -19.61 -1.48
N LYS I 210 13.06 -19.69 -0.61
CA LYS I 210 12.20 -18.54 -0.37
C LYS I 210 13.00 -17.35 0.15
N LYS I 211 13.91 -17.60 1.09
CA LYS I 211 14.74 -16.52 1.62
C LYS I 211 15.61 -15.91 0.53
N ALA I 212 16.23 -16.75 -0.29
CA ALA I 212 17.09 -16.24 -1.36
C ALA I 212 16.29 -15.40 -2.35
N ALA I 213 15.10 -15.86 -2.72
CA ALA I 213 14.27 -15.09 -3.62
C ALA I 213 13.85 -13.76 -2.99
N ALA I 214 13.47 -13.79 -1.72
CA ALA I 214 13.03 -12.57 -1.05
C ALA I 214 14.18 -11.59 -0.88
N GLY I 215 15.37 -12.09 -0.54
CA GLY I 215 16.51 -11.24 -0.29
C GLY I 215 17.14 -10.71 -1.55
N GLU I 216 18.25 -10.01 -1.38
CA GLU I 216 18.97 -9.43 -2.51
C GLU I 216 19.41 -10.54 -3.46
N ARG I 217 19.34 -10.24 -4.76
CA ARG I 217 19.69 -11.20 -5.82
C ARG I 217 20.95 -10.71 -6.52
N GLY I 218 21.94 -11.59 -6.64
CA GLY I 218 23.15 -11.31 -7.38
C GLY I 218 23.29 -12.21 -8.61
N LYS I 219 24.52 -12.28 -9.12
CA LYS I 219 24.80 -13.17 -10.23
C LYS I 219 24.54 -14.63 -9.88
N ASN I 220 24.97 -15.07 -8.70
CA ASN I 220 24.88 -16.48 -8.32
C ASN I 220 23.48 -16.91 -7.94
N TYR I 221 22.53 -15.98 -7.81
CA TYR I 221 21.17 -16.38 -7.50
C TYR I 221 20.63 -17.29 -8.59
N LYS I 222 20.09 -18.44 -8.17
CA LYS I 222 19.54 -19.43 -9.08
C LYS I 222 18.08 -19.65 -8.74
N LYS I 223 17.20 -19.46 -9.71
CA LYS I 223 15.77 -19.65 -9.51
C LYS I 223 15.46 -21.13 -9.35
N LEU I 224 14.44 -21.41 -8.55
CA LEU I 224 14.04 -22.78 -8.25
C LEU I 224 13.46 -23.42 -9.51
N ASN I 225 14.21 -24.36 -10.10
CA ASN I 225 13.73 -25.11 -11.26
C ASN I 225 12.92 -26.28 -10.73
N GLN I 226 11.65 -26.02 -10.42
CA GLN I 226 10.79 -27.03 -9.82
C GLN I 226 10.51 -28.20 -10.75
N THR I 227 10.64 -28.00 -12.07
CA THR I 227 10.34 -29.04 -13.04
C THR I 227 11.56 -29.36 -13.91
N ALA I 228 12.76 -29.25 -13.34
CA ALA I 228 13.95 -29.72 -14.03
C ALA I 228 13.98 -31.24 -14.05
N ILE I 229 14.38 -31.79 -15.20
CA ILE I 229 14.37 -33.24 -15.38
C ILE I 229 15.54 -33.84 -14.61
N ILE I 230 15.24 -34.82 -13.77
CA ILE I 230 16.24 -35.54 -12.98
C ILE I 230 16.10 -37.03 -13.33
N PRO I 231 17.14 -37.67 -13.87
CA PRO I 231 17.02 -39.09 -14.16
C PRO I 231 16.79 -39.88 -12.88
N PRO I 232 16.11 -41.02 -12.97
CA PRO I 232 15.89 -41.82 -11.77
C PRO I 232 17.20 -42.20 -11.13
N PRO I 233 17.19 -42.50 -9.82
CA PRO I 233 18.46 -42.84 -9.16
C PRO I 233 19.21 -43.97 -9.82
N ARG I 234 18.51 -44.99 -10.32
CA ARG I 234 19.19 -46.09 -11.00
C ARG I 234 19.82 -45.64 -12.30
N PHE I 235 19.32 -44.56 -12.90
CA PHE I 235 19.92 -43.98 -14.10
C PHE I 235 20.95 -42.91 -13.77
N LEU I 236 20.71 -42.12 -12.73
CA LEU I 236 21.60 -41.01 -12.40
C LEU I 236 22.99 -41.52 -12.05
N ILE I 237 23.08 -42.57 -11.23
CA ILE I 237 24.38 -43.08 -10.82
C ILE I 237 25.14 -43.68 -11.99
N ILE I 238 24.43 -44.33 -12.92
CA ILE I 238 25.09 -44.94 -14.07
C ILE I 238 25.52 -43.90 -15.11
N GLY I 239 24.99 -42.69 -15.05
CA GLY I 239 25.30 -41.66 -16.02
C GLY I 239 24.46 -41.72 -17.28
N HIS I 240 23.43 -42.56 -17.32
CA HIS I 240 22.55 -42.66 -18.49
C HIS I 240 21.51 -41.55 -18.41
N ARG I 241 21.61 -40.58 -19.32
CA ARG I 241 20.64 -39.49 -19.35
C ARG I 241 19.27 -40.01 -19.77
N LEU I 242 18.23 -39.53 -19.10
CA LEU I 242 16.87 -39.92 -19.44
C LEU I 242 16.54 -39.45 -20.85
N GLN I 243 15.93 -40.34 -21.65
CA GLN I 243 15.59 -40.03 -23.02
C GLN I 243 14.43 -40.91 -23.46
N ILE I 244 14.11 -40.85 -24.75
CA ILE I 244 13.01 -41.62 -25.29
C ILE I 244 13.44 -43.07 -25.47
N GLY I 245 12.53 -43.99 -25.12
CA GLY I 245 12.77 -45.42 -25.29
C GLY I 245 13.22 -46.14 -24.04
N ASP I 246 13.60 -45.41 -23.00
CA ASP I 246 14.06 -46.05 -21.77
C ASP I 246 12.90 -46.80 -21.11
N GLN I 247 13.19 -47.99 -20.60
CA GLN I 247 12.19 -48.82 -19.93
C GLN I 247 12.09 -48.35 -18.49
N VAL I 248 11.05 -47.56 -18.20
CA VAL I 248 10.85 -46.97 -16.90
C VAL I 248 9.39 -47.12 -16.51
N THR I 249 9.15 -47.08 -15.19
CA THR I 249 7.79 -47.12 -14.67
C THR I 249 7.15 -45.74 -14.74
N LEU I 250 5.81 -45.72 -14.79
CA LEU I 250 5.10 -44.46 -14.87
C LEU I 250 5.44 -43.55 -13.70
N ARG I 251 5.40 -44.09 -12.48
CA ARG I 251 5.64 -43.25 -11.31
C ARG I 251 7.06 -42.68 -11.32
N GLU I 252 8.05 -43.52 -11.61
CA GLU I 252 9.43 -43.04 -11.60
C GLU I 252 9.68 -42.03 -12.71
N LEU I 253 9.10 -42.25 -13.89
CA LEU I 253 9.23 -41.28 -14.97
C LEU I 253 8.60 -39.95 -14.59
N LEU I 254 7.40 -39.99 -14.02
CA LEU I 254 6.73 -38.76 -13.63
C LEU I 254 7.54 -38.02 -12.57
N ALA I 255 8.10 -38.75 -11.61
CA ALA I 255 9.00 -38.12 -10.64
C ALA I 255 10.22 -37.52 -11.33
N SER I 256 10.71 -38.18 -12.39
CA SER I 256 11.86 -37.66 -13.13
C SER I 256 11.53 -36.33 -13.79
N ILE I 257 10.33 -36.22 -14.38
CA ILE I 257 9.98 -35.03 -15.16
C ILE I 257 9.12 -34.04 -14.40
N ALA I 258 8.47 -34.45 -13.32
CA ALA I 258 7.51 -33.60 -12.63
C ALA I 258 7.27 -34.16 -11.23
N TRP I 259 6.27 -33.63 -10.53
CA TRP I 259 5.92 -34.07 -9.20
C TRP I 259 4.40 -34.15 -9.11
N GLY I 260 3.89 -34.36 -7.88
CA GLY I 260 2.50 -34.75 -7.71
C GLY I 260 1.52 -33.72 -8.25
N LEU I 261 1.71 -32.45 -7.90
CA LEU I 261 0.73 -31.42 -8.21
C LEU I 261 0.79 -30.94 -9.65
N CYS I 262 1.73 -31.43 -10.44
CA CYS I 262 1.80 -31.05 -11.85
C CYS I 262 0.59 -31.59 -12.60
N ASP I 263 0.32 -30.98 -13.75
CA ASP I 263 -0.85 -31.35 -14.54
C ASP I 263 -0.74 -32.79 -15.01
N GLY I 264 -1.90 -33.46 -15.10
CA GLY I 264 -1.93 -34.86 -15.45
C GLY I 264 -1.53 -35.15 -16.88
N VAL I 265 -1.55 -34.14 -17.76
CA VAL I 265 -1.22 -34.36 -19.16
C VAL I 265 0.18 -34.92 -19.33
N LEU I 266 1.07 -34.70 -18.37
CA LEU I 266 2.42 -35.23 -18.47
C LEU I 266 2.43 -36.75 -18.54
N ALA I 267 1.35 -37.40 -18.11
CA ALA I 267 1.26 -38.86 -18.24
C ALA I 267 1.33 -39.29 -19.70
N GLU I 268 1.09 -38.38 -20.64
CA GLU I 268 1.25 -38.70 -22.06
C GLU I 268 2.69 -39.03 -22.42
N CYS I 269 3.65 -38.70 -21.56
CA CYS I 269 5.05 -39.04 -21.78
C CYS I 269 5.35 -40.51 -21.50
N TRP I 270 4.34 -41.31 -21.21
CA TRP I 270 4.51 -42.71 -20.84
C TRP I 270 3.61 -43.58 -21.70
N SER I 271 4.03 -44.84 -21.88
CA SER I 271 3.25 -45.81 -22.62
C SER I 271 3.52 -47.21 -22.07
N PRO I 272 2.49 -47.95 -21.65
CA PRO I 272 2.73 -49.32 -21.17
C PRO I 272 3.37 -50.18 -22.25
N SER I 273 4.25 -51.07 -21.83
CA SER I 273 4.91 -52.00 -22.74
C SER I 273 4.00 -53.19 -23.01
N GLN I 274 4.46 -54.09 -23.87
CA GLN I 274 3.67 -55.26 -24.23
C GLN I 274 3.28 -56.05 -22.99
N GLY I 275 2.02 -56.45 -22.91
CA GLY I 275 1.54 -57.18 -21.75
C GLY I 275 1.31 -56.34 -20.53
N ASP I 276 1.30 -55.01 -20.66
CA ASP I 276 1.14 -54.12 -19.52
C ASP I 276 2.24 -54.37 -18.49
N GLY I 277 1.97 -55.20 -17.50
CA GLY I 277 2.98 -55.47 -16.49
C GLY I 277 3.14 -54.28 -15.57
N SER I 278 4.39 -53.88 -15.36
CA SER I 278 4.71 -52.77 -14.46
C SER I 278 5.59 -51.71 -15.10
N ILE I 279 6.44 -52.09 -16.06
CA ILE I 279 7.38 -51.18 -16.69
C ILE I 279 6.92 -50.88 -18.10
N GLY I 280 6.86 -49.59 -18.44
CA GLY I 280 6.51 -49.19 -19.79
C GLY I 280 7.70 -48.64 -20.55
N VAL I 281 7.43 -47.73 -21.49
CA VAL I 281 8.48 -47.08 -22.28
C VAL I 281 8.20 -45.59 -22.36
N VAL I 282 9.25 -44.82 -22.56
CA VAL I 282 9.15 -43.37 -22.70
C VAL I 282 8.91 -43.06 -24.16
N VAL I 283 7.87 -42.28 -24.45
CA VAL I 283 7.55 -41.90 -25.82
C VAL I 283 7.92 -40.45 -26.11
N GLY I 284 8.11 -39.62 -25.10
CA GLY I 284 8.47 -38.23 -25.32
C GLY I 284 8.80 -37.55 -24.01
N LEU I 285 9.28 -36.31 -24.14
CA LEU I 285 9.66 -35.51 -22.99
C LEU I 285 9.04 -34.11 -23.10
N PRO I 286 8.73 -33.47 -21.97
CA PRO I 286 8.20 -32.10 -22.04
C PRO I 286 9.23 -31.13 -22.60
N LEU I 287 8.72 -30.11 -23.29
CA LEU I 287 9.55 -29.02 -23.81
C LEU I 287 9.33 -27.81 -22.90
N GLN I 288 10.21 -27.65 -21.94
CA GLN I 288 10.08 -26.57 -20.96
C GLN I 288 10.09 -25.22 -21.67
N ALA I 289 9.18 -24.34 -21.24
CA ALA I 289 9.00 -23.04 -21.88
C ALA I 289 8.65 -22.00 -20.84
N THR I 290 8.83 -20.74 -21.21
CA THR I 290 8.51 -19.61 -20.34
C THR I 290 7.87 -18.48 -21.12
N CYS I 293 4.46 -17.99 -23.70
CA CYS I 293 3.96 -16.64 -23.47
C CYS I 293 3.04 -16.20 -24.61
N PHE I 294 1.78 -15.95 -24.28
CA PHE I 294 0.77 -15.56 -25.26
C PHE I 294 0.48 -14.06 -25.21
N LEU I 295 1.48 -13.26 -24.86
CA LEU I 295 1.29 -11.82 -24.80
C LEU I 295 1.26 -11.22 -26.21
N VAL I 296 0.54 -10.12 -26.34
CA VAL I 296 0.52 -9.34 -27.57
C VAL I 296 0.80 -7.89 -27.21
N VAL I 297 2.01 -7.43 -27.51
CA VAL I 297 2.39 -6.07 -27.12
C VAL I 297 1.64 -5.05 -27.98
N ALA I 298 1.22 -3.96 -27.34
CA ALA I 298 0.57 -2.89 -28.06
C ALA I 298 1.54 -2.28 -29.06
N SER I 299 1.07 -2.09 -30.29
CA SER I 299 1.91 -1.55 -31.35
C SER I 299 1.03 -1.04 -32.47
N HIS I 300 1.47 0.06 -33.10
CA HIS I 300 0.77 0.66 -34.23
C HIS I 300 -0.67 0.99 -33.87
N GLY I 301 -0.88 1.44 -32.63
CA GLY I 301 -2.20 1.78 -32.15
C GLY I 301 -3.00 0.63 -31.60
N LEU I 302 -2.52 -0.60 -31.73
CA LEU I 302 -3.22 -1.76 -31.22
C LEU I 302 -3.00 -1.90 -29.73
N SER I 303 -4.08 -2.23 -29.01
CA SER I 303 -4.00 -2.45 -27.57
C SER I 303 -3.36 -3.79 -27.28
N ALA I 304 -2.79 -3.90 -26.08
CA ALA I 304 -2.10 -5.12 -25.69
C ALA I 304 -3.08 -6.19 -25.22
N ILE I 305 -2.61 -7.44 -25.24
CA ILE I 305 -3.40 -8.59 -24.81
C ILE I 305 -2.54 -9.40 -23.84
N ALA I 306 -3.08 -9.67 -22.65
CA ALA I 306 -2.35 -10.48 -21.68
C ALA I 306 -2.29 -11.94 -22.11
N ASP I 307 -3.40 -12.49 -22.58
CA ASP I 307 -3.43 -13.86 -23.08
C ASP I 307 -4.43 -13.93 -24.21
N SER I 308 -3.95 -14.27 -25.42
CA SER I 308 -4.82 -14.25 -26.59
C SER I 308 -5.83 -15.39 -26.56
N ARG I 309 -5.43 -16.57 -26.05
CA ARG I 309 -6.38 -17.68 -25.99
C ARG I 309 -7.58 -17.35 -25.13
N ILE I 310 -7.40 -16.45 -24.16
CA ILE I 310 -8.49 -16.05 -23.27
C ILE I 310 -9.29 -14.92 -23.92
N ASN I 317 -10.23 -19.40 -21.51
CA ASN I 317 -10.34 -20.70 -20.88
C ASN I 317 -8.96 -21.29 -20.60
N LEU I 318 -8.72 -21.66 -19.34
CA LEU I 318 -7.44 -22.27 -18.98
C LEU I 318 -7.35 -23.71 -19.47
N LEU I 319 -8.49 -24.41 -19.55
CA LEU I 319 -8.47 -25.79 -20.00
C LEU I 319 -8.07 -25.95 -21.46
N GLU I 320 -8.03 -24.86 -22.22
CA GLU I 320 -7.60 -24.92 -23.62
C GLU I 320 -6.09 -24.86 -23.77
N GLU I 321 -5.35 -24.78 -22.66
CA GLU I 321 -3.90 -24.73 -22.72
C GLU I 321 -3.34 -26.07 -23.22
N CYS I 322 -2.15 -26.01 -23.80
CA CYS I 322 -1.48 -27.18 -24.36
C CYS I 322 -0.02 -27.18 -23.95
N ILE I 323 0.58 -28.37 -23.94
CA ILE I 323 1.99 -28.55 -23.66
C ILE I 323 2.65 -29.22 -24.86
N ALA I 324 3.84 -28.75 -25.21
CA ALA I 324 4.59 -29.30 -26.34
C ALA I 324 5.41 -30.49 -25.83
N ILE I 325 5.06 -31.69 -26.25
CA ILE I 325 5.80 -32.89 -25.93
C ILE I 325 6.66 -33.25 -27.14
N GLN I 326 7.97 -33.31 -26.94
CA GLN I 326 8.90 -33.70 -27.98
C GLN I 326 9.04 -35.22 -27.97
N LYS I 327 8.60 -35.86 -29.05
CA LYS I 327 8.70 -37.29 -29.23
C LYS I 327 9.77 -37.60 -30.27
N GLN I 328 9.98 -38.89 -30.54
CA GLN I 328 10.96 -39.29 -31.55
C GLN I 328 10.56 -38.77 -32.92
N ASP I 329 9.27 -38.88 -33.27
CA ASP I 329 8.81 -38.37 -34.56
C ASP I 329 8.91 -36.85 -34.61
N GLY I 330 8.49 -36.18 -33.56
CA GLY I 330 8.52 -34.73 -33.53
C GLY I 330 7.71 -34.20 -32.37
N VAL I 331 7.63 -32.87 -32.31
CA VAL I 331 6.92 -32.20 -31.23
C VAL I 331 5.42 -32.19 -31.54
N ILE I 332 4.61 -32.53 -30.54
CA ILE I 332 3.15 -32.52 -30.65
C ILE I 332 2.58 -31.75 -29.46
N LYS I 333 1.55 -30.97 -29.72
CA LYS I 333 0.90 -30.18 -28.68
C LYS I 333 -0.27 -30.98 -28.11
N CYS I 334 -0.19 -31.31 -26.83
CA CYS I 334 -1.20 -32.10 -26.14
C CYS I 334 -2.01 -31.19 -25.22
N LYS I 335 -3.33 -31.28 -25.32
CA LYS I 335 -4.21 -30.47 -24.48
C LYS I 335 -4.06 -30.85 -23.02
N ARG I 336 -4.00 -29.84 -22.15
CA ARG I 336 -3.87 -30.10 -20.73
C ARG I 336 -5.08 -30.84 -20.20
N SER I 337 -4.82 -31.77 -19.27
CA SER I 337 -5.91 -32.46 -18.60
C SER I 337 -6.61 -31.58 -17.58
N GLY I 338 -5.90 -30.59 -17.04
CA GLY I 338 -6.46 -29.72 -16.03
C GLY I 338 -6.57 -30.35 -14.65
N LYS I 339 -6.04 -31.55 -14.47
CA LYS I 339 -6.15 -32.28 -13.21
C LYS I 339 -4.76 -32.62 -12.69
N SER I 340 -4.63 -32.60 -11.37
CA SER I 340 -3.34 -32.88 -10.74
C SER I 340 -2.88 -34.29 -11.07
N LEU I 341 -1.56 -34.44 -11.24
CA LEU I 341 -1.00 -35.75 -11.55
C LEU I 341 -1.29 -36.75 -10.43
N TYR I 342 -1.19 -36.31 -9.18
CA TYR I 342 -1.49 -37.21 -8.07
C TYR I 342 -2.91 -37.72 -8.15
N HIS I 343 -3.87 -36.83 -8.45
CA HIS I 343 -5.26 -37.25 -8.55
C HIS I 343 -5.49 -38.16 -9.75
N CYS I 344 -4.78 -37.92 -10.85
CA CYS I 344 -4.88 -38.82 -12.00
C CYS I 344 -4.41 -40.22 -11.63
N LEU I 345 -3.27 -40.30 -10.92
CA LEU I 345 -2.77 -41.60 -10.49
C LEU I 345 -3.74 -42.26 -9.50
N LYS I 346 -4.32 -41.47 -8.60
CA LYS I 346 -5.28 -42.03 -7.65
C LYS I 346 -6.50 -42.58 -8.37
N GLU I 347 -7.01 -41.85 -9.37
CA GLU I 347 -8.20 -42.30 -10.09
C GLU I 347 -7.90 -43.53 -10.94
N THR I 348 -6.73 -43.58 -11.58
CA THR I 348 -6.40 -44.71 -12.43
C THR I 348 -6.08 -45.96 -11.60
N ALA I 349 -5.75 -45.80 -10.33
CA ALA I 349 -5.50 -46.93 -9.44
C ALA I 349 -6.74 -47.37 -8.67
N GLY I 350 -7.87 -46.69 -8.86
CA GLY I 350 -9.10 -47.05 -8.17
C GLY I 350 -9.89 -48.12 -8.91
#